data_8OTL
#
_entry.id   8OTL
#
_cell.length_a   80.85
_cell.length_b   100.875
_cell.length_c   376.071
_cell.angle_alpha   90
_cell.angle_beta   90
_cell.angle_gamma   90
#
_symmetry.space_group_name_H-M   'C 2 2 21'
#
loop_
_entity.id
_entity.type
_entity.pdbx_description
1 polymer 'Enoyl-[acyl-carrier-protein] reductase [NADH]'
2 non-polymer NICOTINAMIDE-ADENINE-DINUCLEOTIDE
3 non-polymer 'ACETATE ION'
4 non-polymer 1,2-ETHANEDIOL
5 non-polymer 5-[[octyl-[[4-(2-oxidanylphenoxy)phenyl]methyl]amino]methyl]-2-phenoxy-phenol
6 water water
#
_entity_poly.entity_id   1
_entity_poly.type   'polypeptide(L)'
_entity_poly.pdbx_seq_one_letter_code
;GSHMTGLLDGKRILVSGIITDSSIAFHIARVAQEQGAQLVLTGFDRLRLIQRITDRLPAKAPLLELDVQNEEHLASLAGR
VTEAIGAGNKLDGVVHSIGFMPQTGMGINPFFDAPYADVSKGIHISAYSYASMAKALLPIMNPGGSIVGMDFDPSRAMPA
YNWMTVAKSALESVNRFVAREAGKYGVRSNLVAAGPIRTLAMSAIVGGALGEEAGAQIQLLEEGWDQRAPIGWNMKDATP
VAKTVCALLSDWLPATTGDIIYADGGAHTQLL
;
_entity_poly.pdbx_strand_id   A,B,C,D,E,F
#
# COMPACT_ATOMS: atom_id res chain seq x y z
N GLY A 6 3.83 20.22 9.25
CA GLY A 6 3.97 19.01 10.05
C GLY A 6 5.03 19.17 11.11
N LEU A 7 4.60 19.35 12.37
CA LEU A 7 5.48 19.55 13.52
C LEU A 7 6.30 18.28 13.83
N LEU A 8 5.72 17.10 13.61
CA LEU A 8 6.38 15.83 13.89
C LEU A 8 6.64 15.00 12.63
N ASP A 9 6.84 15.67 11.48
CA ASP A 9 7.04 15.05 10.17
C ASP A 9 8.19 14.04 10.15
N GLY A 10 7.86 12.81 9.80
CA GLY A 10 8.87 11.75 9.69
C GLY A 10 9.25 11.06 10.99
N LYS A 11 8.81 11.60 12.13
CA LYS A 11 9.15 11.03 13.43
C LYS A 11 8.37 9.75 13.76
N ARG A 12 9.02 8.81 14.44
CA ARG A 12 8.41 7.56 14.86
C ARG A 12 8.16 7.64 16.36
N ILE A 13 6.89 7.68 16.75
CA ILE A 13 6.54 7.88 18.14
C ILE A 13 5.73 6.75 18.70
N LEU A 14 6.19 6.16 19.81
CA LEU A 14 5.43 5.12 20.50
C LEU A 14 4.48 5.85 21.44
N VAL A 15 3.21 5.44 21.46
CA VAL A 15 2.21 6.08 22.31
C VAL A 15 1.49 5.01 23.12
N SER A 16 1.65 5.08 24.44
CA SER A 16 0.98 4.14 25.33
C SER A 16 -0.23 4.80 25.96
N GLY A 17 -1.09 4.00 26.60
CA GLY A 17 -2.18 4.53 27.40
C GLY A 17 -3.52 4.81 26.77
N ILE A 18 -3.77 4.35 25.54
CA ILE A 18 -5.08 4.55 24.94
C ILE A 18 -5.98 3.44 25.47
N ILE A 19 -7.12 3.82 26.06
CA ILE A 19 -8.11 2.84 26.52
C ILE A 19 -9.42 3.15 25.78
N THR A 20 -9.80 4.45 25.68
CA THR A 20 -11.00 4.90 24.96
C THR A 20 -10.66 6.19 24.16
N ASP A 21 -11.60 6.69 23.33
CA ASP A 21 -11.40 7.96 22.62
C ASP A 21 -11.50 9.19 23.57
N SER A 22 -11.70 8.97 24.87
CA SER A 22 -11.67 10.06 25.85
C SER A 22 -10.27 10.14 26.53
N SER A 23 -9.42 9.06 26.40
CA SER A 23 -8.05 9.00 26.92
C SER A 23 -7.25 10.18 26.44
N ILE A 24 -6.35 10.72 27.29
CA ILE A 24 -5.47 11.82 26.87
C ILE A 24 -4.57 11.34 25.72
N ALA A 25 -4.09 10.08 25.81
CA ALA A 25 -3.23 9.44 24.84
C ALA A 25 -3.88 9.32 23.47
N PHE A 26 -5.22 9.19 23.41
CA PHE A 26 -5.91 9.13 22.12
C PHE A 26 -5.75 10.48 21.42
N HIS A 27 -5.91 11.58 22.17
CA HIS A 27 -5.76 12.91 21.61
C HIS A 27 -4.31 13.21 21.27
N ILE A 28 -3.36 12.71 22.07
CA ILE A 28 -1.93 12.86 21.77
C ILE A 28 -1.63 12.16 20.45
N ALA A 29 -2.16 10.94 20.27
CA ALA A 29 -1.95 10.17 19.05
C ALA A 29 -2.61 10.87 17.86
N ARG A 30 -3.85 11.34 18.00
CA ARG A 30 -4.55 12.04 16.93
C ARG A 30 -3.80 13.29 16.50
N VAL A 31 -3.33 14.11 17.47
CA VAL A 31 -2.60 15.34 17.14
C VAL A 31 -1.23 15.01 16.53
N ALA A 32 -0.53 13.98 17.04
CA ALA A 32 0.77 13.59 16.47
C ALA A 32 0.62 13.15 15.02
N GLN A 33 -0.44 12.38 14.70
CA GLN A 33 -0.70 11.93 13.33
C GLN A 33 -1.06 13.10 12.43
N GLU A 34 -1.84 14.05 12.95
CA GLU A 34 -2.15 15.28 12.22
C GLU A 34 -0.87 16.08 11.89
N GLN A 35 0.18 15.95 12.73
CA GLN A 35 1.46 16.59 12.52
C GLN A 35 2.50 15.73 11.80
N GLY A 36 2.07 14.66 11.13
CA GLY A 36 2.97 13.84 10.32
C GLY A 36 3.77 12.73 10.98
N ALA A 37 3.58 12.52 12.28
CA ALA A 37 4.30 11.43 12.98
C ALA A 37 3.72 10.07 12.58
N GLN A 38 4.57 9.05 12.53
CA GLN A 38 4.22 7.67 12.26
C GLN A 38 4.20 7.03 13.65
N LEU A 39 3.05 6.50 14.07
CA LEU A 39 2.89 5.95 15.41
C LEU A 39 2.99 4.47 15.55
N VAL A 40 3.29 4.03 16.77
CA VAL A 40 3.25 2.65 17.25
C VAL A 40 2.50 2.77 18.56
N LEU A 41 1.36 2.12 18.68
CA LEU A 41 0.52 2.22 19.88
C LEU A 41 0.68 1.01 20.75
N THR A 42 0.71 1.19 22.08
CA THR A 42 0.72 0.05 22.99
C THR A 42 -0.55 0.07 23.84
N GLY A 43 -0.99 -1.11 24.23
CA GLY A 43 -2.19 -1.25 25.03
C GLY A 43 -2.12 -2.44 25.95
N PHE A 44 -2.70 -2.29 27.14
CA PHE A 44 -2.74 -3.33 28.17
C PHE A 44 -3.88 -4.33 27.91
N ARG A 46 -7.72 -4.37 27.61
CA ARG A 46 -8.66 -5.07 26.74
C ARG A 46 -8.39 -4.67 25.30
N LEU A 47 -7.55 -5.46 24.59
CA LEU A 47 -7.11 -5.19 23.22
C LEU A 47 -8.23 -5.15 22.18
N ARG A 48 -9.35 -5.85 22.41
CA ARG A 48 -10.46 -5.83 21.47
C ARG A 48 -11.05 -4.42 21.41
N LEU A 49 -11.25 -3.79 22.57
CA LEU A 49 -11.76 -2.43 22.64
C LEU A 49 -10.74 -1.45 22.04
N ILE A 50 -9.43 -1.67 22.30
CA ILE A 50 -8.37 -0.80 21.79
C ILE A 50 -8.33 -0.77 20.26
N GLN A 51 -8.37 -1.93 19.61
CA GLN A 51 -8.35 -2.04 18.15
C GLN A 51 -9.56 -1.32 17.52
N ARG A 52 -10.72 -1.33 18.22
CA ARG A 52 -11.90 -0.65 17.72
C ARG A 52 -11.74 0.86 17.92
N ILE A 53 -11.22 1.29 19.08
CA ILE A 53 -11.00 2.69 19.40
C ILE A 53 -9.98 3.35 18.46
N THR A 54 -8.79 2.72 18.29
CA THR A 54 -7.74 3.25 17.41
C THR A 54 -8.13 3.27 15.94
N ASP A 55 -9.19 2.53 15.55
CA ASP A 55 -9.69 2.60 14.17
C ASP A 55 -10.30 3.99 13.87
N ARG A 56 -10.58 4.81 14.91
CA ARG A 56 -11.09 6.17 14.77
C ARG A 56 -9.95 7.21 14.66
N LEU A 57 -8.67 6.79 14.57
CA LEU A 57 -7.54 7.70 14.43
C LEU A 57 -7.36 8.07 12.96
N PRO A 58 -6.81 9.27 12.66
CA PRO A 58 -6.60 9.65 11.24
C PRO A 58 -5.90 8.64 10.35
N ALA A 59 -4.87 7.95 10.85
CA ALA A 59 -4.11 6.99 10.05
C ALA A 59 -3.85 5.67 10.79
N LYS A 60 -3.51 4.60 10.05
CA LYS A 60 -3.24 3.27 10.60
C LYS A 60 -1.96 3.24 11.42
N ALA A 61 -1.92 2.43 12.46
CA ALA A 61 -0.75 2.33 13.33
C ALA A 61 -0.75 0.99 13.99
N PRO A 62 0.39 0.28 14.00
CA PRO A 62 0.43 -1.02 14.67
C PRO A 62 0.18 -0.90 16.17
N LEU A 63 -0.58 -1.85 16.71
CA LEU A 63 -0.96 -1.92 18.10
C LEU A 63 -0.29 -3.13 18.73
N LEU A 64 0.60 -2.87 19.67
CA LEU A 64 1.38 -3.87 20.39
C LEU A 64 0.83 -4.01 21.81
N GLU A 65 0.96 -5.19 22.39
CA GLU A 65 0.47 -5.45 23.73
C GLU A 65 1.54 -5.14 24.77
N LEU A 66 1.19 -4.30 25.76
CA LEU A 66 2.15 -3.98 26.81
C LEU A 66 1.50 -3.82 28.19
N ASP A 67 1.80 -4.77 29.07
CA ASP A 67 1.42 -4.71 30.48
C ASP A 67 2.72 -4.31 31.15
N VAL A 68 2.81 -3.09 31.71
CA VAL A 68 4.04 -2.58 32.32
C VAL A 68 4.48 -3.38 33.57
N GLN A 69 3.60 -4.24 34.13
CA GLN A 69 4.00 -5.10 35.25
C GLN A 69 4.56 -6.45 34.76
N ASN A 70 4.36 -6.80 33.49
CA ASN A 70 4.82 -8.05 32.93
C ASN A 70 6.25 -7.86 32.43
N GLU A 71 7.18 -8.55 33.10
CA GLU A 71 8.61 -8.55 32.82
C GLU A 71 8.92 -9.05 31.40
N GLU A 72 8.13 -10.01 30.89
CA GLU A 72 8.34 -10.55 29.55
C GLU A 72 7.94 -9.56 28.49
N HIS A 73 6.82 -8.84 28.71
CA HIS A 73 6.36 -7.79 27.80
C HIS A 73 7.41 -6.69 27.65
N LEU A 74 8.07 -6.32 28.76
CA LEU A 74 9.09 -5.27 28.72
C LEU A 74 10.39 -5.75 28.09
N ALA A 75 10.81 -6.99 28.40
CA ALA A 75 12.05 -7.52 27.87
C ALA A 75 11.99 -7.70 26.34
N SER A 76 10.79 -8.01 25.79
CA SER A 76 10.60 -8.19 24.35
C SER A 76 10.22 -6.88 23.60
N LEU A 77 9.77 -5.86 24.31
CA LEU A 77 9.27 -4.59 23.75
C LEU A 77 10.11 -3.97 22.64
N ALA A 78 11.43 -3.77 22.84
CA ALA A 78 12.29 -3.16 21.82
C ALA A 78 12.28 -3.97 20.53
N GLY A 79 12.27 -5.30 20.65
CA GLY A 79 12.24 -6.20 19.51
C GLY A 79 10.88 -6.18 18.84
N ARG A 80 9.80 -6.14 19.61
CA ARG A 80 8.46 -6.09 19.05
C ARG A 80 8.20 -4.74 18.34
N VAL A 81 8.80 -3.66 18.83
CA VAL A 81 8.69 -2.33 18.23
C VAL A 81 9.45 -2.31 16.92
N THR A 82 10.68 -2.87 16.90
CA THR A 82 11.48 -2.91 15.67
C THR A 82 10.77 -3.71 14.57
N GLU A 83 10.03 -4.76 14.93
CA GLU A 83 9.31 -5.57 13.97
C GLU A 83 8.11 -4.73 13.40
N ALA A 84 7.49 -3.89 14.24
CA ALA A 84 6.37 -3.04 13.83
C ALA A 84 6.80 -1.87 12.93
N ILE A 85 7.93 -1.20 13.20
CA ILE A 85 8.39 -0.06 12.37
C ILE A 85 9.40 -0.43 11.29
N GLY A 86 9.92 -1.66 11.33
CA GLY A 86 10.93 -2.12 10.39
C GLY A 86 12.34 -1.96 10.94
N ALA A 87 13.19 -2.98 10.73
CA ALA A 87 14.60 -2.97 11.11
C ALA A 87 15.28 -1.86 10.29
N GLY A 88 16.21 -1.15 10.92
CA GLY A 88 16.85 0.00 10.30
C GLY A 88 16.20 1.31 10.77
N ASN A 89 15.02 1.22 11.43
CA ASN A 89 14.29 2.36 11.95
C ASN A 89 14.29 2.36 13.46
N LYS A 90 14.33 3.55 14.05
CA LYS A 90 14.29 3.72 15.49
C LYS A 90 13.17 4.70 15.89
N LEU A 91 12.91 4.79 17.20
CA LEU A 91 11.92 5.71 17.71
C LEU A 91 12.54 7.08 17.90
N ASP A 92 11.76 8.11 17.64
CA ASP A 92 12.14 9.50 17.95
C ASP A 92 11.41 9.98 19.21
N GLY A 93 10.33 9.30 19.61
CA GLY A 93 9.56 9.70 20.75
C GLY A 93 8.87 8.53 21.43
N VAL A 94 8.55 8.73 22.70
CA VAL A 94 7.88 7.76 23.55
C VAL A 94 6.91 8.55 24.43
N VAL A 95 5.65 8.12 24.48
CA VAL A 95 4.66 8.77 25.32
C VAL A 95 4.16 7.79 26.35
N HIS A 96 4.42 8.09 27.61
CA HIS A 96 3.95 7.31 28.73
C HIS A 96 2.70 8.03 29.22
N SER A 97 1.52 7.44 28.99
CA SER A 97 0.26 8.03 29.43
C SER A 97 -0.47 6.93 30.20
N ILE A 98 0.21 6.39 31.21
CA ILE A 98 -0.25 5.27 32.01
C ILE A 98 -0.40 5.69 33.46
N GLY A 99 -1.55 5.41 34.05
CA GLY A 99 -1.82 5.77 35.42
C GLY A 99 -2.83 4.80 36.00
N PHE A 100 -2.59 4.35 37.24
CA PHE A 100 -3.48 3.44 37.92
C PHE A 100 -3.27 3.54 39.43
N MET A 101 -4.36 3.50 40.18
CA MET A 101 -4.32 3.44 41.63
C MET A 101 -5.61 2.77 42.03
N PRO A 102 -5.58 1.60 42.69
CA PRO A 102 -6.85 1.00 43.14
C PRO A 102 -7.69 1.97 44.00
N GLN A 103 -9.02 1.76 44.07
CA GLN A 103 -9.93 2.66 44.80
C GLN A 103 -9.63 2.74 46.30
N THR A 104 -8.85 1.79 46.83
CA THR A 104 -8.44 1.85 48.23
C THR A 104 -7.45 2.98 48.48
N GLY A 105 -6.69 3.39 47.45
CA GLY A 105 -5.71 4.47 47.55
C GLY A 105 -6.09 5.75 46.86
N MET A 106 -7.18 5.75 46.10
CA MET A 106 -7.61 6.94 45.36
C MET A 106 -9.11 6.92 45.24
N GLY A 107 -9.74 8.00 45.66
CA GLY A 107 -11.19 8.10 45.62
C GLY A 107 -11.78 8.48 46.97
N ILE A 108 -12.78 7.73 47.42
CA ILE A 108 -13.48 7.97 48.66
C ILE A 108 -12.90 7.25 49.88
N ASN A 109 -11.92 6.34 49.72
CA ASN A 109 -11.37 5.60 50.87
C ASN A 109 -10.44 6.53 51.69
N PRO A 110 -10.51 6.51 53.05
CA PRO A 110 -9.62 7.39 53.83
C PRO A 110 -8.14 7.14 53.54
N PHE A 111 -7.33 8.19 53.57
CA PHE A 111 -5.91 8.10 53.25
C PHE A 111 -5.16 6.98 54.00
N PHE A 112 -5.41 6.81 55.31
CA PHE A 112 -4.72 5.82 56.13
C PHE A 112 -5.20 4.36 55.88
N ASP A 113 -6.34 4.17 55.20
CA ASP A 113 -6.90 2.84 55.01
C ASP A 113 -6.49 2.15 53.72
N ALA A 114 -5.52 2.67 52.98
CA ALA A 114 -5.05 2.06 51.75
C ALA A 114 -4.02 1.01 52.11
N PRO A 115 -4.25 -0.29 51.83
CA PRO A 115 -3.20 -1.29 52.11
C PRO A 115 -1.98 -1.04 51.23
N TYR A 116 -0.79 -1.35 51.74
CA TYR A 116 0.42 -1.10 50.99
C TYR A 116 0.46 -1.89 49.68
N ALA A 117 -0.15 -3.09 49.61
CA ALA A 117 -0.14 -3.86 48.38
C ALA A 117 -0.82 -3.12 47.25
N ASP A 118 -1.90 -2.39 47.54
CA ASP A 118 -2.61 -1.60 46.52
C ASP A 118 -1.83 -0.34 46.15
N VAL A 119 -1.22 0.34 47.15
CA VAL A 119 -0.41 1.53 46.90
C VAL A 119 0.80 1.13 46.04
N SER A 120 1.48 0.03 46.40
CA SER A 120 2.64 -0.50 45.69
C SER A 120 2.30 -0.81 44.24
N LYS A 121 1.13 -1.41 43.96
CA LYS A 121 0.71 -1.67 42.58
C LYS A 121 0.50 -0.34 41.84
N GLY A 122 -0.13 0.63 42.48
CA GLY A 122 -0.36 1.94 41.90
C GLY A 122 0.94 2.66 41.55
N ILE A 123 1.94 2.57 42.45
CA ILE A 123 3.25 3.18 42.20
C ILE A 123 4.04 2.44 41.11
N HIS A 124 3.83 1.13 40.97
CA HIS A 124 4.51 0.34 39.96
C HIS A 124 4.04 0.80 38.56
N ILE A 125 2.73 0.88 38.36
CA ILE A 125 2.17 1.25 37.08
C ILE A 125 2.33 2.74 36.78
N SER A 126 2.08 3.60 37.75
CA SER A 126 2.11 5.03 37.56
C SER A 126 3.49 5.71 37.61
N ALA A 127 4.47 5.15 38.33
CA ALA A 127 5.78 5.80 38.44
C ALA A 127 6.96 4.90 38.02
N TYR A 128 7.10 3.69 38.57
CA TYR A 128 8.22 2.81 38.23
C TYR A 128 8.23 2.48 36.74
N SER A 129 7.06 2.29 36.14
CA SER A 129 6.90 1.95 34.73
C SER A 129 7.45 3.01 33.78
N TYR A 130 7.55 4.27 34.23
CA TYR A 130 8.15 5.31 33.43
C TYR A 130 9.63 4.97 33.22
N ALA A 131 10.32 4.50 34.27
CA ALA A 131 11.72 4.07 34.15
C ALA A 131 11.87 2.75 33.39
N SER A 132 10.99 1.76 33.65
CA SER A 132 11.13 0.48 32.96
C SER A 132 10.81 0.60 31.46
N MET A 133 9.92 1.53 31.07
CA MET A 133 9.64 1.79 29.66
C MET A 133 10.83 2.52 29.01
N ALA A 134 11.46 3.45 29.75
CA ALA A 134 12.64 4.16 29.22
C ALA A 134 13.82 3.18 29.09
N LYS A 135 13.99 2.27 30.05
CA LYS A 135 15.07 1.26 30.01
C LYS A 135 14.94 0.37 28.76
N ALA A 136 13.71 -0.06 28.46
CA ALA A 136 13.40 -0.91 27.30
C ALA A 136 13.56 -0.21 25.96
N LEU A 137 13.13 1.06 25.86
CA LEU A 137 13.07 1.79 24.60
C LEU A 137 14.26 2.67 24.27
N LEU A 138 15.03 3.15 25.26
CA LEU A 138 16.22 3.97 24.96
C LEU A 138 17.20 3.30 23.97
N PRO A 139 17.48 1.98 24.06
CA PRO A 139 18.40 1.37 23.08
C PRO A 139 17.93 1.47 21.64
N ILE A 140 16.61 1.61 21.40
CA ILE A 140 16.09 1.76 20.06
C ILE A 140 15.57 3.18 19.79
N MET A 141 16.16 4.18 20.45
CA MET A 141 15.79 5.57 20.23
C MET A 141 16.91 6.33 19.54
N ASN A 142 16.55 7.25 18.68
CA ASN A 142 17.49 8.10 17.96
C ASN A 142 17.95 9.23 18.85
N PRO A 143 19.19 9.73 18.64
CA PRO A 143 19.63 10.92 19.38
C PRO A 143 18.76 12.12 18.97
N GLY A 144 18.42 12.98 19.93
CA GLY A 144 17.49 14.07 19.71
C GLY A 144 16.04 13.67 19.99
N GLY A 145 15.84 12.45 20.43
CA GLY A 145 14.52 11.93 20.75
C GLY A 145 13.93 12.50 22.02
N SER A 146 12.68 12.13 22.31
CA SER A 146 11.99 12.69 23.45
C SER A 146 11.05 11.70 24.12
N ILE A 147 11.15 11.59 25.43
CA ILE A 147 10.28 10.73 26.20
C ILE A 147 9.39 11.67 27.03
N VAL A 148 8.07 11.52 26.95
CA VAL A 148 7.15 12.39 27.66
C VAL A 148 6.21 11.55 28.50
N GLY A 149 6.09 11.87 29.79
CA GLY A 149 5.15 11.19 30.67
C GLY A 149 4.05 12.14 31.09
N MET A 150 2.90 11.59 31.51
CA MET A 150 1.78 12.44 31.92
C MET A 150 1.79 12.55 33.45
N ASP A 151 1.57 13.76 33.95
CA ASP A 151 1.63 14.05 35.37
C ASP A 151 0.47 14.98 35.77
N PHE A 152 0.22 15.15 37.09
N PHE A 152 0.25 15.10 37.05
CA PHE A 152 -0.81 16.05 37.64
CA PHE A 152 -0.61 16.09 37.63
C PHE A 152 -0.19 16.61 38.92
C PHE A 152 0.16 16.63 38.80
N ASP A 153 0.14 17.93 38.96
CA ASP A 153 0.87 18.60 40.05
C ASP A 153 0.59 18.05 41.44
N PRO A 154 1.59 17.36 42.01
CA PRO A 154 1.41 16.78 43.33
C PRO A 154 2.12 17.56 44.44
N SER A 155 2.64 18.75 44.16
CA SER A 155 3.37 19.55 45.14
C SER A 155 2.55 19.98 46.35
N ARG A 156 1.20 19.92 46.26
CA ARG A 156 0.29 20.26 47.36
C ARG A 156 -0.74 19.14 47.49
N ALA A 157 -1.09 18.76 48.74
CA ALA A 157 -2.08 17.71 48.95
C ALA A 157 -3.49 18.21 48.56
N MET A 158 -4.38 17.30 48.25
CA MET A 158 -5.76 17.62 47.86
C MET A 158 -6.67 16.44 48.23
N PRO A 159 -8.00 16.65 48.32
CA PRO A 159 -8.88 15.51 48.63
C PRO A 159 -8.97 14.52 47.49
N ALA A 160 -9.35 13.27 47.82
CA ALA A 160 -9.62 12.11 46.94
C ALA A 160 -8.42 11.55 46.14
N TYR A 161 -7.57 12.39 45.57
N TYR A 161 -7.57 12.38 45.57
CA TYR A 161 -6.41 11.93 44.78
CA TYR A 161 -6.43 11.89 44.78
C TYR A 161 -5.49 11.04 45.63
C TYR A 161 -5.46 11.06 45.63
N ASN A 162 -5.36 11.37 46.93
CA ASN A 162 -4.63 10.65 47.96
C ASN A 162 -3.31 9.95 47.50
N TRP A 163 -3.24 8.62 47.41
CA TRP A 163 -2.02 7.90 47.03
C TRP A 163 -1.64 8.07 45.58
N MET A 164 -2.56 8.46 44.68
CA MET A 164 -2.17 8.75 43.30
C MET A 164 -1.31 10.05 43.31
N THR A 165 -1.55 10.98 44.24
CA THR A 165 -0.70 12.17 44.40
C THR A 165 0.70 11.74 44.80
N VAL A 166 0.81 10.77 45.72
CA VAL A 166 2.07 10.20 46.14
C VAL A 166 2.75 9.50 44.96
N ALA A 167 1.99 8.76 44.14
CA ALA A 167 2.54 8.11 42.94
C ALA A 167 3.10 9.18 41.95
N LYS A 168 2.43 10.33 41.84
CA LYS A 168 2.88 11.42 40.96
C LYS A 168 4.09 12.14 41.51
N SER A 169 4.21 12.28 42.84
CA SER A 169 5.43 12.87 43.43
C SER A 169 6.61 11.90 43.14
N ALA A 170 6.37 10.57 43.23
CA ALA A 170 7.41 9.60 42.91
C ALA A 170 7.76 9.66 41.41
N LEU A 171 6.75 9.79 40.52
CA LEU A 171 6.97 9.86 39.06
C LEU A 171 7.85 11.06 38.73
N GLU A 172 7.63 12.20 39.40
CA GLU A 172 8.45 13.39 39.15
C GLU A 172 9.90 13.16 39.51
N SER A 173 10.14 12.45 40.61
CA SER A 173 11.50 12.11 41.00
C SER A 173 12.10 11.11 39.99
N VAL A 174 11.33 10.11 39.57
CA VAL A 174 11.79 9.11 38.57
C VAL A 174 12.17 9.80 37.25
N ASN A 175 11.37 10.76 36.78
CA ASN A 175 11.63 11.51 35.56
C ASN A 175 13.00 12.19 35.57
N ARG A 176 13.44 12.73 36.73
CA ARG A 176 14.75 13.39 36.82
C ARG A 176 15.91 12.40 36.73
N PHE A 177 15.70 11.17 37.19
CA PHE A 177 16.72 10.13 37.06
C PHE A 177 16.70 9.51 35.67
N VAL A 178 15.52 9.40 35.04
CA VAL A 178 15.39 8.90 33.67
C VAL A 178 16.10 9.89 32.73
N ALA A 179 16.06 11.20 33.02
CA ALA A 179 16.74 12.22 32.23
C ALA A 179 18.23 11.99 32.23
N ARG A 180 18.80 11.59 33.39
CA ARG A 180 20.24 11.31 33.55
C ARG A 180 20.63 10.20 32.62
N GLU A 181 19.83 9.12 32.58
CA GLU A 181 20.10 7.96 31.73
C GLU A 181 19.87 8.28 30.25
N ALA A 182 18.75 8.95 29.94
CA ALA A 182 18.35 9.32 28.59
C ALA A 182 19.29 10.28 27.91
N GLY A 183 19.93 11.14 28.72
CA GLY A 183 20.90 12.11 28.24
C GLY A 183 22.08 11.44 27.56
N LYS A 184 22.47 10.23 28.01
CA LYS A 184 23.54 9.44 27.39
C LYS A 184 23.23 9.04 25.94
N TYR A 185 21.94 8.96 25.61
CA TYR A 185 21.50 8.67 24.24
C TYR A 185 21.15 9.95 23.46
N GLY A 186 21.41 11.12 24.02
CA GLY A 186 21.00 12.39 23.42
C GLY A 186 19.48 12.54 23.47
N VAL A 187 18.80 11.84 24.39
CA VAL A 187 17.34 11.84 24.48
C VAL A 187 16.83 12.65 25.68
N ARG A 188 15.77 13.42 25.46
CA ARG A 188 15.19 14.23 26.53
C ARG A 188 14.10 13.43 27.25
N SER A 189 13.84 13.74 28.54
CA SER A 189 12.78 13.10 29.30
C SER A 189 12.03 14.19 30.07
N ASN A 190 10.73 14.36 29.80
CA ASN A 190 9.97 15.40 30.48
C ASN A 190 8.59 14.93 30.84
N LEU A 191 7.95 15.61 31.79
CA LEU A 191 6.57 15.30 32.14
C LEU A 191 5.67 16.47 31.73
N VAL A 192 4.38 16.19 31.48
CA VAL A 192 3.40 17.24 31.24
C VAL A 192 2.42 17.19 32.42
N ALA A 193 2.36 18.25 33.23
CA ALA A 193 1.41 18.28 34.34
C ALA A 193 0.17 18.92 33.78
N ALA A 194 -0.84 18.10 33.54
CA ALA A 194 -2.08 18.57 32.95
C ALA A 194 -3.09 18.98 34.01
N GLY A 195 -3.98 19.90 33.66
CA GLY A 195 -5.13 20.21 34.52
C GLY A 195 -6.12 19.04 34.44
N PRO A 196 -7.25 19.08 35.19
CA PRO A 196 -8.20 17.96 35.12
C PRO A 196 -8.90 17.86 33.76
N ILE A 197 -9.00 16.64 33.24
CA ILE A 197 -9.62 16.38 31.95
C ILE A 197 -10.73 15.39 32.14
N ARG A 198 -11.93 15.72 31.64
CA ARG A 198 -13.13 14.89 31.72
C ARG A 198 -13.00 13.63 30.86
N THR A 199 -12.26 12.65 31.35
CA THR A 199 -12.19 11.35 30.69
C THR A 199 -13.49 10.62 31.09
N LEU A 200 -13.72 9.39 30.57
CA LEU A 200 -14.92 8.63 30.91
C LEU A 200 -15.09 8.45 32.43
N ALA A 201 -13.99 8.14 33.14
CA ALA A 201 -14.01 7.94 34.58
C ALA A 201 -14.26 9.24 35.32
N MET A 202 -13.66 10.35 34.86
CA MET A 202 -13.84 11.67 35.48
C MET A 202 -15.27 12.15 35.34
N SER A 203 -15.90 11.94 34.16
CA SER A 203 -17.29 12.33 33.96
C SER A 203 -18.22 11.49 34.84
N ALA A 204 -17.90 10.18 35.00
CA ALA A 204 -18.68 9.27 35.83
C ALA A 204 -18.67 9.72 37.28
N ILE A 205 -17.50 10.20 37.77
CA ILE A 205 -17.32 10.74 39.13
C ILE A 205 -18.17 11.99 39.32
N VAL A 206 -18.15 12.93 38.36
CA VAL A 206 -19.01 14.13 38.40
C VAL A 206 -20.50 13.75 38.39
N GLY A 207 -20.84 12.65 37.71
CA GLY A 207 -22.20 12.13 37.67
C GLY A 207 -22.61 11.36 38.92
N GLY A 208 -21.71 11.22 39.89
CA GLY A 208 -22.00 10.58 41.16
C GLY A 208 -21.58 9.15 41.37
N ALA A 209 -20.67 8.62 40.53
CA ALA A 209 -20.19 7.24 40.65
C ALA A 209 -19.54 6.94 41.98
N LEU A 210 -18.91 7.94 42.60
CA LEU A 210 -18.20 7.81 43.87
C LEU A 210 -18.94 8.51 45.05
N GLY A 211 -20.20 8.84 44.87
CA GLY A 211 -21.00 9.50 45.89
C GLY A 211 -21.16 10.99 45.64
N GLU A 212 -22.04 11.64 46.42
CA GLU A 212 -22.26 13.08 46.23
C GLU A 212 -21.14 13.93 46.84
N GLU A 213 -20.39 13.45 47.84
CA GLU A 213 -19.30 14.21 48.43
C GLU A 213 -18.07 14.24 47.50
N ALA A 214 -17.78 13.13 46.83
CA ALA A 214 -16.68 13.07 45.87
C ALA A 214 -17.03 13.83 44.59
N GLY A 215 -18.30 13.80 44.21
CA GLY A 215 -18.77 14.56 43.06
C GLY A 215 -18.72 16.06 43.31
N ALA A 216 -18.90 16.48 44.57
CA ALA A 216 -18.85 17.90 44.93
C ALA A 216 -17.40 18.38 45.03
N GLN A 217 -16.51 17.52 45.55
CA GLN A 217 -15.09 17.83 45.67
C GLN A 217 -14.43 17.92 44.30
N ILE A 218 -14.87 17.09 43.33
CA ILE A 218 -14.32 17.15 41.97
C ILE A 218 -14.85 18.39 41.26
N GLN A 219 -16.15 18.68 41.44
CA GLN A 219 -16.73 19.87 40.82
C GLN A 219 -16.08 21.13 41.39
N LEU A 220 -15.78 21.16 42.69
CA LEU A 220 -15.13 22.30 43.32
C LEU A 220 -13.73 22.48 42.76
N LEU A 221 -12.98 21.37 42.62
CA LEU A 221 -11.64 21.39 42.03
C LEU A 221 -11.67 21.95 40.58
N GLU A 222 -12.63 21.47 39.75
CA GLU A 222 -12.78 21.89 38.36
C GLU A 222 -13.18 23.36 38.24
N GLU A 223 -14.13 23.81 39.07
CA GLU A 223 -14.55 25.21 39.06
C GLU A 223 -13.39 26.12 39.45
N GLY A 224 -12.61 25.71 40.46
CA GLY A 224 -11.46 26.43 40.96
C GLY A 224 -10.31 26.47 39.99
N TRP A 225 -10.19 25.42 39.17
CA TRP A 225 -9.15 25.35 38.16
C TRP A 225 -9.37 26.40 37.08
N ASP A 226 -10.62 26.50 36.58
CA ASP A 226 -11.00 27.46 35.57
C ASP A 226 -10.92 28.89 36.11
N GLN A 227 -11.25 29.09 37.41
CA GLN A 227 -11.19 30.38 38.06
C GLN A 227 -9.74 30.84 38.22
N ARG A 228 -8.86 29.94 38.70
N ARG A 228 -8.84 29.96 38.71
CA ARG A 228 -7.44 30.25 38.91
CA ARG A 228 -7.43 30.31 38.91
C ARG A 228 -6.69 30.44 37.61
C ARG A 228 -6.67 30.45 37.60
N ALA A 229 -6.99 29.64 36.58
CA ALA A 229 -6.31 29.73 35.28
C ALA A 229 -6.53 31.11 34.63
N PRO A 230 -5.45 31.88 34.45
CA PRO A 230 -5.60 33.20 33.82
C PRO A 230 -6.20 33.12 32.42
N ILE A 231 -5.93 32.04 31.67
CA ILE A 231 -6.53 31.86 30.34
C ILE A 231 -7.71 30.88 30.34
N GLY A 232 -8.24 30.53 31.51
CA GLY A 232 -9.35 29.59 31.59
C GLY A 232 -8.90 28.15 31.45
N TRP A 233 -9.79 27.23 31.83
CA TRP A 233 -9.46 25.80 31.73
C TRP A 233 -10.72 25.07 31.33
N ASN A 234 -10.69 24.44 30.16
CA ASN A 234 -11.83 23.67 29.68
C ASN A 234 -11.53 22.19 29.92
N MET A 235 -12.15 21.59 30.93
CA MET A 235 -11.91 20.18 31.24
C MET A 235 -12.43 19.20 30.14
N LYS A 236 -13.34 19.66 29.29
CA LYS A 236 -13.84 18.83 28.19
C LYS A 236 -12.95 18.86 26.92
N ASP A 237 -11.88 19.67 26.94
CA ASP A 237 -10.99 19.83 25.80
C ASP A 237 -9.60 19.29 26.11
N ALA A 238 -9.29 18.13 25.57
CA ALA A 238 -7.97 17.50 25.75
C ALA A 238 -6.90 18.04 24.81
N THR A 239 -7.31 18.72 23.72
CA THR A 239 -6.42 19.26 22.68
C THR A 239 -5.28 20.10 23.24
N PRO A 240 -5.48 21.11 24.14
CA PRO A 240 -4.32 21.87 24.63
C PRO A 240 -3.26 20.99 25.29
N VAL A 241 -3.67 19.88 25.91
CA VAL A 241 -2.71 18.98 26.57
C VAL A 241 -1.96 18.18 25.51
N ALA A 242 -2.69 17.63 24.54
CA ALA A 242 -2.12 16.85 23.43
C ALA A 242 -1.11 17.70 22.63
N LYS A 243 -1.41 18.99 22.43
CA LYS A 243 -0.51 19.89 21.69
C LYS A 243 0.79 20.09 22.45
N THR A 244 0.71 20.24 23.78
CA THR A 244 1.87 20.43 24.68
C THR A 244 2.80 19.20 24.67
N VAL A 245 2.22 18.00 24.65
CA VAL A 245 3.00 16.76 24.56
C VAL A 245 3.73 16.73 23.20
N CYS A 246 3.06 17.22 22.13
CA CYS A 246 3.66 17.26 20.81
C CYS A 246 4.77 18.27 20.73
N ALA A 247 4.64 19.41 21.44
CA ALA A 247 5.71 20.41 21.49
C ALA A 247 6.99 19.80 22.10
N LEU A 248 6.88 19.01 23.18
CA LEU A 248 8.01 18.33 23.82
C LEU A 248 8.59 17.21 22.96
N LEU A 249 7.74 16.54 22.17
CA LEU A 249 8.15 15.51 21.21
C LEU A 249 8.88 16.13 20.00
N SER A 250 8.62 17.40 19.69
CA SER A 250 9.22 18.10 18.56
C SER A 250 10.67 18.56 18.84
N ASP A 251 11.30 19.20 17.86
CA ASP A 251 12.66 19.73 18.05
C ASP A 251 12.60 21.20 18.55
N TRP A 252 11.48 21.66 19.13
CA TRP A 252 11.33 23.06 19.54
C TRP A 252 11.50 23.36 21.03
N LEU A 253 11.76 22.33 21.83
CA LEU A 253 12.12 22.44 23.24
C LEU A 253 13.37 21.55 23.41
N PRO A 254 14.50 21.86 22.72
CA PRO A 254 15.65 20.93 22.73
C PRO A 254 16.61 21.05 23.89
N ALA A 255 16.43 22.05 24.74
CA ALA A 255 17.32 22.24 25.90
C ALA A 255 16.56 22.04 27.21
N THR A 256 15.48 21.25 27.17
CA THR A 256 14.63 21.00 28.30
C THR A 256 14.60 19.51 28.57
N THR A 257 15.05 19.09 29.77
CA THR A 257 15.00 17.67 30.18
C THR A 257 14.98 17.58 31.72
N GLY A 258 14.50 16.45 32.23
CA GLY A 258 14.30 16.22 33.66
C GLY A 258 13.24 17.13 34.25
N ASP A 259 12.41 17.75 33.40
CA ASP A 259 11.50 18.82 33.77
C ASP A 259 10.01 18.51 33.66
N ILE A 260 9.18 19.50 34.02
CA ILE A 260 7.73 19.45 33.98
C ILE A 260 7.19 20.67 33.29
N ILE A 261 6.29 20.45 32.32
N ILE A 261 6.30 20.45 32.30
CA ILE A 261 5.67 21.56 31.61
CA ILE A 261 5.65 21.54 31.61
C ILE A 261 4.19 21.52 31.99
C ILE A 261 4.22 21.50 32.08
N TYR A 262 3.70 22.62 32.55
CA TYR A 262 2.33 22.68 33.02
C TYR A 262 1.35 23.07 31.92
N ALA A 263 0.46 22.15 31.54
CA ALA A 263 -0.58 22.46 30.54
C ALA A 263 -1.82 22.44 31.40
N ASP A 264 -2.00 23.50 32.20
CA ASP A 264 -3.07 23.60 33.18
C ASP A 264 -3.78 24.96 33.17
N GLY A 265 -3.63 25.71 32.09
CA GLY A 265 -4.21 27.04 32.00
C GLY A 265 -3.50 28.08 32.86
N GLY A 266 -2.38 27.70 33.48
CA GLY A 266 -1.63 28.56 34.38
C GLY A 266 -2.14 28.53 35.80
N ALA A 267 -3.11 27.64 36.09
CA ALA A 267 -3.76 27.53 37.39
C ALA A 267 -2.78 27.37 38.53
N HIS A 268 -1.69 26.58 38.37
CA HIS A 268 -0.72 26.38 39.45
C HIS A 268 0.09 27.64 39.81
N THR A 269 0.04 28.68 38.97
CA THR A 269 0.80 29.92 39.23
C THR A 269 -0.01 30.95 40.01
N GLN A 270 -1.28 30.66 40.34
CA GLN A 270 -2.18 31.60 40.98
C GLN A 270 -2.80 30.94 42.23
N LEU A 271 -2.95 31.73 43.28
CA LEU A 271 -3.52 31.28 44.54
C LEU A 271 -5.06 31.41 44.43
N LEU A 272 -5.53 32.55 43.93
CA LEU A 272 -6.94 32.80 43.67
C LEU A 272 -7.00 33.62 42.37
N GLY B 6 6.81 26.19 8.61
CA GLY B 6 6.88 27.49 9.28
C GLY B 6 6.13 27.49 10.61
N LEU B 7 6.86 27.35 11.73
CA LEU B 7 6.27 27.32 13.07
C LEU B 7 5.48 28.59 13.44
N LEU B 8 5.94 29.77 12.98
CA LEU B 8 5.29 31.03 13.32
C LEU B 8 4.75 31.74 12.07
N ASP B 9 4.30 30.97 11.08
CA ASP B 9 3.81 31.48 9.82
C ASP B 9 2.60 32.40 9.98
N GLY B 10 2.73 33.61 9.47
CA GLY B 10 1.67 34.62 9.54
C GLY B 10 1.62 35.44 10.81
N LYS B 11 2.40 35.06 11.84
CA LYS B 11 2.39 35.75 13.11
C LYS B 11 3.17 37.06 13.13
N ARG B 12 2.62 38.10 13.78
CA ARG B 12 3.33 39.35 13.94
C ARG B 12 3.91 39.36 15.34
N ILE B 13 5.24 39.45 15.44
CA ILE B 13 5.92 39.36 16.72
C ILE B 13 6.85 40.53 16.95
N LEU B 14 6.68 41.24 18.08
CA LEU B 14 7.57 42.33 18.44
C LEU B 14 8.74 41.75 19.21
N VAL B 15 9.98 42.11 18.85
CA VAL B 15 11.17 41.61 19.54
C VAL B 15 12.06 42.76 20.02
N SER B 16 12.18 42.90 21.33
CA SER B 16 13.05 43.91 21.92
C SER B 16 14.36 43.25 22.38
N GLY B 17 15.39 44.04 22.63
CA GLY B 17 16.62 43.52 23.20
C GLY B 17 17.78 43.24 22.30
N ILE B 18 17.69 43.57 21.01
CA ILE B 18 18.81 43.36 20.09
C ILE B 18 19.82 44.49 20.29
N ILE B 19 21.07 44.15 20.63
CA ILE B 19 22.12 45.15 20.72
C ILE B 19 23.25 44.76 19.76
N THR B 20 23.68 43.50 19.79
CA THR B 20 24.70 42.97 18.90
C THR B 20 24.21 41.62 18.28
N ASP B 21 24.95 41.06 17.30
CA ASP B 21 24.60 39.75 16.75
C ASP B 21 24.84 38.59 17.74
N SER B 22 25.33 38.88 18.97
CA SER B 22 25.50 37.86 20.01
C SER B 22 24.34 37.86 21.06
N SER B 23 23.45 38.88 21.01
N SER B 23 23.49 38.91 21.05
CA SER B 23 22.30 38.98 21.89
CA SER B 23 22.38 38.99 21.98
C SER B 23 21.38 37.81 21.66
C SER B 23 21.36 37.88 21.67
N ILE B 24 20.70 37.36 22.72
CA ILE B 24 19.71 36.29 22.56
C ILE B 24 18.55 36.79 21.69
N ALA B 25 18.18 38.07 21.79
CA ALA B 25 17.13 38.64 20.95
C ALA B 25 17.42 38.54 19.48
N PHE B 26 18.71 38.65 19.08
CA PHE B 26 19.07 38.54 17.66
C PHE B 26 18.78 37.14 17.16
N HIS B 27 19.15 36.11 17.94
CA HIS B 27 18.92 34.71 17.57
C HIS B 27 17.43 34.37 17.60
N ILE B 28 16.68 34.95 18.54
CA ILE B 28 15.24 34.74 18.63
C ILE B 28 14.59 35.32 17.37
N ALA B 29 15.00 36.54 16.98
CA ALA B 29 14.50 37.22 15.79
C ALA B 29 14.84 36.44 14.52
N ARG B 30 16.07 35.92 14.44
CA ARG B 30 16.51 35.15 13.28
C ARG B 30 15.69 33.84 13.13
N VAL B 31 15.53 33.09 14.22
CA VAL B 31 14.76 31.84 14.18
C VAL B 31 13.28 32.14 13.93
N ALA B 32 12.73 33.20 14.52
CA ALA B 32 11.35 33.61 14.29
C ALA B 32 11.12 33.93 12.81
N GLN B 33 12.08 34.60 12.15
CA GLN B 33 11.96 34.90 10.72
C GLN B 33 12.14 33.65 9.87
N GLU B 34 13.07 32.76 10.23
CA GLU B 34 13.24 31.48 9.52
C GLU B 34 11.91 30.67 9.55
N GLN B 35 11.11 30.84 10.60
CA GLN B 35 9.83 30.15 10.74
C GLN B 35 8.61 30.92 10.22
N GLY B 36 8.84 31.94 9.40
CA GLY B 36 7.77 32.71 8.77
C GLY B 36 7.13 33.89 9.49
N ALA B 37 7.62 34.26 10.70
CA ALA B 37 7.02 35.39 11.42
C ALA B 37 7.40 36.74 10.83
N GLN B 38 6.52 37.73 10.96
CA GLN B 38 6.75 39.10 10.50
C GLN B 38 7.09 39.87 11.77
N LEU B 39 8.28 40.47 11.82
CA LEU B 39 8.74 41.12 13.03
C LEU B 39 8.62 42.62 13.09
N VAL B 40 8.63 43.14 14.31
CA VAL B 40 8.73 44.55 14.62
C VAL B 40 9.86 44.56 15.65
N LEU B 41 10.93 45.32 15.41
CA LEU B 41 12.05 45.37 16.34
C LEU B 41 12.07 46.64 17.10
N THR B 42 12.52 46.60 18.37
CA THR B 42 12.67 47.83 19.14
C THR B 42 14.14 48.00 19.54
N GLY B 43 14.55 49.23 19.77
CA GLY B 43 15.93 49.52 20.16
C GLY B 43 16.04 50.74 21.03
N PHE B 44 17.06 50.79 21.89
CA PHE B 44 17.28 51.93 22.77
C PHE B 44 18.65 52.57 22.50
N ARG B 46 20.77 54.76 20.16
CA ARG B 46 21.70 53.93 19.38
C ARG B 46 20.98 53.20 18.24
N LEU B 47 19.94 53.81 17.66
CA LEU B 47 19.16 53.20 16.58
C LEU B 47 19.92 53.00 15.27
N ARG B 48 20.93 53.85 15.00
CA ARG B 48 21.74 53.74 13.78
C ARG B 48 22.65 52.51 13.86
N LEU B 49 23.27 52.26 15.01
CA LEU B 49 24.13 51.10 15.20
C LEU B 49 23.31 49.81 15.31
N ILE B 50 22.09 49.89 15.87
CA ILE B 50 21.21 48.72 15.94
C ILE B 50 20.70 48.37 14.53
N GLN B 51 20.46 49.37 13.68
CA GLN B 51 20.03 49.16 12.29
C GLN B 51 21.02 48.30 11.53
N ARG B 52 22.33 48.52 11.71
CA ARG B 52 23.35 47.73 11.03
C ARG B 52 23.37 46.27 11.52
N ILE B 53 23.09 46.06 12.81
CA ILE B 53 23.05 44.73 13.41
C ILE B 53 21.84 43.97 12.87
N THR B 54 20.65 44.58 12.94
CA THR B 54 19.41 44.00 12.44
C THR B 54 19.39 43.81 10.91
N ASP B 55 20.33 44.47 10.21
CA ASP B 55 20.52 44.29 8.76
C ASP B 55 21.02 42.85 8.45
N ARG B 56 21.63 42.17 9.43
CA ARG B 56 22.14 40.81 9.29
C ARG B 56 21.06 39.72 9.45
N LEU B 57 19.84 40.10 9.87
CA LEU B 57 18.73 39.15 10.02
C LEU B 57 18.29 38.63 8.63
N PRO B 58 17.66 37.45 8.53
CA PRO B 58 17.24 36.96 7.20
C PRO B 58 16.36 37.93 6.43
N ALA B 59 15.43 38.63 7.10
CA ALA B 59 14.52 39.55 6.43
C ALA B 59 14.42 40.94 7.09
N LYS B 60 13.95 41.94 6.34
CA LYS B 60 13.80 43.30 6.88
C LYS B 60 12.64 43.38 7.86
N ALA B 61 12.69 44.37 8.77
CA ALA B 61 11.66 44.57 9.77
C ALA B 61 11.69 46.02 10.24
N PRO B 62 10.53 46.62 10.52
CA PRO B 62 10.53 48.01 11.02
C PRO B 62 11.17 48.12 12.40
N LEU B 63 12.07 49.09 12.57
CA LEU B 63 12.79 49.28 13.84
C LEU B 63 12.27 50.52 14.55
N LEU B 64 11.68 50.33 15.73
CA LEU B 64 11.09 51.39 16.54
C LEU B 64 11.98 51.70 17.75
N GLU B 65 12.00 52.95 18.20
CA GLU B 65 12.80 53.32 19.36
C GLU B 65 12.02 53.05 20.62
N LEU B 66 12.63 52.38 21.58
CA LEU B 66 11.98 52.12 22.85
C LEU B 66 12.97 52.04 23.99
N ASP B 67 12.96 53.07 24.82
CA ASP B 67 13.67 53.13 26.08
C ASP B 67 12.54 52.81 27.05
N VAL B 68 12.64 51.67 27.77
CA VAL B 68 11.61 51.22 28.73
C VAL B 68 11.44 52.15 29.93
N GLN B 69 12.41 53.01 30.19
CA GLN B 69 12.31 54.00 31.27
C GLN B 69 11.61 55.28 30.80
N ASN B 70 11.32 55.42 29.51
CA ASN B 70 10.72 56.63 28.97
C ASN B 70 9.23 56.41 28.85
N GLU B 71 8.46 57.10 29.70
CA GLU B 71 7.00 57.03 29.76
C GLU B 71 6.35 57.44 28.45
N GLU B 72 6.95 58.41 27.74
CA GLU B 72 6.44 58.86 26.45
C GLU B 72 6.62 57.80 25.36
N HIS B 73 7.77 57.10 25.36
CA HIS B 73 8.02 56.01 24.39
C HIS B 73 6.97 54.90 24.55
N LEU B 74 6.60 54.59 25.80
CA LEU B 74 5.61 53.56 26.09
C LEU B 74 4.18 54.03 25.77
N ALA B 75 3.87 55.29 26.01
CA ALA B 75 2.56 55.85 25.71
C ALA B 75 2.26 55.77 24.21
N SER B 76 3.26 56.07 23.37
CA SER B 76 3.11 56.05 21.92
C SER B 76 3.39 54.69 21.28
N LEU B 77 3.97 53.75 22.02
CA LEU B 77 4.35 52.45 21.48
C LEU B 77 3.26 51.74 20.66
N ALA B 78 2.05 51.53 21.21
CA ALA B 78 0.97 50.83 20.51
C ALA B 78 0.64 51.51 19.18
N GLY B 79 0.54 52.84 19.18
CA GLY B 79 0.26 53.64 17.99
C GLY B 79 1.38 53.52 16.97
N ARG B 80 2.63 53.51 17.43
CA ARG B 80 3.79 53.34 16.54
C ARG B 80 3.89 51.92 15.99
N VAL B 81 3.37 50.92 16.73
CA VAL B 81 3.36 49.55 16.26
C VAL B 81 2.25 49.41 15.21
N THR B 82 1.05 50.01 15.43
CA THR B 82 -0.05 49.95 14.45
C THR B 82 0.32 50.62 13.13
N GLU B 83 1.06 51.74 13.19
CA GLU B 83 1.51 52.41 11.97
C GLU B 83 2.50 51.51 11.22
N ALA B 84 3.33 50.74 11.94
CA ALA B 84 4.28 49.84 11.30
C ALA B 84 3.64 48.53 10.76
N ILE B 85 2.59 47.98 11.43
CA ILE B 85 2.00 46.71 10.96
C ILE B 85 0.72 46.84 10.14
N GLY B 86 0.12 48.03 10.13
CA GLY B 86 -1.12 48.27 9.43
C GLY B 86 -2.31 48.42 10.35
N ALA B 87 -3.18 49.39 10.08
CA ALA B 87 -4.40 49.62 10.87
C ALA B 87 -5.29 48.38 10.83
N GLY B 88 -5.90 48.04 11.97
CA GLY B 88 -6.74 46.86 12.09
C GLY B 88 -5.97 45.61 12.46
N ASN B 89 -4.63 45.64 12.34
CA ASN B 89 -3.82 44.47 12.67
C ASN B 89 -3.36 44.52 14.11
N LYS B 90 -3.12 43.35 14.67
CA LYS B 90 -2.65 43.23 16.02
C LYS B 90 -1.44 42.30 16.08
N LEU B 91 -0.70 42.36 17.19
CA LEU B 91 0.44 41.50 17.39
C LEU B 91 -0.01 40.15 17.89
N ASP B 92 0.71 39.11 17.49
CA ASP B 92 0.50 37.77 18.02
C ASP B 92 1.53 37.43 19.11
N GLY B 93 2.66 38.11 19.13
CA GLY B 93 3.73 37.81 20.09
C GLY B 93 4.53 39.03 20.46
N VAL B 94 5.08 39.02 21.68
CA VAL B 94 5.91 40.07 22.23
C VAL B 94 7.07 39.38 22.92
N VAL B 95 8.30 39.82 22.64
CA VAL B 95 9.48 39.26 23.29
C VAL B 95 10.18 40.37 24.02
N HIS B 96 10.31 40.22 25.34
CA HIS B 96 11.04 41.09 26.23
C HIS B 96 12.35 40.34 26.49
N SER B 97 13.46 40.88 26.04
CA SER B 97 14.78 40.29 26.23
C SER B 97 15.64 41.48 26.67
N ILE B 98 15.25 42.10 27.77
CA ILE B 98 15.88 43.29 28.29
C ILE B 98 16.28 43.04 29.74
N GLY B 99 17.56 43.23 30.04
CA GLY B 99 18.09 43.05 31.37
C GLY B 99 19.20 44.05 31.60
N PHE B 100 19.21 44.69 32.78
CA PHE B 100 20.26 45.64 33.10
C PHE B 100 20.49 45.67 34.61
N MET B 101 21.74 45.79 35.03
CA MET B 101 22.08 45.96 36.44
C MET B 101 23.43 46.64 36.48
N PRO B 102 23.50 47.86 37.04
CA PRO B 102 24.81 48.55 37.15
C PRO B 102 25.86 47.66 37.82
N GLN B 103 27.16 47.87 37.50
CA GLN B 103 28.19 46.99 38.04
C GLN B 103 28.29 47.07 39.57
N THR B 104 27.73 48.12 40.20
CA THR B 104 27.68 48.17 41.67
C THR B 104 26.78 47.06 42.24
N GLY B 105 25.80 46.58 41.49
CA GLY B 105 24.90 45.53 41.95
C GLY B 105 25.13 44.16 41.32
N MET B 106 26.07 44.05 40.40
CA MET B 106 26.34 42.80 39.71
C MET B 106 27.81 42.78 39.33
N GLY B 107 28.50 41.71 39.68
CA GLY B 107 29.92 41.60 39.40
C GLY B 107 30.74 41.35 40.66
N ILE B 108 31.86 42.07 40.79
CA ILE B 108 32.76 41.88 41.93
C ILE B 108 32.47 42.79 43.13
N ASN B 109 31.56 43.77 42.99
CA ASN B 109 31.24 44.65 44.10
C ASN B 109 30.47 43.87 45.17
N PRO B 110 30.82 44.00 46.46
CA PRO B 110 30.06 43.24 47.49
C PRO B 110 28.56 43.50 47.44
N PHE B 111 27.74 42.48 47.70
CA PHE B 111 26.27 42.53 47.67
C PHE B 111 25.71 43.75 48.42
N PHE B 112 26.17 43.98 49.66
CA PHE B 112 25.74 45.08 50.51
C PHE B 112 26.18 46.46 50.00
N ASP B 113 27.19 46.52 49.13
CA ASP B 113 27.71 47.81 48.66
C ASP B 113 26.98 48.41 47.46
N ALA B 114 25.87 47.82 47.05
CA ALA B 114 25.12 48.32 45.92
C ALA B 114 24.19 49.42 46.40
N PRO B 115 24.36 50.66 45.92
CA PRO B 115 23.43 51.74 46.35
C PRO B 115 22.03 51.43 45.81
N TYR B 116 20.99 51.85 46.54
CA TYR B 116 19.62 51.53 46.09
C TYR B 116 19.30 52.16 44.74
N ALA B 117 19.78 53.39 44.46
CA ALA B 117 19.52 54.04 43.17
C ALA B 117 19.91 53.15 41.97
N ASP B 118 21.01 52.41 42.11
CA ASP B 118 21.45 51.52 41.06
C ASP B 118 20.63 50.27 41.01
N VAL B 119 20.26 49.72 42.19
CA VAL B 119 19.43 48.52 42.27
C VAL B 119 18.07 48.82 41.67
N SER B 120 17.48 49.98 42.03
CA SER B 120 16.19 50.47 41.54
C SER B 120 16.16 50.59 40.02
N LYS B 121 17.21 51.16 39.41
CA LYS B 121 17.30 51.29 37.96
C LYS B 121 17.37 49.90 37.33
N GLY B 122 18.13 48.98 37.92
CA GLY B 122 18.22 47.61 37.44
C GLY B 122 16.89 46.85 37.44
N ILE B 123 16.10 46.99 38.51
CA ILE B 123 14.78 46.35 38.61
C ILE B 123 13.78 47.01 37.67
N HIS B 124 13.92 48.30 37.42
CA HIS B 124 13.04 49.03 36.50
C HIS B 124 13.22 48.46 35.07
N ILE B 125 14.46 48.35 34.60
CA ILE B 125 14.72 47.81 33.26
C ILE B 125 14.49 46.31 33.16
N SER B 126 14.90 45.54 34.16
CA SER B 126 14.80 44.09 34.12
C SER B 126 13.44 43.48 34.53
N ALA B 127 12.73 44.08 35.48
CA ALA B 127 11.49 43.49 36.00
C ALA B 127 10.23 44.35 35.71
N TYR B 128 10.21 45.62 36.14
CA TYR B 128 9.05 46.49 35.92
C TYR B 128 8.69 46.64 34.44
N SER B 129 9.70 46.78 33.55
CA SER B 129 9.50 46.94 32.09
C SER B 129 8.74 45.80 31.43
N TYR B 130 8.71 44.62 32.07
CA TYR B 130 7.95 43.50 31.53
C TYR B 130 6.47 43.83 31.65
N ALA B 131 6.05 44.37 32.81
CA ALA B 131 4.67 44.81 33.01
C ALA B 131 4.34 46.05 32.17
N SER B 132 5.25 47.04 32.08
N SER B 132 5.26 47.02 32.09
CA SER B 132 4.93 48.25 31.29
CA SER B 132 5.01 48.23 31.30
C SER B 132 4.93 47.97 29.79
C SER B 132 4.91 47.94 29.80
N MET B 133 5.63 46.92 29.32
CA MET B 133 5.57 46.55 27.90
C MET B 133 4.24 45.83 27.65
N ALA B 134 3.81 44.95 28.58
CA ALA B 134 2.54 44.25 28.46
C ALA B 134 1.39 45.26 28.53
N LYS B 135 1.47 46.26 29.43
CA LYS B 135 0.43 47.30 29.53
C LYS B 135 0.28 48.04 28.19
N ALA B 136 1.39 48.40 27.55
CA ALA B 136 1.33 49.12 26.28
C ALA B 136 0.96 48.27 25.08
N LEU B 137 1.22 46.95 25.11
CA LEU B 137 1.00 46.12 23.93
C LEU B 137 -0.22 45.21 23.99
N LEU B 138 -0.71 44.84 25.18
CA LEU B 138 -1.92 44.01 25.30
C LEU B 138 -3.14 44.61 24.54
N PRO B 139 -3.42 45.93 24.58
CA PRO B 139 -4.54 46.47 23.79
C PRO B 139 -4.43 46.23 22.27
N ILE B 140 -3.20 45.93 21.79
CA ILE B 140 -2.99 45.65 20.39
C ILE B 140 -2.46 44.23 20.16
N MET B 141 -2.94 43.24 20.94
CA MET B 141 -2.57 41.85 20.71
C MET B 141 -3.80 40.98 20.43
N ASN B 142 -3.64 40.00 19.55
CA ASN B 142 -4.70 39.06 19.20
C ASN B 142 -4.95 38.03 20.29
N PRO B 143 -6.19 37.54 20.43
CA PRO B 143 -6.42 36.39 21.32
C PRO B 143 -5.61 35.19 20.82
N GLY B 144 -5.04 34.43 21.76
CA GLY B 144 -4.14 33.34 21.43
C GLY B 144 -2.68 33.80 21.36
N GLY B 145 -2.44 35.08 21.65
CA GLY B 145 -1.14 35.72 21.64
C GLY B 145 -0.22 35.26 22.76
N SER B 146 1.05 35.66 22.67
CA SER B 146 2.05 35.18 23.60
C SER B 146 3.09 36.24 23.92
N ILE B 147 3.30 36.52 25.21
CA ILE B 147 4.31 37.44 25.69
C ILE B 147 5.39 36.57 26.35
N VAL B 148 6.63 36.69 25.87
CA VAL B 148 7.73 35.90 26.39
C VAL B 148 8.84 36.81 26.89
N GLY B 149 9.25 36.62 28.13
CA GLY B 149 10.37 37.33 28.73
C GLY B 149 11.55 36.42 28.97
N MET B 150 12.76 36.98 29.08
CA MET B 150 13.96 36.18 29.32
C MET B 150 14.31 36.19 30.79
N ASP B 151 14.73 35.05 31.31
CA ASP B 151 15.00 34.88 32.72
C ASP B 151 16.22 33.98 32.92
N PHE B 152 16.73 33.93 34.17
N PHE B 152 16.72 33.96 34.14
CA PHE B 152 17.84 33.09 34.64
CA PHE B 152 17.68 33.00 34.62
C PHE B 152 17.44 32.64 36.05
C PHE B 152 17.17 32.58 35.99
N ASP B 153 17.32 31.32 36.31
CA ASP B 153 16.84 30.77 37.58
C ASP B 153 17.42 31.43 38.82
N PRO B 154 16.61 32.20 39.56
CA PRO B 154 17.11 32.90 40.74
C PRO B 154 16.62 32.26 42.04
N SER B 155 16.08 31.03 42.00
CA SER B 155 15.58 30.34 43.16
C SER B 155 16.67 30.05 44.20
N ARG B 156 17.94 30.01 43.79
CA ARG B 156 19.10 29.79 44.65
C ARG B 156 20.11 30.91 44.41
N ALA B 157 20.74 31.42 45.48
CA ALA B 157 21.74 32.49 45.33
C ALA B 157 23.03 31.94 44.71
N MET B 158 23.84 32.82 44.14
CA MET B 158 25.07 32.43 43.48
C MET B 158 26.06 33.58 43.52
N PRO B 159 27.36 33.33 43.30
CA PRO B 159 28.32 34.45 43.26
C PRO B 159 28.07 35.37 42.06
N ALA B 160 28.54 36.63 42.19
CA ALA B 160 28.56 37.71 41.20
C ALA B 160 27.20 38.22 40.67
N TYR B 161 26.23 37.37 40.42
CA TYR B 161 24.96 37.81 39.87
C TYR B 161 24.20 38.72 40.80
N ASN B 162 24.37 38.52 42.12
CA ASN B 162 23.88 39.39 43.20
C ASN B 162 22.52 40.07 42.93
N TRP B 163 22.46 41.40 42.69
CA TRP B 163 21.19 42.09 42.52
C TRP B 163 20.50 41.77 41.20
N MET B 164 21.24 41.27 40.18
CA MET B 164 20.57 40.82 38.94
C MET B 164 19.67 39.59 39.26
N THR B 165 20.09 38.74 40.20
CA THR B 165 19.30 37.58 40.65
C THR B 165 18.02 38.07 41.37
N VAL B 166 18.15 39.12 42.18
CA VAL B 166 17.02 39.70 42.89
C VAL B 166 16.02 40.28 41.86
N ALA B 167 16.52 40.96 40.82
CA ALA B 167 15.70 41.49 39.74
C ALA B 167 14.99 40.35 38.99
N LYS B 168 15.66 39.20 38.78
CA LYS B 168 15.05 38.04 38.13
C LYS B 168 13.99 37.41 39.01
N SER B 169 14.19 37.40 40.34
CA SER B 169 13.16 36.91 41.26
C SER B 169 11.92 37.82 41.15
N ALA B 170 12.14 39.15 41.05
CA ALA B 170 11.06 40.13 40.89
C ALA B 170 10.35 39.89 39.53
N LEU B 171 11.10 39.68 38.46
CA LEU B 171 10.56 39.43 37.11
C LEU B 171 9.67 38.18 37.11
N GLU B 172 10.06 37.15 37.88
CA GLU B 172 9.24 35.95 37.97
C GLU B 172 7.89 36.23 38.59
N SER B 173 7.86 37.06 39.61
CA SER B 173 6.63 37.46 40.26
C SER B 173 5.80 38.34 39.31
N VAL B 174 6.44 39.29 38.63
CA VAL B 174 5.76 40.20 37.68
C VAL B 174 5.11 39.40 36.56
N ASN B 175 5.77 38.34 36.08
CA ASN B 175 5.24 37.49 35.04
C ASN B 175 3.91 36.85 35.43
N ARG B 176 3.77 36.42 36.69
CA ARG B 176 2.54 35.79 37.17
C ARG B 176 1.38 36.79 37.24
N PHE B 177 1.65 38.06 37.51
CA PHE B 177 0.60 39.09 37.53
C PHE B 177 0.26 39.57 36.13
N VAL B 178 1.27 39.64 35.25
CA VAL B 178 1.08 39.99 33.84
C VAL B 178 0.19 38.90 33.17
N ALA B 179 0.28 37.62 33.64
CA ALA B 179 -0.55 36.52 33.14
C ALA B 179 -2.01 36.74 33.51
N ARG B 180 -2.27 37.25 34.72
CA ARG B 180 -3.66 37.56 35.13
C ARG B 180 -4.28 38.58 34.18
N GLU B 181 -3.54 39.66 33.87
CA GLU B 181 -4.01 40.70 33.00
C GLU B 181 -4.11 40.24 31.57
N ALA B 182 -3.07 39.54 31.11
CA ALA B 182 -2.99 39.06 29.74
C ALA B 182 -4.06 38.06 29.41
N GLY B 183 -4.46 37.25 30.40
CA GLY B 183 -5.52 36.28 30.24
C GLY B 183 -6.85 36.91 29.85
N LYS B 184 -7.11 38.15 30.28
CA LYS B 184 -8.35 38.86 29.88
C LYS B 184 -8.42 39.09 28.34
N TYR B 185 -7.26 39.10 27.67
CA TYR B 185 -7.16 39.29 26.21
C TYR B 185 -6.99 37.96 25.43
N GLY B 186 -7.00 36.82 26.14
CA GLY B 186 -6.70 35.52 25.58
C GLY B 186 -5.20 35.33 25.35
N VAL B 187 -4.36 36.15 26.00
CA VAL B 187 -2.92 36.13 25.79
C VAL B 187 -2.17 35.43 26.91
N ARG B 188 -1.15 34.66 26.56
CA ARG B 188 -0.31 33.99 27.54
C ARG B 188 0.91 34.88 27.88
N SER B 189 1.49 34.68 29.05
CA SER B 189 2.68 35.40 29.48
C SER B 189 3.59 34.37 30.14
N ASN B 190 4.82 34.21 29.64
CA ASN B 190 5.73 33.20 30.16
C ASN B 190 7.17 33.68 30.07
N LEU B 191 8.06 33.08 30.86
CA LEU B 191 9.48 33.38 30.85
C LEU B 191 10.26 32.14 30.42
N VAL B 192 11.43 32.35 29.77
CA VAL B 192 12.34 31.28 29.42
C VAL B 192 13.59 31.46 30.28
N ALA B 193 13.80 30.53 31.21
CA ALA B 193 14.95 30.56 32.09
C ALA B 193 16.05 29.85 31.36
N ALA B 194 17.00 30.61 30.82
CA ALA B 194 18.09 30.03 30.06
C ALA B 194 19.31 29.72 30.89
N GLY B 195 20.10 28.75 30.45
CA GLY B 195 21.42 28.54 31.06
C GLY B 195 22.36 29.67 30.63
N PRO B 196 23.64 29.70 31.09
CA PRO B 196 24.53 30.79 30.70
C PRO B 196 24.93 30.81 29.21
N ILE B 197 24.78 31.98 28.56
CA ILE B 197 25.11 32.15 27.16
C ILE B 197 26.25 33.15 27.06
N ARG B 198 27.31 32.77 26.32
CA ARG B 198 28.48 33.59 26.06
C ARG B 198 28.18 34.78 25.16
N THR B 199 27.64 35.86 25.72
CA THR B 199 27.47 37.11 24.99
C THR B 199 28.81 37.85 25.09
N LEU B 200 28.98 38.98 24.36
CA LEU B 200 30.22 39.76 24.36
C LEU B 200 30.74 40.12 25.77
N ALA B 201 29.82 40.36 26.73
CA ALA B 201 30.19 40.71 28.10
C ALA B 201 30.65 39.50 28.92
N MET B 202 29.91 38.38 28.85
CA MET B 202 30.24 37.16 29.59
C MET B 202 31.61 36.61 29.22
N SER B 203 31.97 36.63 27.92
CA SER B 203 33.29 36.15 27.49
C SER B 203 34.41 37.08 27.95
N ALA B 204 34.13 38.39 28.08
CA ALA B 204 35.12 39.37 28.55
C ALA B 204 35.36 39.20 30.05
N ILE B 205 34.30 38.92 30.82
CA ILE B 205 34.34 38.68 32.26
C ILE B 205 35.20 37.45 32.59
N VAL B 206 35.09 36.41 31.75
CA VAL B 206 35.89 35.19 31.91
C VAL B 206 37.38 35.47 31.62
N GLY B 207 37.66 36.32 30.64
CA GLY B 207 39.01 36.71 30.25
C GLY B 207 39.77 37.49 31.31
N GLY B 208 39.04 38.06 32.27
CA GLY B 208 39.66 38.79 33.37
C GLY B 208 39.16 40.20 33.58
N ALA B 209 38.12 40.62 32.86
CA ALA B 209 37.57 41.98 33.00
C ALA B 209 37.17 42.34 34.41
N LEU B 210 36.63 41.39 35.17
CA LEU B 210 36.23 41.63 36.55
C LEU B 210 37.22 41.10 37.61
N GLY B 211 38.40 40.67 37.20
CA GLY B 211 39.40 40.15 38.12
C GLY B 211 39.51 38.64 38.07
N GLU B 212 40.60 38.11 38.62
CA GLU B 212 40.83 36.67 38.62
C GLU B 212 39.92 35.89 39.58
N GLU B 213 39.51 36.47 40.73
CA GLU B 213 38.66 35.75 41.67
C GLU B 213 37.25 35.63 41.16
N ALA B 214 36.65 36.74 40.71
CA ALA B 214 35.29 36.71 40.14
C ALA B 214 35.29 35.93 38.82
N GLY B 215 36.36 36.06 38.03
CA GLY B 215 36.50 35.33 36.78
C GLY B 215 36.55 33.82 36.99
N ALA B 216 37.19 33.39 38.08
CA ALA B 216 37.27 31.96 38.40
C ALA B 216 35.91 31.46 38.89
N GLN B 217 35.21 32.27 39.71
CA GLN B 217 33.89 31.95 40.24
C GLN B 217 32.88 31.81 39.13
N ILE B 218 32.90 32.75 38.15
CA ILE B 218 31.99 32.70 37.01
C ILE B 218 32.29 31.50 36.13
N GLN B 219 33.57 31.18 35.92
CA GLN B 219 33.95 30.03 35.12
C GLN B 219 33.49 28.73 35.77
N LEU B 220 33.68 28.60 37.09
CA LEU B 220 33.27 27.42 37.85
C LEU B 220 31.75 27.28 37.79
N LEU B 221 31.04 28.40 37.97
CA LEU B 221 29.58 28.46 37.94
C LEU B 221 29.06 28.00 36.57
N GLU B 222 29.60 28.59 35.49
CA GLU B 222 29.21 28.26 34.12
C GLU B 222 29.60 26.84 33.69
N GLU B 223 30.73 26.30 34.21
CA GLU B 223 31.20 24.94 33.91
C GLU B 223 30.30 23.87 34.57
N GLY B 224 29.77 24.18 35.75
CA GLY B 224 28.89 23.27 36.47
C GLY B 224 27.59 23.00 35.73
N TRP B 225 27.21 23.88 34.80
CA TRP B 225 26.00 23.74 33.99
C TRP B 225 26.11 22.57 33.04
N ASP B 226 27.20 22.48 32.27
CA ASP B 226 27.41 21.39 31.32
C ASP B 226 27.42 20.05 32.03
N GLN B 227 28.07 20.00 33.21
CA GLN B 227 28.19 18.81 34.06
C GLN B 227 26.84 18.37 34.64
N ARG B 228 26.04 19.32 35.16
CA ARG B 228 24.75 18.98 35.76
C ARG B 228 23.72 18.62 34.69
N ALA B 229 23.78 19.29 33.52
CA ALA B 229 22.82 19.07 32.44
C ALA B 229 22.87 17.65 31.89
N PRO B 230 21.80 16.85 32.00
CA PRO B 230 21.81 15.49 31.43
C PRO B 230 22.08 15.48 29.92
N ILE B 231 21.61 16.51 29.19
CA ILE B 231 21.87 16.62 27.75
C ILE B 231 23.01 17.56 27.39
N GLY B 232 23.77 18.02 28.38
CA GLY B 232 24.90 18.92 28.14
C GLY B 232 24.43 20.35 28.00
N TRP B 233 25.39 21.26 27.93
CA TRP B 233 25.06 22.68 27.78
C TRP B 233 26.18 23.38 27.06
N ASN B 234 25.86 24.04 25.95
CA ASN B 234 26.85 24.79 25.19
C ASN B 234 26.56 26.28 25.34
N MET B 235 27.40 26.99 26.12
CA MET B 235 27.31 28.44 26.33
C MET B 235 27.45 29.20 25.00
N LYS B 236 28.19 28.65 24.04
CA LYS B 236 28.40 29.33 22.76
C LYS B 236 27.25 29.19 21.76
N ASP B 237 26.19 28.42 22.10
CA ASP B 237 25.08 28.18 21.18
C ASP B 237 23.80 28.74 21.74
N ALA B 238 23.29 29.82 21.16
CA ALA B 238 22.05 30.46 21.60
C ALA B 238 20.79 29.85 20.96
N THR B 239 20.94 29.08 19.88
CA THR B 239 19.83 28.46 19.15
C THR B 239 18.89 27.66 20.04
N PRO B 240 19.35 26.77 20.95
CA PRO B 240 18.39 26.04 21.81
C PRO B 240 17.50 26.96 22.64
N VAL B 241 18.01 28.14 23.02
CA VAL B 241 17.23 29.12 23.78
C VAL B 241 16.24 29.82 22.84
N ALA B 242 16.70 30.24 21.68
CA ALA B 242 15.88 30.90 20.67
C ALA B 242 14.71 30.01 20.20
N LYS B 243 14.94 28.72 19.99
CA LYS B 243 13.89 27.78 19.57
C LYS B 243 12.85 27.65 20.68
N THR B 244 13.28 27.63 21.95
CA THR B 244 12.37 27.50 23.10
C THR B 244 11.44 28.71 23.17
N VAL B 245 11.95 29.90 22.90
CA VAL B 245 11.14 31.11 22.85
C VAL B 245 10.10 31.00 21.73
N CYS B 246 10.51 30.53 20.55
CA CYS B 246 9.61 30.36 19.41
C CYS B 246 8.53 29.32 19.68
N ALA B 247 8.83 28.28 20.48
CA ALA B 247 7.80 27.30 20.89
C ALA B 247 6.73 27.98 21.78
N LEU B 248 7.14 28.89 22.67
CA LEU B 248 6.18 29.60 23.53
C LEU B 248 5.37 30.62 22.73
N LEU B 249 5.98 31.22 21.69
CA LEU B 249 5.30 32.14 20.79
C LEU B 249 4.33 31.42 19.83
N SER B 250 4.53 30.12 19.60
CA SER B 250 3.68 29.36 18.69
C SER B 250 2.31 28.99 19.34
N ASP B 251 1.51 28.19 18.65
CA ASP B 251 0.25 27.69 19.20
C ASP B 251 0.43 26.28 19.81
N TRP B 252 1.69 25.83 20.07
CA TRP B 252 1.94 24.48 20.57
C TRP B 252 2.06 24.37 22.09
N LEU B 253 2.01 25.50 22.81
CA LEU B 253 1.94 25.48 24.27
C LEU B 253 0.76 26.40 24.63
N PRO B 254 -0.48 26.03 24.24
CA PRO B 254 -1.60 26.96 24.42
C PRO B 254 -2.22 27.00 25.80
N ALA B 255 -1.80 26.11 26.69
CA ALA B 255 -2.36 26.04 28.03
C ALA B 255 -1.32 26.41 29.10
N THR B 256 -0.23 27.07 28.74
CA THR B 256 0.83 27.41 29.65
C THR B 256 0.90 28.93 29.75
N THR B 257 0.72 29.46 30.98
CA THR B 257 0.78 30.91 31.26
C THR B 257 1.18 31.17 32.72
N GLY B 258 1.77 32.33 32.97
CA GLY B 258 2.31 32.69 34.28
C GLY B 258 3.47 31.82 34.68
N ASP B 259 4.05 31.06 33.74
CA ASP B 259 5.04 30.03 33.98
C ASP B 259 6.47 30.28 33.47
N ILE B 260 7.39 29.36 33.82
CA ILE B 260 8.78 29.44 33.44
C ILE B 260 9.18 28.16 32.72
N ILE B 261 9.73 28.30 31.50
CA ILE B 261 10.22 27.14 30.77
C ILE B 261 11.71 27.19 30.86
N TYR B 262 12.32 26.08 31.26
CA TYR B 262 13.76 26.04 31.46
C TYR B 262 14.51 25.52 30.24
N ALA B 263 15.25 26.41 29.59
CA ALA B 263 16.10 26.03 28.46
C ALA B 263 17.52 26.11 29.01
N ASP B 264 17.89 25.11 29.81
CA ASP B 264 19.19 25.06 30.52
C ASP B 264 19.87 23.69 30.46
N GLY B 265 19.51 22.86 29.48
CA GLY B 265 20.03 21.50 29.36
C GLY B 265 19.56 20.58 30.47
N GLY B 266 18.60 21.04 31.28
CA GLY B 266 18.07 20.35 32.44
C GLY B 266 18.92 20.48 33.69
N ALA B 267 19.94 21.37 33.68
CA ALA B 267 20.83 21.58 34.83
C ALA B 267 20.11 21.84 36.14
N HIS B 268 19.05 22.67 36.14
CA HIS B 268 18.35 22.97 37.39
C HIS B 268 17.65 21.75 38.03
N THR B 269 17.54 20.63 37.31
CA THR B 269 16.87 19.44 37.83
C THR B 269 17.85 18.48 38.52
N GLN B 270 19.18 18.76 38.47
CA GLN B 270 20.19 17.86 39.00
C GLN B 270 21.02 18.55 40.07
N LEU B 271 21.35 17.85 41.15
CA LEU B 271 22.16 18.42 42.23
C LEU B 271 23.62 18.37 41.79
N LEU B 272 24.08 17.20 41.35
CA LEU B 272 25.42 17.06 40.81
C LEU B 272 25.43 15.97 39.72
N GLY C 6 -17.63 1.88 -43.88
CA GLY C 6 -17.94 3.04 -43.06
C GLY C 6 -17.33 3.01 -41.67
N LEU C 7 -16.82 1.84 -41.21
CA LEU C 7 -16.24 1.79 -39.84
C LEU C 7 -15.02 2.70 -39.72
N LEU C 8 -14.16 2.72 -40.75
CA LEU C 8 -12.96 3.56 -40.74
C LEU C 8 -12.97 4.60 -41.86
N ASP C 9 -14.17 5.05 -42.24
CA ASP C 9 -14.33 6.01 -43.32
C ASP C 9 -13.53 7.28 -43.12
N GLY C 10 -12.65 7.58 -44.08
CA GLY C 10 -11.84 8.79 -44.05
C GLY C 10 -10.52 8.67 -43.30
N LYS C 11 -10.39 7.64 -42.45
CA LYS C 11 -9.19 7.41 -41.66
C LYS C 11 -8.01 7.01 -42.52
N ARG C 12 -6.85 7.61 -42.27
CA ARG C 12 -5.61 7.28 -42.98
C ARG C 12 -4.85 6.35 -42.05
N ILE C 13 -4.55 5.13 -42.50
CA ILE C 13 -3.94 4.12 -41.63
C ILE C 13 -2.70 3.46 -42.22
N LEU C 14 -1.59 3.43 -41.46
CA LEU C 14 -0.40 2.72 -41.92
C LEU C 14 -0.54 1.25 -41.54
N VAL C 15 -0.33 0.32 -42.48
CA VAL C 15 -0.37 -1.11 -42.18
C VAL C 15 0.95 -1.77 -42.58
N SER C 16 1.66 -2.31 -41.59
CA SER C 16 2.90 -3.04 -41.82
C SER C 16 2.62 -4.56 -41.71
N GLY C 17 3.53 -5.39 -42.22
CA GLY C 17 3.41 -6.83 -42.03
C GLY C 17 2.88 -7.74 -43.12
N ILE C 18 2.55 -7.19 -44.28
CA ILE C 18 2.11 -8.02 -45.41
C ILE C 18 3.35 -8.65 -46.06
N ILE C 19 3.35 -9.97 -46.18
CA ILE C 19 4.36 -10.70 -46.94
C ILE C 19 3.62 -11.61 -47.98
N THR C 20 2.50 -12.25 -47.57
CA THR C 20 1.67 -13.06 -48.47
C THR C 20 0.15 -12.69 -48.29
N ASP C 21 -0.75 -13.27 -49.12
CA ASP C 21 -2.19 -13.04 -48.94
C ASP C 21 -2.77 -13.88 -47.77
N SER C 22 -1.93 -14.63 -47.05
CA SER C 22 -2.36 -15.34 -45.85
C SER C 22 -1.77 -14.67 -44.58
N SER C 23 -1.01 -13.55 -44.72
CA SER C 23 -0.50 -12.77 -43.61
C SER C 23 -1.69 -12.12 -42.97
N ILE C 24 -1.69 -12.04 -41.64
CA ILE C 24 -2.76 -11.37 -40.92
C ILE C 24 -2.91 -9.91 -41.39
N ALA C 25 -1.78 -9.23 -41.70
CA ALA C 25 -1.86 -7.84 -42.15
C ALA C 25 -2.53 -7.65 -43.49
N PHE C 26 -2.53 -8.68 -44.37
CA PHE C 26 -3.24 -8.56 -45.65
C PHE C 26 -4.74 -8.48 -45.37
N HIS C 27 -5.23 -9.31 -44.42
CA HIS C 27 -6.66 -9.31 -44.13
C HIS C 27 -7.07 -8.10 -43.32
N ILE C 28 -6.16 -7.54 -42.48
CA ILE C 28 -6.41 -6.30 -41.75
C ILE C 28 -6.56 -5.18 -42.78
N ALA C 29 -5.64 -5.12 -43.76
CA ALA C 29 -5.67 -4.11 -44.82
C ALA C 29 -6.94 -4.24 -45.68
N ARG C 30 -7.30 -5.47 -46.06
CA ARG C 30 -8.49 -5.75 -46.85
C ARG C 30 -9.76 -5.28 -46.12
N VAL C 31 -9.90 -5.64 -44.84
CA VAL C 31 -11.08 -5.24 -44.07
C VAL C 31 -11.12 -3.72 -43.86
N ALA C 32 -9.96 -3.12 -43.59
CA ALA C 32 -9.85 -1.67 -43.45
C ALA C 32 -10.29 -0.96 -44.71
N GLN C 33 -9.90 -1.46 -45.90
CA GLN C 33 -10.30 -0.80 -47.15
C GLN C 33 -11.78 -0.95 -47.40
N GLU C 34 -12.34 -2.13 -47.12
CA GLU C 34 -13.81 -2.32 -47.26
C GLU C 34 -14.57 -1.32 -46.36
N GLN C 35 -13.96 -0.93 -45.23
CA GLN C 35 -14.48 0.04 -44.28
C GLN C 35 -14.02 1.48 -44.52
N GLY C 36 -13.64 1.80 -45.75
CA GLY C 36 -13.34 3.16 -46.17
C GLY C 36 -12.05 3.83 -45.74
N ALA C 37 -11.14 3.07 -45.11
CA ALA C 37 -9.85 3.65 -44.71
C ALA C 37 -8.91 3.84 -45.91
N GLN C 38 -8.08 4.91 -45.88
CA GLN C 38 -7.07 5.19 -46.89
C GLN C 38 -5.78 4.65 -46.30
N LEU C 39 -5.19 3.64 -46.92
CA LEU C 39 -4.03 2.97 -46.37
C LEU C 39 -2.69 3.41 -46.92
N VAL C 40 -1.65 3.22 -46.10
CA VAL C 40 -0.25 3.37 -46.46
C VAL C 40 0.35 2.03 -46.03
N LEU C 41 0.93 1.28 -46.96
CA LEU C 41 1.48 -0.04 -46.65
C LEU C 41 2.97 0.01 -46.48
N THR C 42 3.52 -0.79 -45.55
CA THR C 42 4.97 -0.91 -45.40
C THR C 42 5.38 -2.36 -45.57
N GLY C 43 6.52 -2.59 -46.20
CA GLY C 43 7.00 -3.93 -46.45
C GLY C 43 8.48 -4.08 -46.20
N PHE C 44 8.92 -5.31 -45.93
CA PHE C 44 10.32 -5.57 -45.67
C PHE C 44 10.89 -6.63 -46.63
N ASP C 45 12.10 -6.37 -47.12
CA ASP C 45 12.96 -7.26 -47.90
C ASP C 45 12.43 -7.62 -49.32
N ARG C 46 11.35 -8.42 -49.42
CA ARG C 46 10.80 -8.90 -50.69
C ARG C 46 9.76 -7.92 -51.26
N LEU C 47 10.20 -6.70 -51.59
CA LEU C 47 9.29 -5.65 -52.04
C LEU C 47 8.63 -5.91 -53.39
N ARG C 48 9.24 -6.70 -54.30
CA ARG C 48 8.58 -7.03 -55.57
C ARG C 48 7.40 -7.97 -55.27
N LEU C 49 7.61 -8.97 -54.40
CA LEU C 49 6.56 -9.87 -53.99
C LEU C 49 5.44 -9.08 -53.27
N ILE C 50 5.80 -8.23 -52.29
CA ILE C 50 4.80 -7.47 -51.53
C ILE C 50 3.98 -6.57 -52.43
N GLN C 51 4.62 -5.91 -53.39
CA GLN C 51 3.93 -5.05 -54.34
C GLN C 51 2.87 -5.81 -55.12
N ARG C 52 3.23 -6.98 -55.67
CA ARG C 52 2.29 -7.77 -56.44
C ARG C 52 1.22 -8.38 -55.55
N ILE C 53 1.54 -8.74 -54.28
CA ILE C 53 0.57 -9.29 -53.34
C ILE C 53 -0.49 -8.23 -53.04
N THR C 54 -0.04 -6.99 -52.78
CA THR C 54 -0.93 -5.90 -52.43
C THR C 54 -1.77 -5.41 -53.61
N ASP C 55 -1.44 -5.82 -54.86
CA ASP C 55 -2.27 -5.52 -56.03
C ASP C 55 -3.62 -6.29 -55.89
N ARG C 56 -3.68 -7.40 -55.11
CA ARG C 56 -4.93 -8.14 -54.92
C ARG C 56 -5.85 -7.55 -53.84
N LEU C 57 -5.42 -6.49 -53.14
CA LEU C 57 -6.27 -5.82 -52.13
C LEU C 57 -7.41 -5.06 -52.85
N PRO C 58 -8.54 -4.79 -52.17
CA PRO C 58 -9.65 -4.10 -52.85
C PRO C 58 -9.32 -2.71 -53.45
N ALA C 59 -8.35 -1.96 -52.90
CA ALA C 59 -7.99 -0.65 -53.46
C ALA C 59 -6.47 -0.42 -53.48
N LYS C 60 -6.00 0.45 -54.39
CA LYS C 60 -4.58 0.76 -54.50
C LYS C 60 -4.09 1.55 -53.30
N ALA C 61 -2.87 1.27 -52.86
CA ALA C 61 -2.30 1.95 -51.71
C ALA C 61 -0.79 2.06 -51.89
N PRO C 62 -0.17 3.17 -51.46
CA PRO C 62 1.29 3.30 -51.62
C PRO C 62 2.06 2.30 -50.75
N LEU C 63 3.18 1.76 -51.26
CA LEU C 63 3.97 0.79 -50.49
C LEU C 63 5.34 1.34 -50.16
N LEU C 64 5.68 1.43 -48.86
CA LEU C 64 6.97 1.97 -48.44
C LEU C 64 7.84 0.87 -47.87
N GLU C 65 9.16 0.98 -48.06
CA GLU C 65 10.07 -0.01 -47.50
C GLU C 65 10.30 0.30 -46.02
N LEU C 66 10.24 -0.73 -45.17
CA LEU C 66 10.50 -0.56 -43.75
C LEU C 66 11.08 -1.80 -43.13
N ASP C 67 12.39 -1.78 -42.89
CA ASP C 67 13.05 -2.84 -42.16
C ASP C 67 13.12 -2.23 -40.78
N VAL C 68 12.37 -2.76 -39.78
CA VAL C 68 12.40 -2.15 -38.44
C VAL C 68 13.73 -2.24 -37.72
N GLN C 69 14.69 -3.02 -38.23
CA GLN C 69 16.04 -3.06 -37.67
C GLN C 69 16.95 -1.95 -38.29
N ASN C 70 16.44 -1.20 -39.28
CA ASN C 70 17.20 -0.20 -39.97
C ASN C 70 16.85 1.19 -39.43
N GLU C 71 17.81 1.79 -38.72
CA GLU C 71 17.67 3.10 -38.08
C GLU C 71 17.34 4.19 -39.10
N GLU C 72 17.88 4.08 -40.32
CA GLU C 72 17.62 5.06 -41.37
C GLU C 72 16.21 4.93 -41.92
N HIS C 73 15.69 3.69 -42.10
CA HIS C 73 14.30 3.46 -42.54
C HIS C 73 13.33 4.09 -41.54
N LEU C 74 13.62 3.96 -40.23
CA LEU C 74 12.79 4.53 -39.17
C LEU C 74 12.90 6.06 -39.07
N ALA C 75 14.11 6.62 -39.19
CA ALA C 75 14.31 8.07 -39.11
C ALA C 75 13.64 8.81 -40.28
N SER C 76 13.58 8.19 -41.46
CA SER C 76 12.96 8.81 -42.62
C SER C 76 11.47 8.42 -42.81
N LEU C 77 10.94 7.52 -41.96
CA LEU C 77 9.59 6.99 -42.06
C LEU C 77 8.49 8.06 -42.05
N ALA C 78 8.45 8.95 -41.05
CA ALA C 78 7.40 9.98 -40.99
C ALA C 78 7.38 10.86 -42.22
N GLY C 79 8.58 11.23 -42.69
CA GLY C 79 8.75 12.07 -43.86
C GLY C 79 8.25 11.37 -45.10
N ARG C 80 8.59 10.07 -45.24
CA ARG C 80 8.15 9.27 -46.38
C ARG C 80 6.65 9.02 -46.38
N VAL C 81 6.04 8.83 -45.19
CA VAL C 81 4.59 8.64 -45.05
C VAL C 81 3.90 9.96 -45.39
N THR C 82 4.44 11.09 -44.90
CA THR C 82 3.87 12.43 -45.17
C THR C 82 3.84 12.70 -46.67
N GLU C 83 4.87 12.26 -47.40
CA GLU C 83 4.93 12.42 -48.84
C GLU C 83 3.80 11.65 -49.53
N ALA C 84 3.49 10.44 -49.03
CA ALA C 84 2.44 9.62 -49.61
C ALA C 84 1.04 10.13 -49.31
N ILE C 85 0.78 10.65 -48.09
CA ILE C 85 -0.57 11.12 -47.74
C ILE C 85 -0.80 12.63 -48.01
N GLY C 86 0.26 13.38 -48.25
CA GLY C 86 0.19 14.81 -48.53
C GLY C 86 0.51 15.68 -47.32
N ALA C 87 1.09 16.89 -47.55
CA ALA C 87 1.42 17.80 -46.46
C ALA C 87 0.15 18.27 -45.73
N GLY C 88 0.25 18.42 -44.42
CA GLY C 88 -0.90 18.80 -43.60
C GLY C 88 -1.69 17.62 -43.11
N ASN C 89 -1.66 16.51 -43.86
CA ASN C 89 -2.39 15.30 -43.50
C ASN C 89 -1.63 14.45 -42.50
N LYS C 90 -2.37 13.88 -41.56
CA LYS C 90 -1.80 13.02 -40.53
C LYS C 90 -2.49 11.66 -40.49
N LEU C 91 -1.79 10.66 -39.97
CA LEU C 91 -2.34 9.33 -39.82
C LEU C 91 -3.31 9.34 -38.67
N ASP C 92 -4.34 8.50 -38.80
CA ASP C 92 -5.30 8.22 -37.75
C ASP C 92 -5.00 6.84 -37.09
N GLY C 93 -4.30 5.95 -37.80
CA GLY C 93 -4.04 4.61 -37.30
C GLY C 93 -2.71 4.02 -37.76
N VAL C 94 -2.18 3.08 -36.96
CA VAL C 94 -0.90 2.41 -37.20
C VAL C 94 -1.08 0.96 -36.80
N VAL C 95 -0.81 0.05 -37.72
CA VAL C 95 -0.90 -1.37 -37.43
C VAL C 95 0.50 -1.94 -37.52
N HIS C 96 0.97 -2.55 -36.44
CA HIS C 96 2.24 -3.26 -36.35
C HIS C 96 1.85 -4.73 -36.43
N SER C 97 2.15 -5.38 -37.54
CA SER C 97 1.86 -6.80 -37.70
C SER C 97 3.17 -7.44 -38.13
N ILE C 98 4.19 -7.25 -37.30
CA ILE C 98 5.55 -7.68 -37.57
C ILE C 98 6.00 -8.61 -36.49
N GLY C 99 6.56 -9.73 -36.88
CA GLY C 99 7.06 -10.73 -35.94
C GLY C 99 8.05 -11.64 -36.62
N PHE C 100 9.11 -11.99 -35.92
CA PHE C 100 10.11 -12.90 -36.43
C PHE C 100 10.95 -13.49 -35.29
N MET C 101 11.28 -14.77 -35.41
CA MET C 101 12.19 -15.41 -34.48
C MET C 101 12.97 -16.45 -35.26
N PRO C 102 14.32 -16.36 -35.31
CA PRO C 102 15.09 -17.40 -36.01
C PRO C 102 14.68 -18.82 -35.63
N GLN C 103 14.85 -19.78 -36.56
CA GLN C 103 14.48 -21.17 -36.39
C GLN C 103 15.00 -21.77 -35.10
N THR C 104 16.21 -21.36 -34.66
CA THR C 104 16.83 -21.82 -33.41
C THR C 104 16.00 -21.45 -32.17
N GLY C 105 15.20 -20.40 -32.25
CA GLY C 105 14.38 -19.95 -31.14
C GLY C 105 12.94 -20.40 -31.20
N MET C 106 12.57 -21.26 -32.18
CA MET C 106 11.19 -21.71 -32.31
C MET C 106 11.03 -23.24 -32.47
N GLY C 107 11.82 -24.00 -31.74
CA GLY C 107 11.72 -25.45 -31.69
C GLY C 107 11.72 -26.21 -32.98
N ASN C 109 14.83 -27.82 -32.13
CA ASN C 109 15.87 -27.12 -31.41
C ASN C 109 15.45 -26.89 -29.98
N PRO C 110 16.11 -27.54 -29.02
CA PRO C 110 15.74 -27.33 -27.61
C PRO C 110 15.79 -25.86 -27.19
N PHE C 111 14.88 -25.45 -26.29
CA PHE C 111 14.79 -24.08 -25.80
C PHE C 111 16.12 -23.51 -25.31
N PHE C 112 16.94 -24.33 -24.64
CA PHE C 112 18.23 -23.90 -24.11
C PHE C 112 19.30 -23.69 -25.16
N ASP C 113 19.10 -24.17 -26.41
CA ASP C 113 20.09 -24.08 -27.46
C ASP C 113 19.93 -22.86 -28.41
N ALA C 114 18.99 -21.95 -28.13
CA ALA C 114 18.82 -20.75 -28.96
C ALA C 114 19.97 -19.77 -28.62
N PRO C 115 20.93 -19.45 -29.52
CA PRO C 115 21.97 -18.47 -29.14
C PRO C 115 21.34 -17.10 -28.91
N TYR C 116 21.90 -16.32 -27.97
CA TYR C 116 21.35 -15.01 -27.67
C TYR C 116 21.30 -14.09 -28.88
N ALA C 117 22.26 -14.14 -29.81
CA ALA C 117 22.22 -13.29 -31.00
C ALA C 117 20.93 -13.50 -31.81
N ASP C 118 20.40 -14.73 -31.83
CA ASP C 118 19.18 -15.10 -32.56
C ASP C 118 17.95 -14.61 -31.78
N VAL C 119 17.97 -14.80 -30.46
CA VAL C 119 16.90 -14.37 -29.57
C VAL C 119 16.78 -12.84 -29.62
N SER C 120 17.92 -12.15 -29.52
CA SER C 120 18.02 -10.68 -29.55
C SER C 120 17.45 -10.13 -30.85
N LYS C 121 17.78 -10.76 -32.01
CA LYS C 121 17.26 -10.36 -33.31
C LYS C 121 15.74 -10.51 -33.33
N GLY C 122 15.24 -11.65 -32.82
CA GLY C 122 13.80 -11.88 -32.69
C GLY C 122 13.09 -10.89 -31.80
N ILE C 123 13.69 -10.51 -30.67
CA ILE C 123 13.09 -9.54 -29.74
C ILE C 123 13.13 -8.13 -30.35
N HIS C 124 14.17 -7.80 -31.14
CA HIS C 124 14.28 -6.51 -31.80
C HIS C 124 13.09 -6.32 -32.75
N ILE C 125 12.87 -7.30 -33.62
CA ILE C 125 11.79 -7.27 -34.60
C ILE C 125 10.40 -7.40 -33.99
N SER C 126 10.21 -8.39 -33.11
CA SER C 126 8.89 -8.68 -32.56
C SER C 126 8.43 -7.80 -31.39
N ALA C 127 9.35 -7.27 -30.55
CA ALA C 127 8.92 -6.47 -29.38
C ALA C 127 9.41 -4.99 -29.39
N TYR C 128 10.74 -4.76 -29.50
CA TYR C 128 11.32 -3.41 -29.52
C TYR C 128 10.75 -2.58 -30.67
N SER C 129 10.63 -3.18 -31.88
CA SER C 129 10.12 -2.45 -33.04
C SER C 129 8.72 -1.82 -32.83
N TYR C 130 7.95 -2.27 -31.81
CA TYR C 130 6.64 -1.65 -31.52
C TYR C 130 6.87 -0.23 -30.99
N ALA C 131 7.87 -0.06 -30.12
CA ALA C 131 8.24 1.27 -29.62
C ALA C 131 8.92 2.09 -30.73
N SER C 132 9.77 1.48 -31.59
CA SER C 132 10.44 2.19 -32.70
C SER C 132 9.42 2.79 -33.63
N MET C 133 8.38 2.02 -34.00
CA MET C 133 7.38 2.50 -34.91
C MET C 133 6.57 3.61 -34.29
N ALA C 134 6.16 3.45 -33.02
CA ALA C 134 5.42 4.48 -32.32
C ALA C 134 6.22 5.78 -32.22
N LYS C 135 7.50 5.70 -31.86
CA LYS C 135 8.37 6.89 -31.78
C LYS C 135 8.44 7.64 -33.13
N ALA C 136 8.53 6.89 -34.22
CA ALA C 136 8.63 7.46 -35.56
C ALA C 136 7.30 8.05 -36.04
N LEU C 137 6.17 7.38 -35.77
CA LEU C 137 4.88 7.80 -36.30
C LEU C 137 4.03 8.69 -35.40
N LEU C 138 4.25 8.70 -34.09
CA LEU C 138 3.44 9.53 -33.18
C LEU C 138 3.41 11.03 -33.55
N PRO C 139 4.54 11.67 -33.92
CA PRO C 139 4.50 13.10 -34.31
C PRO C 139 3.62 13.43 -35.54
N ILE C 140 3.24 12.41 -36.32
CA ILE C 140 2.36 12.55 -37.47
C ILE C 140 1.02 11.81 -37.25
N MET C 141 0.59 11.65 -35.99
CA MET C 141 -0.70 11.03 -35.70
C MET C 141 -1.66 12.06 -35.13
N ASN C 142 -2.93 11.95 -35.52
CA ASN C 142 -3.99 12.83 -35.07
C ASN C 142 -4.50 12.39 -33.69
N PRO C 143 -4.95 13.36 -32.86
CA PRO C 143 -5.60 13.00 -31.58
C PRO C 143 -6.84 12.14 -31.86
N GLY C 144 -7.08 11.15 -31.01
CA GLY C 144 -8.13 10.18 -31.25
C GLY C 144 -7.64 8.98 -32.06
N GLY C 145 -6.37 9.01 -32.46
CA GLY C 145 -5.72 7.96 -33.22
C GLY C 145 -5.50 6.69 -32.43
N SER C 146 -5.08 5.64 -33.14
CA SER C 146 -4.91 4.33 -32.52
C SER C 146 -3.71 3.54 -33.08
N ILE C 147 -2.92 2.95 -32.20
CA ILE C 147 -1.80 2.09 -32.60
C ILE C 147 -2.17 0.69 -32.17
N VAL C 148 -2.11 -0.30 -33.09
CA VAL C 148 -2.45 -1.68 -32.80
C VAL C 148 -1.30 -2.60 -33.17
N GLY C 149 -0.92 -3.49 -32.28
CA GLY C 149 0.09 -4.51 -32.51
C GLY C 149 -0.50 -5.91 -32.44
N MET C 150 0.20 -6.90 -32.98
CA MET C 150 -0.28 -8.29 -32.96
C MET C 150 0.45 -9.11 -31.88
N ASP C 151 -0.33 -9.75 -31.03
CA ASP C 151 0.15 -10.51 -29.90
C ASP C 151 -0.38 -11.95 -29.98
N PHE C 152 0.32 -12.88 -29.32
CA PHE C 152 -0.11 -14.26 -29.14
C PHE C 152 0.07 -14.43 -27.66
N ASP C 153 -1.03 -14.57 -26.89
CA ASP C 153 -1.05 -14.67 -25.42
C ASP C 153 0.12 -15.47 -24.84
N PRO C 154 1.07 -14.79 -24.16
CA PRO C 154 2.23 -15.48 -23.61
C PRO C 154 2.20 -15.70 -22.10
N SER C 155 1.04 -15.54 -21.46
CA SER C 155 0.89 -15.69 -20.01
C SER C 155 1.24 -17.10 -19.51
N ARG C 156 1.13 -18.11 -20.38
N ARG C 156 1.15 -18.10 -20.39
CA ARG C 156 1.47 -19.50 -20.05
CA ARG C 156 1.50 -19.48 -20.06
C ARG C 156 2.40 -20.04 -21.13
C ARG C 156 2.42 -20.02 -21.13
N ALA C 157 3.44 -20.79 -20.74
CA ALA C 157 4.39 -21.36 -21.68
C ALA C 157 3.74 -22.38 -22.64
N MET C 158 4.24 -22.43 -23.89
CA MET C 158 3.73 -23.31 -24.93
C MET C 158 4.88 -24.03 -25.59
N PRO C 159 4.75 -25.31 -25.93
CA PRO C 159 5.84 -25.97 -26.69
C PRO C 159 5.99 -25.40 -28.09
N ALA C 160 7.20 -25.52 -28.66
CA ALA C 160 7.63 -25.10 -29.99
C ALA C 160 7.73 -23.59 -30.18
N TYR C 161 6.73 -22.80 -29.71
CA TYR C 161 6.78 -21.32 -29.82
C TYR C 161 8.01 -20.73 -29.13
N ASN C 162 8.47 -21.40 -28.05
CA ASN C 162 9.67 -21.14 -27.28
C ASN C 162 10.04 -19.64 -27.11
N TRP C 163 11.12 -19.14 -27.75
CA TRP C 163 11.52 -17.75 -27.57
C TRP C 163 10.58 -16.75 -28.23
N MET C 164 9.66 -17.17 -29.12
CA MET C 164 8.66 -16.24 -29.66
C MET C 164 7.68 -15.85 -28.55
N THR C 165 7.35 -16.79 -27.64
CA THR C 165 6.51 -16.50 -26.48
C THR C 165 7.20 -15.48 -25.57
N VAL C 166 8.52 -15.60 -25.39
CA VAL C 166 9.30 -14.69 -24.58
C VAL C 166 9.26 -13.28 -25.18
N ALA C 167 9.34 -13.18 -26.54
CA ALA C 167 9.28 -11.90 -27.24
C ALA C 167 7.87 -11.27 -27.09
N LYS C 168 6.80 -12.11 -27.13
CA LYS C 168 5.43 -11.63 -26.93
C LYS C 168 5.20 -11.09 -25.52
N SER C 169 5.81 -11.70 -24.51
CA SER C 169 5.75 -11.16 -23.13
C SER C 169 6.43 -9.78 -23.10
N ALA C 170 7.58 -9.63 -23.77
CA ALA C 170 8.28 -8.33 -23.82
C ALA C 170 7.39 -7.32 -24.56
N LEU C 171 6.76 -7.75 -25.68
CA LEU C 171 5.85 -6.92 -26.47
C LEU C 171 4.70 -6.38 -25.60
N GLU C 172 4.06 -7.23 -24.80
CA GLU C 172 2.97 -6.78 -23.92
C GLU C 172 3.45 -5.68 -22.95
N SER C 173 4.67 -5.81 -22.45
CA SER C 173 5.24 -4.83 -21.53
C SER C 173 5.55 -3.54 -22.30
N VAL C 174 6.07 -3.64 -23.52
CA VAL C 174 6.36 -2.49 -24.39
C VAL C 174 5.05 -1.69 -24.66
N ASN C 175 3.97 -2.39 -25.01
CA ASN C 175 2.68 -1.78 -25.29
C ASN C 175 2.16 -0.86 -24.14
N ARG C 176 2.37 -1.27 -22.88
CA ARG C 176 1.98 -0.51 -21.68
C ARG C 176 2.76 0.80 -21.56
N PHE C 177 4.01 0.80 -21.97
CA PHE C 177 4.86 1.99 -22.00
C PHE C 177 4.59 2.84 -23.23
N VAL C 178 4.31 2.23 -24.38
CA VAL C 178 3.93 2.98 -25.59
C VAL C 178 2.61 3.74 -25.31
N ALA C 179 1.68 3.14 -24.57
CA ALA C 179 0.42 3.80 -24.20
C ALA C 179 0.64 5.09 -23.41
N ARG C 180 1.63 5.10 -22.51
CA ARG C 180 1.99 6.28 -21.72
C ARG C 180 2.42 7.45 -22.61
N GLU C 181 3.28 7.17 -23.60
CA GLU C 181 3.80 8.15 -24.54
C GLU C 181 2.72 8.58 -25.54
N ALA C 182 1.98 7.60 -26.08
CA ALA C 182 0.94 7.87 -27.06
C ALA C 182 -0.20 8.69 -26.44
N GLY C 183 -0.46 8.50 -25.14
CA GLY C 183 -1.48 9.21 -24.41
C GLY C 183 -1.31 10.72 -24.47
N LYS C 184 -0.04 11.20 -24.53
CA LYS C 184 0.28 12.64 -24.66
C LYS C 184 -0.25 13.22 -25.99
N TYR C 185 -0.39 12.38 -27.01
CA TYR C 185 -0.90 12.77 -28.32
C TYR C 185 -2.42 12.50 -28.48
N GLY C 186 -3.10 12.08 -27.41
CA GLY C 186 -4.48 11.64 -27.46
C GLY C 186 -4.60 10.32 -28.21
N VAL C 187 -3.54 9.47 -28.19
CA VAL C 187 -3.52 8.24 -28.97
C VAL C 187 -3.52 6.97 -28.13
N ARG C 188 -4.32 5.97 -28.54
CA ARG C 188 -4.39 4.70 -27.85
C ARG C 188 -3.33 3.74 -28.42
N SER C 189 -2.87 2.79 -27.62
CA SER C 189 -1.93 1.78 -28.07
C SER C 189 -2.43 0.47 -27.49
N ASN C 190 -2.76 -0.50 -28.34
CA ASN C 190 -3.30 -1.78 -27.88
C ASN C 190 -2.80 -2.95 -28.74
N LEU C 191 -2.89 -4.14 -28.19
CA LEU C 191 -2.50 -5.35 -28.86
C LEU C 191 -3.73 -6.23 -29.06
N VAL C 192 -3.72 -7.02 -30.14
CA VAL C 192 -4.77 -7.99 -30.40
C VAL C 192 -4.09 -9.30 -30.23
N ALA C 193 -4.49 -10.05 -29.19
CA ALA C 193 -3.94 -11.39 -29.00
C ALA C 193 -4.82 -12.34 -29.81
N ALA C 194 -4.27 -12.82 -30.91
CA ALA C 194 -4.99 -13.73 -31.78
C ALA C 194 -4.69 -15.19 -31.46
N GLY C 195 -5.63 -16.07 -31.77
CA GLY C 195 -5.38 -17.50 -31.69
C GLY C 195 -4.51 -17.91 -32.88
N PRO C 196 -4.15 -19.21 -33.03
CA PRO C 196 -3.29 -19.60 -34.16
C PRO C 196 -3.92 -19.35 -35.55
N ILE C 197 -3.10 -18.85 -36.48
CA ILE C 197 -3.52 -18.54 -37.85
C ILE C 197 -2.58 -19.23 -38.84
N ARG C 198 -3.16 -19.88 -39.85
CA ARG C 198 -2.38 -20.61 -40.84
C ARG C 198 -1.78 -19.70 -41.89
N THR C 199 -0.76 -18.94 -41.51
CA THR C 199 -0.02 -18.13 -42.47
C THR C 199 0.88 -19.11 -43.26
N LEU C 200 1.69 -18.62 -44.23
CA LEU C 200 2.56 -19.53 -44.98
C LEU C 200 3.61 -20.13 -44.02
N ALA C 201 4.23 -19.27 -43.18
CA ALA C 201 5.22 -19.76 -42.20
C ALA C 201 4.63 -20.78 -41.18
N MET C 202 3.43 -20.51 -40.63
CA MET C 202 2.83 -21.45 -39.68
C MET C 202 2.38 -22.73 -40.36
N SER C 203 1.93 -22.65 -41.62
CA SER C 203 1.52 -23.86 -42.34
C SER C 203 2.76 -24.73 -42.61
N ALA C 204 3.90 -24.11 -42.98
CA ALA C 204 5.14 -24.83 -43.22
C ALA C 204 5.61 -25.53 -41.92
N ILE C 205 5.48 -24.86 -40.78
CA ILE C 205 5.86 -25.44 -39.48
C ILE C 205 4.97 -26.63 -39.11
N VAL C 206 3.63 -26.51 -39.25
CA VAL C 206 2.75 -27.64 -39.00
C VAL C 206 3.07 -28.80 -39.98
N GLY C 207 3.50 -28.47 -41.19
CA GLY C 207 3.92 -29.45 -42.19
C GLY C 207 5.27 -30.10 -41.94
N GLY C 208 5.94 -29.75 -40.83
CA GLY C 208 7.22 -30.34 -40.45
C GLY C 208 8.51 -29.64 -40.85
N ALA C 209 8.46 -28.35 -41.26
CA ALA C 209 9.66 -27.61 -41.68
C ALA C 209 10.70 -27.36 -40.56
N LEU C 210 10.26 -27.29 -39.30
CA LEU C 210 11.15 -27.10 -38.14
C LEU C 210 11.31 -28.44 -37.33
N GLY C 211 11.02 -29.57 -37.97
CA GLY C 211 11.05 -30.88 -37.34
C GLY C 211 9.65 -31.40 -37.06
N GLU C 212 9.49 -32.74 -37.05
CA GLU C 212 8.21 -33.40 -36.80
C GLU C 212 7.62 -33.07 -35.42
N GLU C 213 8.46 -33.07 -34.38
CA GLU C 213 8.00 -32.74 -33.03
C GLU C 213 7.39 -31.35 -32.95
N ALA C 214 8.06 -30.32 -33.52
CA ALA C 214 7.55 -28.96 -33.51
C ALA C 214 6.18 -28.87 -34.20
N GLY C 215 6.06 -29.51 -35.37
CA GLY C 215 4.81 -29.55 -36.11
C GLY C 215 3.68 -30.21 -35.33
N ALA C 216 3.98 -31.33 -34.67
CA ALA C 216 2.99 -32.07 -33.88
C ALA C 216 2.54 -31.26 -32.65
N GLN C 217 3.45 -30.51 -32.05
CA GLN C 217 3.16 -29.68 -30.89
C GLN C 217 2.26 -28.51 -31.26
N ILE C 218 2.43 -27.93 -32.46
CA ILE C 218 1.58 -26.82 -32.91
C ILE C 218 0.18 -27.33 -33.26
N GLN C 219 0.10 -28.49 -33.91
CA GLN C 219 -1.18 -29.10 -34.27
C GLN C 219 -2.01 -29.39 -33.01
N LEU C 220 -1.36 -29.91 -31.94
CA LEU C 220 -2.03 -30.16 -30.67
C LEU C 220 -2.60 -28.87 -30.09
N LEU C 221 -1.80 -27.79 -30.09
CA LEU C 221 -2.22 -26.48 -29.59
C LEU C 221 -3.44 -25.98 -30.38
N GLU C 222 -3.39 -26.10 -31.73
CA GLU C 222 -4.49 -25.73 -32.63
C GLU C 222 -5.75 -26.50 -32.31
N GLU C 223 -5.62 -27.81 -32.11
CA GLU C 223 -6.74 -28.68 -31.82
C GLU C 223 -7.38 -28.33 -30.47
N GLY C 224 -6.55 -28.04 -29.48
CA GLY C 224 -7.04 -27.66 -28.16
C GLY C 224 -7.72 -26.30 -28.18
N TRP C 225 -7.23 -25.39 -29.04
CA TRP C 225 -7.75 -24.02 -29.13
C TRP C 225 -9.21 -24.01 -29.53
N ASP C 226 -9.53 -24.71 -30.61
CA ASP C 226 -10.90 -24.81 -31.12
C ASP C 226 -11.79 -25.50 -30.08
N GLN C 227 -11.27 -26.52 -29.37
CA GLN C 227 -12.05 -27.25 -28.35
C GLN C 227 -12.40 -26.34 -27.16
N ARG C 228 -11.42 -25.60 -26.64
CA ARG C 228 -11.63 -24.69 -25.51
C ARG C 228 -12.44 -23.45 -25.87
N ALA C 229 -12.37 -23.00 -27.12
CA ALA C 229 -13.11 -21.80 -27.55
C ALA C 229 -14.61 -22.04 -27.50
N PRO C 230 -15.37 -21.30 -26.65
CA PRO C 230 -16.83 -21.50 -26.63
C PRO C 230 -17.51 -21.21 -27.97
N ILE C 231 -16.92 -20.39 -28.84
CA ILE C 231 -17.50 -20.15 -30.18
C ILE C 231 -16.66 -20.78 -31.33
N GLY C 232 -15.72 -21.65 -30.98
CA GLY C 232 -14.86 -22.31 -31.94
C GLY C 232 -13.74 -21.38 -32.39
N TRP C 233 -12.74 -21.95 -33.06
CA TRP C 233 -11.64 -21.19 -33.61
C TRP C 233 -11.28 -21.80 -34.96
N ASN C 234 -11.36 -21.00 -36.01
CA ASN C 234 -11.00 -21.45 -37.35
C ASN C 234 -9.62 -20.87 -37.66
N MET C 235 -8.56 -21.69 -37.48
CA MET C 235 -7.18 -21.28 -37.74
C MET C 235 -6.92 -20.87 -39.23
N LYS C 236 -7.86 -21.21 -40.14
CA LYS C 236 -7.74 -20.87 -41.54
C LYS C 236 -8.52 -19.62 -41.93
N ASP C 237 -8.99 -18.84 -40.96
CA ASP C 237 -9.77 -17.66 -41.22
C ASP C 237 -9.26 -16.50 -40.38
N ALA C 238 -8.58 -15.54 -41.02
CA ALA C 238 -8.03 -14.36 -40.37
C ALA C 238 -9.02 -13.19 -40.28
N THR C 239 -10.17 -13.26 -40.96
CA THR C 239 -11.17 -12.20 -40.94
C THR C 239 -11.63 -11.86 -39.49
N PRO C 240 -11.87 -12.83 -38.57
CA PRO C 240 -12.26 -12.45 -37.20
C PRO C 240 -11.18 -11.62 -36.49
N VAL C 241 -9.91 -11.88 -36.80
CA VAL C 241 -8.78 -11.13 -36.22
C VAL C 241 -8.68 -9.74 -36.87
N ALA C 242 -8.81 -9.69 -38.20
CA ALA C 242 -8.79 -8.45 -38.98
C ALA C 242 -9.88 -7.48 -38.51
N LYS C 243 -11.09 -8.01 -38.22
CA LYS C 243 -12.24 -7.21 -37.75
C LYS C 243 -11.95 -6.61 -36.36
N THR C 244 -11.28 -7.39 -35.49
CA THR C 244 -10.94 -6.95 -34.14
C THR C 244 -9.92 -5.81 -34.19
N VAL C 245 -8.94 -5.91 -35.10
CA VAL C 245 -7.93 -4.87 -35.28
C VAL C 245 -8.63 -3.60 -35.75
N CYS C 246 -9.54 -3.72 -36.72
CA CYS C 246 -10.31 -2.60 -37.20
C CYS C 246 -11.18 -1.96 -36.12
N ALA C 247 -11.80 -2.73 -35.23
CA ALA C 247 -12.57 -2.19 -34.10
C ALA C 247 -11.67 -1.35 -33.17
N LEU C 248 -10.41 -1.77 -32.97
CA LEU C 248 -9.46 -0.99 -32.18
C LEU C 248 -9.00 0.26 -32.94
N LEU C 249 -8.86 0.15 -34.27
CA LEU C 249 -8.51 1.32 -35.09
C LEU C 249 -9.67 2.35 -35.14
N SER C 250 -10.93 1.90 -34.98
CA SER C 250 -12.11 2.76 -35.05
C SER C 250 -12.29 3.63 -33.77
N ASP C 251 -13.33 4.48 -33.73
CA ASP C 251 -13.65 5.32 -32.57
C ASP C 251 -14.51 4.53 -31.53
N TRP C 252 -14.77 3.23 -31.76
CA TRP C 252 -15.67 2.45 -30.94
C TRP C 252 -15.03 1.78 -29.72
N LEU C 253 -13.72 1.95 -29.53
CA LEU C 253 -13.02 1.51 -28.31
C LEU C 253 -12.17 2.70 -27.84
N PRO C 254 -12.82 3.81 -27.43
CA PRO C 254 -12.05 5.03 -27.14
C PRO C 254 -11.49 5.16 -25.74
N ALA C 255 -11.94 4.33 -24.82
CA ALA C 255 -11.43 4.37 -23.45
C ALA C 255 -10.46 3.20 -23.18
N THR C 256 -9.96 2.52 -24.22
CA THR C 256 -9.06 1.38 -24.04
C THR C 256 -7.67 1.69 -24.54
N THR C 257 -6.66 1.56 -23.69
CA THR C 257 -5.26 1.77 -24.04
C THR C 257 -4.31 0.94 -23.14
N GLY C 258 -3.11 0.68 -23.61
CA GLY C 258 -2.11 -0.15 -22.93
C GLY C 258 -2.63 -1.55 -22.69
N ASP C 259 -3.67 -1.94 -23.39
CA ASP C 259 -4.40 -3.16 -23.18
C ASP C 259 -4.28 -4.17 -24.31
N ILE C 260 -4.89 -5.34 -24.06
CA ILE C 260 -4.90 -6.46 -24.97
C ILE C 260 -6.32 -6.92 -25.15
N ILE C 261 -6.76 -7.00 -26.39
CA ILE C 261 -8.08 -7.52 -26.75
C ILE C 261 -7.83 -8.92 -27.31
N TYR C 262 -8.57 -9.91 -26.83
CA TYR C 262 -8.35 -11.28 -27.28
C TYR C 262 -9.30 -11.70 -28.39
N ALA C 263 -8.76 -11.91 -29.60
CA ALA C 263 -9.55 -12.41 -30.72
C ALA C 263 -9.06 -13.85 -30.86
N ASP C 264 -9.57 -14.74 -30.01
CA ASP C 264 -9.10 -16.11 -29.89
C ASP C 264 -10.21 -17.15 -29.71
N GLY C 265 -11.44 -16.76 -30.00
CA GLY C 265 -12.61 -17.60 -29.82
C GLY C 265 -13.00 -17.81 -28.37
N GLY C 266 -12.37 -17.08 -27.44
CA GLY C 266 -12.57 -17.22 -26.00
C GLY C 266 -11.77 -18.37 -25.37
N ALA C 267 -10.85 -18.97 -26.13
CA ALA C 267 -10.04 -20.09 -25.64
C ALA C 267 -9.23 -19.78 -24.38
N HIS C 268 -8.67 -18.56 -24.25
CA HIS C 268 -7.87 -18.22 -23.04
C HIS C 268 -8.70 -18.12 -21.76
N THR C 269 -10.02 -18.13 -21.88
CA THR C 269 -10.91 -18.01 -20.71
C THR C 269 -11.41 -19.38 -20.24
N GLN C 270 -10.99 -20.48 -20.90
CA GLN C 270 -11.46 -21.84 -20.60
C GLN C 270 -10.25 -22.76 -20.46
N LEU C 271 -10.27 -23.62 -19.44
CA LEU C 271 -9.24 -24.60 -19.16
C LEU C 271 -9.46 -25.84 -20.06
N LEU C 272 -10.70 -26.27 -20.20
CA LEU C 272 -11.05 -27.45 -20.98
C LEU C 272 -12.48 -27.29 -21.51
N GLY D 6 18.39 -24.58 10.12
CA GLY D 6 18.08 -25.97 9.81
C GLY D 6 17.24 -26.12 8.57
N LEU D 7 16.57 -25.03 8.11
CA LEU D 7 15.70 -25.06 6.92
C LEU D 7 16.39 -25.57 5.66
N LEU D 8 17.67 -25.23 5.47
CA LEU D 8 18.40 -25.66 4.28
C LEU D 8 19.60 -26.55 4.63
N ASP D 9 19.51 -27.28 5.72
CA ASP D 9 20.60 -28.10 6.27
C ASP D 9 21.26 -29.08 5.32
N GLY D 10 22.54 -28.84 5.03
CA GLY D 10 23.31 -29.70 4.14
C GLY D 10 22.96 -29.59 2.67
N LYS D 11 22.34 -28.48 2.27
CA LYS D 11 22.01 -28.26 0.86
C LYS D 11 23.13 -27.46 0.23
N ARG D 12 23.54 -27.81 -0.99
CA ARG D 12 24.60 -27.09 -1.68
C ARG D 12 23.94 -26.12 -2.61
N ILE D 13 24.18 -24.82 -2.41
CA ILE D 13 23.48 -23.80 -3.18
C ILE D 13 24.40 -22.80 -3.84
N LEU D 14 24.18 -22.56 -5.12
CA LEU D 14 24.94 -21.55 -5.85
C LEU D 14 24.14 -20.25 -5.73
N VAL D 15 24.79 -19.15 -5.36
CA VAL D 15 24.14 -17.85 -5.26
C VAL D 15 24.95 -16.86 -6.11
N SER D 16 24.32 -16.33 -7.16
CA SER D 16 24.94 -15.32 -8.02
C SER D 16 24.44 -13.92 -7.62
N GLY D 17 25.13 -12.86 -8.03
CA GLY D 17 24.64 -11.51 -7.82
C GLY D 17 25.10 -10.68 -6.64
N ILE D 18 26.11 -11.14 -5.89
CA ILE D 18 26.64 -10.30 -4.81
C ILE D 18 27.59 -9.31 -5.48
N ILE D 19 27.34 -8.00 -5.29
CA ILE D 19 28.26 -6.94 -5.73
C ILE D 19 28.66 -6.13 -4.50
N THR D 20 27.69 -5.78 -3.63
CA THR D 20 27.92 -5.05 -2.37
C THR D 20 27.22 -5.78 -1.20
N ASP D 21 27.43 -5.32 0.05
CA ASP D 21 26.75 -5.93 1.19
C ASP D 21 25.28 -5.46 1.32
N SER D 22 24.79 -4.60 0.40
CA SER D 22 23.38 -4.23 0.37
C SER D 22 22.61 -5.04 -0.73
N SER D 23 23.34 -5.78 -1.61
CA SER D 23 22.78 -6.64 -2.67
C SER D 23 21.76 -7.58 -2.10
N ILE D 24 20.65 -7.84 -2.82
CA ILE D 24 19.66 -8.83 -2.34
C ILE D 24 20.33 -10.21 -2.21
N ALA D 25 21.25 -10.54 -3.13
CA ALA D 25 21.99 -11.80 -3.08
C ALA D 25 22.87 -11.96 -1.85
N PHE D 26 23.36 -10.84 -1.27
CA PHE D 26 24.17 -10.91 -0.06
C PHE D 26 23.28 -11.37 1.09
N HIS D 27 22.05 -10.84 1.19
CA HIS D 27 21.14 -11.21 2.26
C HIS D 27 20.60 -12.60 2.04
N ILE D 28 20.36 -13.00 0.78
CA ILE D 28 19.92 -14.39 0.49
C ILE D 28 21.01 -15.37 0.96
N ALA D 29 22.28 -15.04 0.69
CA ALA D 29 23.42 -15.89 1.08
C ALA D 29 23.57 -15.96 2.60
N ARG D 30 23.37 -14.82 3.27
CA ARG D 30 23.44 -14.69 4.70
C ARG D 30 22.36 -15.59 5.35
N VAL D 31 21.10 -15.43 4.94
CA VAL D 31 20.02 -16.21 5.52
C VAL D 31 20.17 -17.71 5.21
N ALA D 32 20.65 -18.03 4.00
CA ALA D 32 20.82 -19.42 3.62
C ALA D 32 21.90 -20.11 4.44
N GLN D 33 23.01 -19.42 4.71
CA GLN D 33 24.07 -19.98 5.53
C GLN D 33 23.60 -20.13 6.99
N GLU D 34 22.80 -19.17 7.49
CA GLU D 34 22.25 -19.29 8.85
C GLU D 34 21.37 -20.56 8.99
N GLN D 35 20.77 -21.00 7.89
CA GLN D 35 19.94 -22.17 7.81
C GLN D 35 20.69 -23.42 7.39
N GLY D 36 22.01 -23.47 7.58
CA GLY D 36 22.83 -24.64 7.31
C GLY D 36 23.19 -24.97 5.87
N ALA D 37 22.95 -24.03 4.93
CA ALA D 37 23.31 -24.29 3.53
C ALA D 37 24.80 -24.12 3.34
N GLN D 38 25.35 -24.92 2.43
CA GLN D 38 26.74 -24.90 2.03
C GLN D 38 26.73 -24.15 0.71
N LEU D 39 27.35 -22.97 0.65
CA LEU D 39 27.28 -22.14 -0.56
C LEU D 39 28.47 -22.17 -1.49
N VAL D 40 28.19 -21.89 -2.76
CA VAL D 40 29.11 -21.65 -3.84
C VAL D 40 28.60 -20.31 -4.40
N LEU D 41 29.48 -19.32 -4.49
CA LEU D 41 29.06 -17.99 -4.95
C LEU D 41 29.65 -17.68 -6.31
N THR D 42 28.96 -16.84 -7.07
CA THR D 42 29.49 -16.36 -8.33
C THR D 42 29.52 -14.83 -8.33
N GLY D 43 30.55 -14.28 -8.96
CA GLY D 43 30.71 -12.83 -9.07
C GLY D 43 31.19 -12.41 -10.45
N PHE D 44 31.04 -11.12 -10.79
CA PHE D 44 31.44 -10.64 -12.11
C PHE D 44 32.28 -9.38 -12.08
N ASP D 45 33.31 -9.34 -12.92
CA ASP D 45 34.20 -8.20 -13.14
C ASP D 45 35.09 -7.90 -11.92
N ARG D 46 34.58 -7.23 -10.87
CA ARG D 46 35.38 -6.88 -9.72
C ARG D 46 35.49 -8.07 -8.74
N LEU D 47 36.20 -9.14 -9.13
CA LEU D 47 36.30 -10.34 -8.29
C LEU D 47 37.02 -10.11 -6.96
N ARG D 48 38.10 -9.31 -6.96
CA ARG D 48 38.85 -9.04 -5.74
C ARG D 48 38.02 -8.20 -4.76
N LEU D 49 37.30 -7.18 -5.26
CA LEU D 49 36.45 -6.35 -4.42
C LEU D 49 35.24 -7.16 -3.91
N ILE D 50 34.72 -8.10 -4.73
CA ILE D 50 33.60 -8.97 -4.34
C ILE D 50 34.05 -9.96 -3.26
N GLN D 51 35.30 -10.46 -3.35
CA GLN D 51 35.88 -11.36 -2.34
C GLN D 51 35.82 -10.73 -0.93
N ARG D 52 36.13 -9.43 -0.80
CA ARG D 52 36.07 -8.75 0.50
C ARG D 52 34.62 -8.66 1.02
N ILE D 53 33.64 -8.57 0.10
CA ILE D 53 32.23 -8.53 0.46
C ILE D 53 31.78 -9.92 0.93
N THR D 54 32.11 -10.98 0.16
CA THR D 54 31.74 -12.36 0.49
C THR D 54 32.48 -12.86 1.74
N ASP D 55 33.66 -12.29 2.07
CA ASP D 55 34.36 -12.63 3.32
C ASP D 55 33.59 -12.07 4.54
N ARG D 56 32.57 -11.17 4.33
CA ARG D 56 31.67 -10.61 5.34
C ARG D 56 30.36 -11.40 5.47
N LEU D 57 30.23 -12.54 4.80
CA LEU D 57 29.06 -13.40 4.94
C LEU D 57 29.21 -14.21 6.24
N PRO D 58 28.13 -14.80 6.80
CA PRO D 58 28.28 -15.58 8.05
C PRO D 58 29.42 -16.60 8.02
N ALA D 59 29.71 -17.14 6.84
CA ALA D 59 30.80 -18.09 6.64
C ALA D 59 31.42 -17.85 5.27
N LYS D 60 32.75 -17.90 5.16
CA LYS D 60 33.43 -17.73 3.87
C LYS D 60 33.07 -18.91 2.97
N ALA D 61 32.85 -18.64 1.69
CA ALA D 61 32.45 -19.68 0.74
C ALA D 61 33.26 -19.53 -0.56
N PRO D 62 33.42 -20.59 -1.36
CA PRO D 62 34.16 -20.44 -2.62
C PRO D 62 33.49 -19.45 -3.57
N LEU D 63 34.29 -18.57 -4.16
CA LEU D 63 33.78 -17.58 -5.10
C LEU D 63 34.33 -17.89 -6.48
N LEU D 64 33.42 -18.07 -7.45
CA LEU D 64 33.75 -18.38 -8.84
C LEU D 64 33.37 -17.20 -9.74
N GLU D 65 34.08 -17.01 -10.86
CA GLU D 65 33.78 -15.94 -11.78
C GLU D 65 32.70 -16.37 -12.76
N LEU D 66 31.68 -15.51 -12.95
CA LEU D 66 30.63 -15.78 -13.90
C LEU D 66 30.13 -14.52 -14.51
N ASP D 67 30.48 -14.30 -15.77
CA ASP D 67 29.94 -13.19 -16.53
C ASP D 67 28.88 -13.91 -17.36
N VAL D 68 27.58 -13.68 -17.09
CA VAL D 68 26.52 -14.38 -17.82
C VAL D 68 26.50 -14.11 -19.32
N GLN D 69 27.19 -13.07 -19.79
CA GLN D 69 27.32 -12.82 -21.24
C GLN D 69 28.48 -13.63 -21.86
N ASN D 70 29.33 -14.27 -21.06
CA ASN D 70 30.47 -15.03 -21.53
C ASN D 70 30.09 -16.51 -21.67
N GLU D 71 30.03 -16.98 -22.92
CA GLU D 71 29.68 -18.37 -23.19
C GLU D 71 30.71 -19.36 -22.70
N GLU D 72 31.98 -18.94 -22.57
CA GLU D 72 33.01 -19.84 -22.03
C GLU D 72 32.87 -19.98 -20.53
N HIS D 73 32.51 -18.91 -19.82
CA HIS D 73 32.27 -18.96 -18.38
C HIS D 73 31.10 -19.90 -18.08
N LEU D 74 30.09 -19.93 -18.96
CA LEU D 74 28.92 -20.80 -18.83
C LEU D 74 29.25 -22.25 -19.17
N ALA D 75 30.07 -22.47 -20.21
CA ALA D 75 30.48 -23.82 -20.61
C ALA D 75 31.37 -24.47 -19.54
N SER D 76 32.22 -23.68 -18.86
CA SER D 76 33.08 -24.23 -17.81
C SER D 76 32.48 -24.17 -16.40
N LEU D 77 31.29 -23.57 -16.24
CA LEU D 77 30.69 -23.38 -14.93
C LEU D 77 30.46 -24.66 -14.11
N ALA D 78 29.79 -25.68 -14.66
CA ALA D 78 29.51 -26.92 -13.91
C ALA D 78 30.77 -27.65 -13.40
N GLY D 79 31.82 -27.69 -14.20
CA GLY D 79 33.10 -28.29 -13.82
C GLY D 79 33.80 -27.48 -12.75
N ARG D 80 33.66 -26.15 -12.80
CA ARG D 80 34.26 -25.27 -11.78
C ARG D 80 33.50 -25.42 -10.45
N VAL D 81 32.15 -25.58 -10.51
CA VAL D 81 31.33 -25.81 -9.33
C VAL D 81 31.71 -27.19 -8.74
N THR D 82 31.80 -28.23 -9.58
CA THR D 82 32.16 -29.58 -9.14
C THR D 82 33.55 -29.63 -8.46
N GLU D 83 34.46 -28.75 -8.89
CA GLU D 83 35.80 -28.65 -8.31
C GLU D 83 35.72 -28.04 -6.88
N ALA D 84 34.76 -27.12 -6.65
CA ALA D 84 34.56 -26.48 -5.35
C ALA D 84 33.77 -27.34 -4.36
N ILE D 85 32.69 -28.02 -4.82
CA ILE D 85 31.88 -28.85 -3.94
C ILE D 85 32.41 -30.28 -3.80
N GLY D 86 33.25 -30.73 -4.72
CA GLY D 86 33.81 -32.08 -4.68
C GLY D 86 33.11 -33.04 -5.62
N ALA D 87 33.88 -33.96 -6.23
CA ALA D 87 33.40 -34.96 -7.18
C ALA D 87 32.31 -35.81 -6.54
N GLY D 88 31.26 -36.11 -7.31
CA GLY D 88 30.14 -36.87 -6.80
C GLY D 88 29.09 -36.04 -6.10
N ASN D 89 29.40 -34.77 -5.76
CA ASN D 89 28.43 -33.90 -5.10
C ASN D 89 27.73 -33.02 -6.12
N LYS D 90 26.44 -32.76 -5.88
CA LYS D 90 25.65 -31.92 -6.77
C LYS D 90 25.00 -30.75 -6.02
N LEU D 91 24.50 -29.77 -6.77
CA LEU D 91 23.81 -28.63 -6.22
C LEU D 91 22.35 -28.98 -5.95
N ASP D 92 21.79 -28.47 -4.86
CA ASP D 92 20.35 -28.59 -4.56
C ASP D 92 19.61 -27.28 -4.87
N GLY D 93 20.35 -26.19 -5.11
CA GLY D 93 19.71 -24.91 -5.36
C GLY D 93 20.57 -23.93 -6.13
N VAL D 94 19.90 -23.10 -6.91
CA VAL D 94 20.56 -22.07 -7.67
C VAL D 94 19.79 -20.75 -7.49
N VAL D 95 20.49 -19.67 -7.16
CA VAL D 95 19.86 -18.37 -7.00
C VAL D 95 20.43 -17.42 -8.06
N HIS D 96 19.54 -16.90 -8.93
CA HIS D 96 19.87 -15.95 -9.96
C HIS D 96 19.42 -14.59 -9.38
N SER D 97 20.38 -13.74 -9.03
CA SER D 97 20.06 -12.42 -8.49
C SER D 97 20.84 -11.41 -9.31
N ILE D 98 20.64 -11.47 -10.63
CA ILE D 98 21.35 -10.67 -11.58
C ILE D 98 20.37 -9.79 -12.36
N GLY D 99 20.73 -8.54 -12.49
CA GLY D 99 19.94 -7.57 -13.23
C GLY D 99 20.85 -6.45 -13.71
N PHE D 100 20.57 -5.96 -14.91
CA PHE D 100 21.33 -4.87 -15.51
C PHE D 100 20.49 -4.25 -16.61
N MET D 101 20.56 -2.96 -16.71
CA MET D 101 19.92 -2.20 -17.76
C MET D 101 20.61 -0.87 -17.78
N PRO D 102 21.18 -0.48 -18.93
CA PRO D 102 21.85 0.83 -19.00
C PRO D 102 20.89 1.99 -18.69
N GLN D 103 21.47 3.12 -18.29
CA GLN D 103 20.74 4.32 -17.96
C GLN D 103 19.95 4.87 -19.17
N THR D 104 20.27 4.44 -20.39
CA THR D 104 19.49 4.81 -21.57
C THR D 104 18.10 4.13 -21.54
N GLY D 105 18.01 2.95 -20.92
CA GLY D 105 16.75 2.21 -20.83
C GLY D 105 16.08 2.17 -19.47
N MET D 106 16.68 2.77 -18.47
CA MET D 106 16.15 2.74 -17.10
C MET D 106 16.60 3.98 -16.35
N GLY D 107 15.66 4.74 -15.83
CA GLY D 107 15.97 5.97 -15.11
C GLY D 107 15.19 7.15 -15.65
N ILE D 108 15.88 8.26 -15.92
CA ILE D 108 15.27 9.49 -16.42
C ILE D 108 15.25 9.65 -17.95
N ASN D 109 15.83 8.72 -18.68
CA ASN D 109 15.88 8.82 -20.14
C ASN D 109 14.52 8.45 -20.70
N PRO D 110 14.03 9.21 -21.69
CA PRO D 110 12.74 8.87 -22.30
C PRO D 110 12.68 7.43 -22.81
N PHE D 111 11.53 6.82 -22.65
CA PHE D 111 11.30 5.44 -23.05
C PHE D 111 11.71 5.14 -24.51
N PHE D 112 11.30 6.01 -25.44
CA PHE D 112 11.62 5.86 -26.87
C PHE D 112 13.09 6.10 -27.21
N ASP D 113 13.88 6.65 -26.29
CA ASP D 113 15.28 6.97 -26.58
C ASP D 113 16.27 5.89 -26.14
N ALA D 114 15.80 4.68 -25.78
CA ALA D 114 16.73 3.61 -25.41
C ALA D 114 17.19 2.94 -26.69
N PRO D 115 18.49 3.03 -27.02
CA PRO D 115 18.98 2.34 -28.22
C PRO D 115 18.87 0.83 -28.00
N TYR D 116 18.53 0.08 -29.05
CA TYR D 116 18.35 -1.36 -28.91
C TYR D 116 19.60 -2.11 -28.44
N ALA D 117 20.83 -1.68 -28.78
CA ALA D 117 22.05 -2.38 -28.33
C ALA D 117 22.09 -2.45 -26.79
N ASP D 118 21.66 -1.38 -26.12
CA ASP D 118 21.58 -1.26 -24.66
C ASP D 118 20.42 -2.09 -24.11
N VAL D 119 19.21 -2.01 -24.72
CA VAL D 119 18.05 -2.83 -24.30
C VAL D 119 18.40 -4.32 -24.40
N SER D 120 18.98 -4.74 -25.51
CA SER D 120 19.38 -6.13 -25.72
C SER D 120 20.45 -6.61 -24.70
N LYS D 121 21.39 -5.75 -24.29
CA LYS D 121 22.39 -6.12 -23.29
C LYS D 121 21.66 -6.33 -21.95
N GLY D 122 20.75 -5.40 -21.60
CA GLY D 122 19.93 -5.51 -20.41
C GLY D 122 19.03 -6.73 -20.40
N ILE D 123 18.47 -7.12 -21.55
CA ILE D 123 17.64 -8.33 -21.65
C ILE D 123 18.50 -9.58 -21.57
N HIS D 124 19.70 -9.55 -22.16
CA HIS D 124 20.64 -10.67 -22.10
C HIS D 124 20.98 -10.99 -20.62
N ILE D 125 21.46 -9.97 -19.89
CA ILE D 125 21.86 -10.11 -18.50
C ILE D 125 20.69 -10.40 -17.57
N SER D 126 19.60 -9.64 -17.70
CA SER D 126 18.47 -9.76 -16.80
C SER D 126 17.51 -10.93 -17.08
N ALA D 127 17.36 -11.37 -18.34
CA ALA D 127 16.37 -12.41 -18.67
C ALA D 127 16.93 -13.67 -19.36
N TYR D 128 17.67 -13.56 -20.48
CA TYR D 128 18.23 -14.73 -21.17
C TYR D 128 19.13 -15.55 -20.25
N SER D 129 19.97 -14.87 -19.44
CA SER D 129 20.90 -15.52 -18.52
C SER D 129 20.25 -16.45 -17.50
N TYR D 130 18.95 -16.26 -17.23
CA TYR D 130 18.24 -17.18 -16.34
C TYR D 130 18.21 -18.59 -17.00
N ALA D 131 17.96 -18.62 -18.32
CA ALA D 131 17.93 -19.84 -19.09
C ALA D 131 19.35 -20.40 -19.30
N SER D 132 20.35 -19.55 -19.60
CA SER D 132 21.70 -20.04 -19.82
C SER D 132 22.37 -20.54 -18.51
N MET D 133 22.01 -19.98 -17.34
CA MET D 133 22.50 -20.47 -16.04
C MET D 133 21.85 -21.83 -15.74
N ALA D 134 20.53 -21.98 -16.02
CA ALA D 134 19.82 -23.22 -15.80
C ALA D 134 20.40 -24.29 -16.70
N LYS D 135 20.67 -23.97 -17.97
CA LYS D 135 21.27 -24.87 -18.93
C LYS D 135 22.62 -25.39 -18.43
N ALA D 136 23.42 -24.51 -17.81
CA ALA D 136 24.73 -24.84 -17.31
C ALA D 136 24.69 -25.68 -16.04
N LEU D 137 23.71 -25.41 -15.16
CA LEU D 137 23.71 -26.05 -13.85
C LEU D 137 22.77 -27.24 -13.69
N LEU D 138 21.72 -27.37 -14.52
CA LEU D 138 20.82 -28.52 -14.41
C LEU D 138 21.55 -29.88 -14.48
N PRO D 139 22.59 -30.10 -15.33
CA PRO D 139 23.28 -31.42 -15.29
C PRO D 139 24.00 -31.72 -13.97
N ILE D 140 24.18 -30.72 -13.10
CA ILE D 140 24.81 -30.95 -11.79
C ILE D 140 23.88 -30.63 -10.63
N MET D 141 22.56 -30.73 -10.84
CA MET D 141 21.60 -30.48 -9.77
C MET D 141 20.90 -31.78 -9.40
N ASN D 142 20.56 -31.94 -8.12
CA ASN D 142 19.87 -33.11 -7.61
C ASN D 142 18.38 -33.00 -7.82
N PRO D 143 17.66 -34.14 -7.95
CA PRO D 143 16.19 -34.08 -7.96
C PRO D 143 15.69 -33.49 -6.63
N GLY D 144 14.58 -32.77 -6.68
CA GLY D 144 14.08 -32.05 -5.51
C GLY D 144 14.67 -30.65 -5.42
N GLY D 145 15.64 -30.35 -6.29
CA GLY D 145 16.34 -29.07 -6.39
C GLY D 145 15.46 -27.89 -6.74
N SER D 146 16.03 -26.68 -6.65
CA SER D 146 15.27 -25.48 -6.88
C SER D 146 16.11 -24.35 -7.48
N ILE D 147 15.62 -23.75 -8.53
CA ILE D 147 16.27 -22.58 -9.17
C ILE D 147 15.35 -21.42 -8.83
N VAL D 148 15.90 -20.34 -8.28
CA VAL D 148 15.10 -19.16 -7.94
C VAL D 148 15.73 -17.93 -8.54
N GLY D 149 14.94 -17.13 -9.24
CA GLY D 149 15.41 -15.86 -9.79
C GLY D 149 14.71 -14.68 -9.13
N MET D 150 15.26 -13.47 -9.27
CA MET D 150 14.67 -12.26 -8.68
C MET D 150 13.90 -11.46 -9.71
N ASP D 151 12.67 -11.07 -9.36
CA ASP D 151 11.75 -10.35 -10.21
C ASP D 151 11.25 -9.05 -9.53
N PHE D 152 10.69 -8.15 -10.29
CA PHE D 152 10.01 -6.95 -9.79
C PHE D 152 8.80 -6.92 -10.74
N ASP D 153 7.60 -7.17 -10.19
CA ASP D 153 6.32 -7.29 -10.92
C ASP D 153 6.17 -6.28 -12.07
N PRO D 154 6.14 -6.76 -13.32
CA PRO D 154 6.07 -5.88 -14.47
C PRO D 154 4.71 -5.92 -15.19
N SER D 155 3.65 -6.44 -14.56
CA SER D 155 2.34 -6.53 -15.19
C SER D 155 1.69 -5.14 -15.50
N ARG D 156 2.22 -4.07 -14.92
CA ARG D 156 1.74 -2.70 -15.15
C ARG D 156 2.96 -1.78 -15.39
N ALA D 157 2.86 -0.85 -16.34
CA ALA D 157 3.94 0.10 -16.59
C ALA D 157 4.06 1.10 -15.42
N MET D 158 5.22 1.69 -15.26
CA MET D 158 5.47 2.62 -14.16
C MET D 158 6.54 3.63 -14.53
N PRO D 159 6.70 4.74 -13.79
CA PRO D 159 7.78 5.68 -14.12
C PRO D 159 9.16 5.06 -13.90
N ALA D 160 10.15 5.57 -14.64
CA ALA D 160 11.59 5.28 -14.57
C ALA D 160 12.03 3.84 -14.87
N TYR D 161 11.30 2.81 -14.45
CA TYR D 161 11.71 1.43 -14.63
C TYR D 161 11.87 1.04 -16.10
N ASN D 162 11.03 1.62 -16.97
CA ASN D 162 11.08 1.55 -18.42
C ASN D 162 11.49 0.16 -18.99
N TRP D 163 12.64 0.06 -19.66
CA TRP D 163 13.08 -1.15 -20.29
C TRP D 163 13.46 -2.25 -19.30
N MET D 164 13.70 -1.92 -18.02
CA MET D 164 13.92 -2.96 -17.02
C MET D 164 12.59 -3.71 -16.76
N THR D 165 11.44 -3.03 -16.85
CA THR D 165 10.12 -3.66 -16.73
C THR D 165 9.93 -4.67 -17.88
N VAL D 166 10.39 -4.31 -19.08
CA VAL D 166 10.31 -5.13 -20.27
C VAL D 166 11.17 -6.37 -20.05
N ALA D 167 12.40 -6.19 -19.55
CA ALA D 167 13.29 -7.29 -19.23
C ALA D 167 12.67 -8.21 -18.17
N LYS D 168 11.99 -7.65 -17.15
CA LYS D 168 11.34 -8.48 -16.12
C LYS D 168 10.17 -9.25 -16.71
N SER D 169 9.36 -8.64 -17.62
CA SER D 169 8.30 -9.40 -18.31
C SER D 169 8.93 -10.54 -19.12
N ALA D 170 10.08 -10.26 -19.77
CA ALA D 170 10.78 -11.32 -20.53
C ALA D 170 11.25 -12.43 -19.60
N LEU D 171 11.82 -12.07 -18.44
CA LEU D 171 12.30 -13.02 -17.41
C LEU D 171 11.15 -13.92 -16.92
N GLU D 172 9.97 -13.35 -16.60
CA GLU D 172 8.81 -14.14 -16.20
C GLU D 172 8.45 -15.22 -17.24
N SER D 173 8.51 -14.86 -18.53
CA SER D 173 8.21 -15.78 -19.62
C SER D 173 9.29 -16.86 -19.68
N VAL D 174 10.55 -16.46 -19.57
CA VAL D 174 11.69 -17.39 -19.52
C VAL D 174 11.53 -18.39 -18.39
N ASN D 175 11.16 -17.92 -17.18
CA ASN D 175 11.01 -18.80 -16.01
C ASN D 175 10.03 -19.95 -16.27
N ARG D 176 8.93 -19.70 -17.01
CA ARG D 176 7.96 -20.75 -17.31
C ARG D 176 8.53 -21.78 -18.28
N PHE D 177 9.47 -21.40 -19.17
CA PHE D 177 10.09 -22.34 -20.08
C PHE D 177 11.19 -23.11 -19.38
N VAL D 178 11.99 -22.43 -18.55
CA VAL D 178 13.01 -23.05 -17.72
C VAL D 178 12.36 -24.11 -16.81
N ALA D 179 11.11 -23.86 -16.34
CA ALA D 179 10.39 -24.84 -15.52
C ALA D 179 10.15 -26.16 -16.24
N ARG D 180 9.83 -26.12 -17.53
CA ARG D 180 9.58 -27.34 -18.32
C ARG D 180 10.85 -28.17 -18.42
N GLU D 181 11.99 -27.51 -18.71
CA GLU D 181 13.29 -28.17 -18.85
C GLU D 181 13.77 -28.70 -17.50
N ALA D 182 13.70 -27.87 -16.43
CA ALA D 182 14.12 -28.27 -15.08
C ALA D 182 13.28 -29.42 -14.54
N GLY D 183 12.00 -29.47 -14.92
CA GLY D 183 11.09 -30.53 -14.50
C GLY D 183 11.58 -31.92 -14.89
N LYS D 184 12.34 -32.03 -16.00
CA LYS D 184 12.91 -33.31 -16.45
C LYS D 184 13.97 -33.86 -15.51
N TYR D 185 14.59 -32.98 -14.69
CA TYR D 185 15.57 -33.28 -13.66
C TYR D 185 14.97 -33.33 -12.25
N GLY D 186 13.65 -33.21 -12.13
CA GLY D 186 12.93 -33.13 -10.86
C GLY D 186 13.22 -31.82 -10.14
N VAL D 187 13.51 -30.75 -10.90
CA VAL D 187 13.90 -29.46 -10.32
C VAL D 187 12.84 -28.37 -10.55
N ARG D 188 12.59 -27.52 -9.55
CA ARG D 188 11.63 -26.43 -9.65
C ARG D 188 12.33 -25.15 -10.08
N SER D 189 11.58 -24.24 -10.69
CA SER D 189 12.12 -22.99 -11.17
C SER D 189 11.06 -21.96 -10.86
N ASN D 190 11.39 -20.95 -10.07
CA ASN D 190 10.45 -19.92 -9.66
C ASN D 190 11.13 -18.57 -9.51
N LEU D 191 10.33 -17.52 -9.49
CA LEU D 191 10.84 -16.18 -9.30
C LEU D 191 10.25 -15.62 -8.02
N VAL D 192 11.01 -14.72 -7.37
CA VAL D 192 10.51 -14.00 -6.22
C VAL D 192 10.38 -12.57 -6.67
N ALA D 193 9.15 -12.06 -6.73
CA ALA D 193 8.91 -10.68 -7.09
C ALA D 193 8.91 -9.88 -5.79
N ALA D 194 9.94 -9.10 -5.58
CA ALA D 194 10.09 -8.34 -4.36
C ALA D 194 9.66 -6.90 -4.52
N GLY D 195 9.23 -6.28 -3.42
CA GLY D 195 8.95 -4.86 -3.40
C GLY D 195 10.27 -4.11 -3.44
N PRO D 196 10.24 -2.77 -3.47
CA PRO D 196 11.49 -2.01 -3.56
C PRO D 196 12.40 -2.14 -2.34
N ILE D 197 13.68 -2.36 -2.58
CA ILE D 197 14.70 -2.54 -1.56
C ILE D 197 15.76 -1.46 -1.76
N ARG D 198 16.11 -0.76 -0.67
CA ARG D 198 17.09 0.30 -0.62
C ARG D 198 18.53 -0.22 -0.69
N THR D 199 18.93 -0.68 -1.88
CA THR D 199 20.31 -1.07 -2.12
C THR D 199 21.13 0.25 -2.20
N LEU D 200 22.47 0.18 -2.30
CA LEU D 200 23.29 1.39 -2.40
C LEU D 200 22.85 2.30 -3.57
N ALA D 201 22.42 1.68 -4.69
CA ALA D 201 21.95 2.38 -5.87
C ALA D 201 20.59 3.06 -5.67
N MET D 202 19.59 2.33 -5.13
CA MET D 202 18.24 2.88 -4.90
C MET D 202 18.22 3.96 -3.83
N ALA D 204 21.05 6.21 -3.51
CA ALA D 204 21.47 7.29 -4.41
C ALA D 204 20.28 7.96 -5.08
N ILE D 205 19.31 7.18 -5.60
CA ILE D 205 18.11 7.73 -6.26
C ILE D 205 17.23 8.50 -5.29
N VAL D 206 17.09 7.99 -4.06
CA VAL D 206 16.31 8.70 -3.02
C VAL D 206 17.01 9.98 -2.55
N GLY D 207 18.34 10.00 -2.59
CA GLY D 207 19.16 11.15 -2.23
C GLY D 207 19.39 12.17 -3.35
N GLY D 208 18.67 12.00 -4.47
CA GLY D 208 18.74 12.96 -5.56
C GLY D 208 19.73 12.77 -6.69
N ALA D 209 20.36 11.59 -6.81
CA ALA D 209 21.32 11.34 -7.88
C ALA D 209 20.69 11.45 -9.27
N LEU D 210 19.40 11.12 -9.44
CA LEU D 210 18.75 11.24 -10.75
C LEU D 210 17.94 12.53 -10.92
N GLY D 211 18.09 13.48 -10.01
CA GLY D 211 17.36 14.74 -10.09
C GLY D 211 16.15 14.78 -9.18
N GLU D 212 15.57 15.96 -9.08
CA GLU D 212 14.41 16.31 -8.28
C GLU D 212 13.14 15.50 -8.65
N GLU D 213 12.88 15.30 -9.94
CA GLU D 213 11.71 14.59 -10.43
C GLU D 213 11.77 13.10 -10.17
N ALA D 214 12.89 12.45 -10.55
CA ALA D 214 13.05 11.01 -10.31
C ALA D 214 13.14 10.70 -8.83
N GLY D 215 13.71 11.61 -8.04
CA GLY D 215 13.79 11.43 -6.60
C GLY D 215 12.40 11.41 -5.99
N ALA D 216 11.52 12.30 -6.48
CA ALA D 216 10.14 12.41 -6.02
C ALA D 216 9.31 11.21 -6.51
N GLN D 217 9.57 10.72 -7.75
CA GLN D 217 8.88 9.58 -8.35
C GLN D 217 9.08 8.28 -7.56
N ILE D 218 10.33 7.90 -7.26
CA ILE D 218 10.64 6.68 -6.50
C ILE D 218 10.23 6.83 -5.03
N GLN D 219 10.26 8.06 -4.48
CA GLN D 219 9.80 8.29 -3.11
C GLN D 219 8.28 8.00 -3.04
N LEU D 220 7.52 8.44 -4.05
CA LEU D 220 6.08 8.20 -4.09
C LEU D 220 5.75 6.70 -4.29
N LEU D 221 6.62 6.00 -5.03
CA LEU D 221 6.48 4.56 -5.26
C LEU D 221 6.73 3.76 -3.97
N GLU D 222 7.76 4.15 -3.19
CA GLU D 222 8.10 3.46 -1.94
C GLU D 222 7.08 3.75 -0.84
N GLU D 223 6.62 5.00 -0.74
CA GLU D 223 5.60 5.36 0.25
C GLU D 223 4.30 4.63 -0.07
N GLY D 224 3.98 4.53 -1.37
CA GLY D 224 2.78 3.86 -1.85
C GLY D 224 2.79 2.38 -1.62
N TRP D 225 3.99 1.76 -1.64
CA TRP D 225 4.16 0.33 -1.42
C TRP D 225 3.79 -0.03 0.03
N ASP D 226 4.34 0.72 1.01
CA ASP D 226 4.07 0.54 2.43
C ASP D 226 2.58 0.82 2.73
N GLN D 227 2.02 1.82 2.07
CA GLN D 227 0.60 2.17 2.20
C GLN D 227 -0.34 1.04 1.66
N ARG D 228 -0.09 0.53 0.46
CA ARG D 228 -0.90 -0.55 -0.13
C ARG D 228 -0.74 -1.89 0.59
N ALA D 229 0.49 -2.24 0.98
CA ALA D 229 0.80 -3.48 1.67
C ALA D 229 0.05 -3.59 3.01
N PRO D 230 -0.87 -4.56 3.14
CA PRO D 230 -1.61 -4.69 4.41
C PRO D 230 -0.73 -4.94 5.64
N ILE D 231 0.41 -5.59 5.45
CA ILE D 231 1.37 -5.80 6.56
C ILE D 231 2.55 -4.82 6.49
N GLY D 232 2.44 -3.78 5.66
CA GLY D 232 3.48 -2.78 5.48
C GLY D 232 4.62 -3.27 4.63
N TRP D 233 5.50 -2.35 4.29
CA TRP D 233 6.68 -2.69 3.54
C TRP D 233 7.87 -1.90 4.04
N ASN D 234 8.97 -2.59 4.36
CA ASN D 234 10.21 -1.94 4.80
C ASN D 234 11.30 -2.09 3.73
N MET D 235 11.54 -1.02 2.98
CA MET D 235 12.57 -0.99 1.94
C MET D 235 14.00 -1.10 2.48
N LYS D 236 14.21 -0.76 3.73
CA LYS D 236 15.54 -0.81 4.33
C LYS D 236 16.04 -2.24 4.63
N ASP D 237 15.15 -3.23 4.61
CA ASP D 237 15.50 -4.57 5.03
C ASP D 237 15.14 -5.65 4.01
N ALA D 238 16.15 -6.30 3.46
CA ALA D 238 15.96 -7.35 2.47
C ALA D 238 15.70 -8.72 3.10
N THR D 239 15.82 -8.87 4.43
CA THR D 239 15.61 -10.15 5.14
C THR D 239 14.28 -10.82 4.80
N PRO D 240 13.11 -10.14 4.79
CA PRO D 240 11.87 -10.84 4.37
C PRO D 240 11.97 -11.40 2.95
N VAL D 241 12.71 -10.74 2.04
CA VAL D 241 12.88 -11.24 0.67
C VAL D 241 13.83 -12.44 0.65
N ALA D 242 14.91 -12.37 1.45
CA ALA D 242 15.89 -13.45 1.57
C ALA D 242 15.22 -14.72 2.13
N LYS D 243 14.34 -14.55 3.12
CA LYS D 243 13.59 -15.65 3.71
C LYS D 243 12.66 -16.30 2.67
N THR D 244 12.00 -15.49 1.84
CA THR D 244 11.10 -16.01 0.82
C THR D 244 11.88 -16.81 -0.22
N VAL D 245 13.11 -16.37 -0.57
CA VAL D 245 13.97 -17.13 -1.48
C VAL D 245 14.36 -18.46 -0.81
N CYS D 246 14.69 -18.44 0.50
CA CYS D 246 15.01 -19.68 1.22
C CYS D 246 13.81 -20.64 1.32
N ALA D 247 12.59 -20.12 1.42
CA ALA D 247 11.38 -20.94 1.42
C ALA D 247 11.29 -21.72 0.07
N LEU D 248 11.61 -21.06 -1.06
CA LEU D 248 11.56 -21.72 -2.36
C LEU D 248 12.68 -22.72 -2.56
N LEU D 249 13.86 -22.43 -1.95
CA LEU D 249 15.02 -23.32 -1.99
C LEU D 249 14.81 -24.57 -1.13
N SER D 250 13.97 -24.47 -0.09
CA SER D 250 13.65 -25.58 0.82
C SER D 250 12.77 -26.63 0.14
N ASP D 251 12.41 -27.69 0.86
CA ASP D 251 11.51 -28.73 0.37
C ASP D 251 10.04 -28.39 0.77
N TRP D 252 9.75 -27.16 1.25
CA TRP D 252 8.43 -26.83 1.77
C TRP D 252 7.48 -26.20 0.76
N LEU D 253 7.93 -25.95 -0.48
CA LEU D 253 7.05 -25.54 -1.56
C LEU D 253 7.35 -26.51 -2.72
N PRO D 254 7.02 -27.81 -2.55
CA PRO D 254 7.46 -28.80 -3.53
C PRO D 254 6.60 -28.97 -4.76
N ALA D 255 5.41 -28.40 -4.76
CA ALA D 255 4.51 -28.50 -5.91
C ALA D 255 4.39 -27.14 -6.64
N THR D 256 5.33 -26.22 -6.41
CA THR D 256 5.32 -24.90 -7.02
C THR D 256 6.45 -24.78 -8.05
N THR D 257 6.11 -24.54 -9.31
CA THR D 257 7.12 -24.38 -10.35
C THR D 257 6.59 -23.53 -11.52
N GLY D 258 7.50 -22.91 -12.24
CA GLY D 258 7.15 -21.97 -13.31
C GLY D 258 6.42 -20.74 -12.78
N ASP D 259 6.47 -20.53 -11.44
CA ASP D 259 5.66 -19.54 -10.78
C ASP D 259 6.40 -18.34 -10.18
N ILE D 260 5.63 -17.38 -9.63
CA ILE D 260 6.12 -16.17 -9.01
C ILE D 260 5.54 -16.07 -7.62
N ILE D 261 6.41 -15.96 -6.63
CA ILE D 261 6.00 -15.72 -5.26
C ILE D 261 6.30 -14.26 -4.98
N TYR D 262 5.34 -13.51 -4.47
CA TYR D 262 5.49 -12.08 -4.24
C TYR D 262 5.86 -11.81 -2.81
N ALA D 263 7.08 -11.33 -2.57
CA ALA D 263 7.56 -10.92 -1.25
C ALA D 263 7.55 -9.38 -1.30
N ASP D 264 6.35 -8.82 -1.33
CA ASP D 264 6.14 -7.38 -1.47
C ASP D 264 5.20 -6.76 -0.43
N GLY D 265 4.95 -7.46 0.66
CA GLY D 265 4.05 -7.00 1.71
C GLY D 265 2.58 -7.12 1.36
N GLY D 266 2.27 -7.77 0.23
CA GLY D 266 0.91 -7.88 -0.27
C GLY D 266 0.46 -6.67 -1.09
N ALA D 267 1.38 -5.75 -1.44
CA ALA D 267 1.08 -4.53 -2.21
C ALA D 267 0.42 -4.78 -3.57
N HIS D 268 0.91 -5.78 -4.31
CA HIS D 268 0.35 -6.08 -5.63
C HIS D 268 -1.12 -6.56 -5.59
N THR D 269 -1.62 -6.94 -4.41
CA THR D 269 -3.00 -7.42 -4.28
C THR D 269 -3.98 -6.30 -3.88
N GLN D 270 -3.48 -5.07 -3.69
CA GLN D 270 -4.30 -3.95 -3.28
C GLN D 270 -4.19 -2.82 -4.32
N LEU D 271 -5.34 -2.24 -4.71
CA LEU D 271 -5.35 -1.11 -5.65
C LEU D 271 -4.82 0.15 -4.92
N LEU D 272 -5.24 0.32 -3.67
CA LEU D 272 -4.84 1.37 -2.75
C LEU D 272 -5.19 0.99 -1.31
N GLY E 6 11.77 -28.73 13.47
CA GLY E 6 10.34 -28.52 13.42
C GLY E 6 10.01 -27.16 12.84
N LEU E 7 9.44 -27.14 11.64
CA LEU E 7 9.10 -25.91 10.93
C LEU E 7 8.10 -25.05 11.68
N LEU E 8 7.17 -25.68 12.41
CA LEU E 8 6.14 -24.98 13.15
C LEU E 8 6.24 -25.24 14.66
N ASP E 9 7.46 -25.45 15.16
CA ASP E 9 7.71 -25.74 16.57
C ASP E 9 7.15 -24.65 17.49
N GLY E 10 6.36 -25.05 18.47
CA GLY E 10 5.80 -24.14 19.47
C GLY E 10 4.67 -23.25 19.01
N LYS E 11 4.18 -23.48 17.78
CA LYS E 11 3.08 -22.70 17.23
C LYS E 11 1.74 -23.35 17.59
N ARG E 12 0.71 -22.53 17.81
CA ARG E 12 -0.62 -23.02 18.09
C ARG E 12 -1.43 -22.75 16.85
N ILE E 13 -1.95 -23.79 16.21
CA ILE E 13 -2.67 -23.64 14.95
C ILE E 13 -4.07 -24.26 14.96
N LEU E 14 -5.08 -23.52 14.50
CA LEU E 14 -6.45 -24.04 14.41
C LEU E 14 -6.64 -24.63 13.01
N VAL E 15 -7.09 -25.87 12.92
CA VAL E 15 -7.29 -26.53 11.63
C VAL E 15 -8.73 -26.98 11.48
N SER E 16 -9.43 -26.40 10.51
CA SER E 16 -10.81 -26.78 10.22
C SER E 16 -10.89 -27.65 8.95
N GLY E 17 -12.01 -28.35 8.76
CA GLY E 17 -12.25 -29.12 7.55
C GLY E 17 -11.91 -30.59 7.52
N ILE E 18 -11.60 -31.19 8.68
CA ILE E 18 -11.34 -32.64 8.71
C ILE E 18 -12.69 -33.34 8.78
N ILE E 19 -13.01 -34.18 7.78
CA ILE E 19 -14.23 -34.99 7.79
C ILE E 19 -13.86 -36.49 7.67
N THR E 20 -12.80 -36.81 6.92
CA THR E 20 -12.30 -38.17 6.70
C THR E 20 -10.76 -38.13 6.72
N ASP E 21 -10.09 -39.31 6.75
CA ASP E 21 -8.63 -39.34 6.67
C ASP E 21 -8.10 -38.99 5.24
N SER E 22 -9.01 -38.77 4.26
CA SER E 22 -8.61 -38.33 2.91
C SER E 22 -8.82 -36.81 2.69
N SER E 23 -9.35 -36.08 3.69
CA SER E 23 -9.52 -34.63 3.61
C SER E 23 -8.15 -33.99 3.54
N ILE E 24 -8.04 -32.88 2.77
CA ILE E 24 -6.78 -32.15 2.67
C ILE E 24 -6.35 -31.64 4.07
N ALA E 25 -7.32 -31.20 4.89
CA ALA E 25 -7.07 -30.72 6.26
C ALA E 25 -6.47 -31.81 7.15
N PHE E 26 -6.78 -33.08 6.91
CA PHE E 26 -6.20 -34.16 7.71
C PHE E 26 -4.69 -34.21 7.48
N HIS E 27 -4.27 -34.09 6.22
CA HIS E 27 -2.86 -34.11 5.88
C HIS E 27 -2.15 -32.86 6.35
N ILE E 28 -2.81 -31.68 6.28
CA ILE E 28 -2.25 -30.43 6.79
C ILE E 28 -2.01 -30.60 8.32
N ALA E 29 -3.01 -31.17 9.02
CA ALA E 29 -2.92 -31.41 10.45
C ALA E 29 -1.78 -32.36 10.78
N ARG E 30 -1.67 -33.49 10.05
CA ARG E 30 -0.60 -34.46 10.29
C ARG E 30 0.78 -33.82 10.07
N VAL E 31 1.02 -33.21 8.90
CA VAL E 31 2.30 -32.56 8.61
C VAL E 31 2.65 -31.47 9.63
N ALA E 32 1.69 -30.60 10.01
CA ALA E 32 1.96 -29.57 11.02
C ALA E 32 2.36 -30.18 12.36
N GLN E 33 1.70 -31.28 12.75
CA GLN E 33 2.02 -31.99 13.98
C GLN E 33 3.42 -32.59 13.90
N GLU E 34 3.81 -33.17 12.75
CA GLU E 34 5.18 -33.70 12.59
C GLU E 34 6.24 -32.57 12.71
N GLN E 35 5.83 -31.32 12.43
CA GLN E 35 6.69 -30.15 12.54
C GLN E 35 6.56 -29.40 13.87
N GLY E 36 6.08 -30.06 14.91
CA GLY E 36 6.02 -29.47 16.24
C GLY E 36 4.85 -28.56 16.61
N ALA E 37 3.91 -28.33 15.68
CA ALA E 37 2.76 -27.47 15.99
C ALA E 37 1.76 -28.14 16.95
N GLN E 38 1.15 -27.32 17.81
CA GLN E 38 0.11 -27.75 18.73
C GLN E 38 -1.19 -27.33 18.10
N LEU E 39 -2.07 -28.29 17.84
CA LEU E 39 -3.30 -28.05 17.09
C LEU E 39 -4.56 -27.94 17.89
N VAL E 40 -5.50 -27.17 17.35
CA VAL E 40 -6.87 -27.06 17.82
C VAL E 40 -7.68 -27.46 16.58
N LEU E 41 -8.46 -28.52 16.66
CA LEU E 41 -9.21 -28.98 15.49
C LEU E 41 -10.67 -28.61 15.58
N THR E 42 -11.29 -28.26 14.45
CA THR E 42 -12.73 -27.98 14.46
C THR E 42 -13.46 -28.98 13.57
N GLY E 43 -14.75 -29.19 13.85
CA GLY E 43 -15.57 -30.12 13.09
C GLY E 43 -17.02 -29.72 12.99
N PHE E 44 -17.68 -30.07 11.88
N PHE E 44 -17.67 -30.08 11.88
CA PHE E 44 -19.08 -29.74 11.66
CA PHE E 44 -19.08 -29.74 11.66
C PHE E 44 -20.00 -30.97 11.69
C PHE E 44 -20.00 -30.97 11.69
N ASP E 45 -20.91 -31.00 12.69
N ASP E 45 -20.91 -31.00 12.69
CA ASP E 45 -21.98 -31.99 12.90
CA ASP E 45 -21.98 -31.99 12.90
C ASP E 45 -21.51 -33.44 13.18
C ASP E 45 -21.51 -33.44 13.18
N ARG E 46 -20.73 -34.07 12.31
CA ARG E 46 -20.28 -35.45 12.50
C ARG E 46 -19.13 -35.57 13.51
N LEU E 47 -19.25 -34.95 14.69
CA LEU E 47 -18.21 -34.91 15.71
C LEU E 47 -17.76 -36.29 16.17
N ARG E 48 -18.67 -37.28 16.22
CA ARG E 48 -18.31 -38.64 16.62
C ARG E 48 -17.35 -39.26 15.60
N LEU E 49 -17.68 -39.18 14.29
CA LEU E 49 -16.85 -39.70 13.23
C LEU E 49 -15.56 -38.90 13.11
N ILE E 50 -15.64 -37.57 13.26
CA ILE E 50 -14.46 -36.71 13.21
C ILE E 50 -13.52 -37.02 14.37
N GLN E 51 -14.05 -37.33 15.58
CA GLN E 51 -13.20 -37.68 16.72
C GLN E 51 -12.42 -38.97 16.44
N ARG E 52 -13.03 -39.94 15.76
CA ARG E 52 -12.37 -41.20 15.40
C ARG E 52 -11.28 -40.96 14.36
N ILE E 53 -11.56 -40.08 13.38
CA ILE E 53 -10.61 -39.74 12.33
C ILE E 53 -9.42 -38.94 12.90
N THR E 54 -9.70 -37.96 13.76
CA THR E 54 -8.68 -37.13 14.37
C THR E 54 -7.82 -37.89 15.39
N ASP E 55 -8.29 -39.05 15.88
CA ASP E 55 -7.48 -39.89 16.77
C ASP E 55 -6.36 -40.65 16.01
N ARG E 56 -6.41 -40.63 14.65
CA ARG E 56 -5.39 -41.21 13.77
C ARG E 56 -4.21 -40.25 13.50
N LEU E 57 -4.26 -39.01 14.03
CA LEU E 57 -3.19 -38.02 13.85
C LEU E 57 -1.97 -38.35 14.76
N PRO E 58 -0.74 -37.89 14.46
CA PRO E 58 0.41 -38.24 15.32
C PRO E 58 0.31 -37.80 16.77
N ALA E 59 -0.39 -36.70 17.04
CA ALA E 59 -0.55 -36.20 18.40
C ALA E 59 -2.02 -35.87 18.72
N LYS E 60 -2.36 -35.87 20.02
CA LYS E 60 -3.70 -35.58 20.50
C LYS E 60 -4.03 -34.10 20.34
N ALA E 61 -5.26 -33.78 19.92
CA ALA E 61 -5.67 -32.40 19.75
C ALA E 61 -7.14 -32.20 20.11
N PRO E 62 -7.45 -31.13 20.86
CA PRO E 62 -8.85 -30.88 21.23
C PRO E 62 -9.73 -30.58 20.03
N LEU E 63 -10.91 -31.22 19.95
CA LEU E 63 -11.84 -31.04 18.85
C LEU E 63 -13.03 -30.17 19.28
N LEU E 64 -13.24 -29.05 18.59
CA LEU E 64 -14.33 -28.12 18.88
C LEU E 64 -15.35 -28.11 17.75
N GLU E 65 -16.62 -27.92 18.10
CA GLU E 65 -17.70 -27.89 17.12
C GLU E 65 -17.74 -26.54 16.43
N LEU E 66 -17.88 -26.53 15.10
CA LEU E 66 -17.99 -25.29 14.36
C LEU E 66 -18.72 -25.43 13.05
N ASP E 67 -19.94 -24.93 13.01
CA ASP E 67 -20.72 -24.84 11.80
C ASP E 67 -20.52 -23.37 11.44
N VAL E 68 -19.84 -23.09 10.31
CA VAL E 68 -19.60 -21.70 9.89
C VAL E 68 -20.88 -20.91 9.59
N GLN E 69 -22.03 -21.59 9.45
CA GLN E 69 -23.31 -20.92 9.24
C GLN E 69 -23.99 -20.51 10.55
N ASN E 70 -23.57 -21.11 11.68
CA ASN E 70 -24.11 -20.86 13.00
C ASN E 70 -23.40 -19.66 13.64
N GLU E 71 -24.15 -18.57 13.85
CA GLU E 71 -23.68 -17.33 14.47
C GLU E 71 -23.27 -17.52 15.93
N GLU E 72 -23.85 -18.49 16.65
CA GLU E 72 -23.47 -18.74 18.04
C GLU E 72 -22.10 -19.42 18.09
N HIS E 73 -21.87 -20.39 17.19
CA HIS E 73 -20.60 -21.12 17.11
C HIS E 73 -19.45 -20.14 16.85
N LEU E 74 -19.65 -19.17 15.96
CA LEU E 74 -18.64 -18.16 15.66
C LEU E 74 -18.39 -17.23 16.86
N ALA E 75 -19.46 -16.73 17.50
CA ALA E 75 -19.36 -15.83 18.65
C ALA E 75 -18.67 -16.45 19.87
N SER E 76 -18.89 -17.75 20.10
CA SER E 76 -18.26 -18.45 21.22
C SER E 76 -16.93 -19.13 20.82
N LEU E 77 -16.56 -19.14 19.53
CA LEU E 77 -15.36 -19.79 19.03
C LEU E 77 -14.08 -19.35 19.71
N ALA E 78 -13.80 -18.05 19.73
CA ALA E 78 -12.60 -17.50 20.34
C ALA E 78 -12.45 -17.88 21.83
N GLY E 79 -13.56 -17.88 22.56
CA GLY E 79 -13.56 -18.25 23.97
C GLY E 79 -13.31 -19.72 24.16
N ARG E 80 -13.89 -20.54 23.28
CA ARG E 80 -13.72 -22.00 23.33
C ARG E 80 -12.30 -22.42 22.97
N VAL E 81 -11.65 -21.70 22.02
CA VAL E 81 -10.27 -21.95 21.64
C VAL E 81 -9.33 -21.57 22.80
N THR E 82 -9.64 -20.48 23.51
CA THR E 82 -8.86 -20.03 24.66
C THR E 82 -8.96 -21.03 25.82
N GLU E 83 -10.11 -21.70 25.98
CA GLU E 83 -10.26 -22.73 27.02
C GLU E 83 -9.46 -24.00 26.69
N ALA E 84 -9.23 -24.27 25.39
CA ALA E 84 -8.47 -25.44 24.94
C ALA E 84 -6.94 -25.18 24.89
N ILE E 85 -6.52 -23.93 24.66
CA ILE E 85 -5.08 -23.62 24.61
C ILE E 85 -4.55 -22.95 25.87
N GLY E 86 -5.44 -22.46 26.73
CA GLY E 86 -5.05 -21.81 27.96
C GLY E 86 -5.20 -20.31 27.90
N ALA E 87 -5.58 -19.70 29.03
CA ALA E 87 -5.73 -18.26 29.15
C ALA E 87 -4.34 -17.64 29.00
N GLY E 88 -4.25 -16.55 28.24
CA GLY E 88 -2.98 -15.90 28.00
C GLY E 88 -2.25 -16.41 26.77
N ASN E 89 -2.68 -17.57 26.23
CA ASN E 89 -2.08 -18.13 25.03
C ASN E 89 -2.90 -17.74 23.81
N LYS E 90 -2.23 -17.56 22.67
CA LYS E 90 -2.90 -17.16 21.44
C LYS E 90 -2.56 -18.08 20.26
N LEU E 91 -3.39 -18.05 19.22
CA LEU E 91 -3.14 -18.83 18.03
C LEU E 91 -2.11 -18.11 17.15
N ASP E 92 -1.28 -18.89 16.50
CA ASP E 92 -0.30 -18.41 15.54
C ASP E 92 -0.79 -18.67 14.10
N GLY E 93 -1.67 -19.65 13.92
CA GLY E 93 -2.16 -19.99 12.61
C GLY E 93 -3.60 -20.44 12.63
N VAL E 94 -4.29 -20.25 11.49
CA VAL E 94 -5.66 -20.60 11.28
C VAL E 94 -5.75 -21.18 9.87
N VAL E 95 -6.26 -22.38 9.74
CA VAL E 95 -6.42 -23.04 8.45
C VAL E 95 -7.90 -23.24 8.17
N HIS E 96 -8.37 -22.65 7.09
CA HIS E 96 -9.75 -22.76 6.62
C HIS E 96 -9.71 -23.74 5.44
N SER E 97 -10.24 -24.95 5.62
CA SER E 97 -10.23 -25.96 4.56
C SER E 97 -11.68 -26.42 4.40
N ILE E 98 -12.58 -25.46 4.21
CA ILE E 98 -14.01 -25.73 4.13
C ILE E 98 -14.54 -25.35 2.76
N GLY E 99 -15.37 -26.21 2.19
CA GLY E 99 -15.93 -26.01 0.87
C GLY E 99 -17.21 -26.79 0.69
N PHE E 100 -18.23 -26.17 0.12
CA PHE E 100 -19.51 -26.82 -0.13
C PHE E 100 -20.22 -26.18 -1.28
N MET E 101 -20.86 -26.99 -2.12
CA MET E 101 -21.71 -26.53 -3.19
C MET E 101 -22.68 -27.65 -3.45
N PRO E 102 -23.99 -27.45 -3.24
CA PRO E 102 -24.94 -28.54 -3.55
C PRO E 102 -24.84 -29.05 -4.99
N GLN E 103 -25.34 -30.27 -5.27
CA GLN E 103 -25.18 -30.88 -6.59
C GLN E 103 -25.93 -30.12 -7.70
N THR E 104 -26.91 -29.29 -7.35
CA THR E 104 -27.59 -28.45 -8.33
C THR E 104 -26.61 -27.42 -8.93
N GLY E 105 -25.57 -27.03 -8.20
CA GLY E 105 -24.61 -26.04 -8.68
C GLY E 105 -23.25 -26.60 -9.09
N MET E 106 -23.00 -27.88 -8.85
CA MET E 106 -21.70 -28.49 -9.14
C MET E 106 -21.90 -29.97 -9.48
N GLY E 107 -21.40 -30.38 -10.63
CA GLY E 107 -21.54 -31.77 -11.07
C GLY E 107 -22.09 -31.88 -12.47
N ILE E 108 -23.15 -32.64 -12.66
CA ILE E 108 -23.78 -32.82 -13.97
C ILE E 108 -24.89 -31.81 -14.27
N ASN E 109 -25.47 -31.18 -13.23
CA ASN E 109 -26.54 -30.22 -13.42
C ASN E 109 -26.12 -29.03 -14.30
N PRO E 110 -26.92 -28.72 -15.35
CA PRO E 110 -26.59 -27.57 -16.22
C PRO E 110 -26.35 -26.27 -15.43
N PHE E 111 -25.35 -25.47 -15.84
CA PHE E 111 -24.97 -24.23 -15.17
C PHE E 111 -26.15 -23.32 -14.81
N PHE E 112 -27.10 -23.15 -15.73
CA PHE E 112 -28.27 -22.29 -15.53
C PHE E 112 -29.34 -22.87 -14.60
N ASP E 113 -29.28 -24.19 -14.35
CA ASP E 113 -30.31 -24.84 -13.55
C ASP E 113 -30.03 -24.83 -12.05
N ALA E 114 -28.96 -24.15 -11.61
CA ALA E 114 -28.66 -24.07 -10.19
C ALA E 114 -29.56 -23.00 -9.53
N PRO E 115 -30.43 -23.38 -8.58
CA PRO E 115 -31.25 -22.36 -7.89
C PRO E 115 -30.35 -21.48 -7.02
N TYR E 116 -30.68 -20.17 -6.92
CA TYR E 116 -29.85 -19.24 -6.14
C TYR E 116 -29.76 -19.60 -4.67
N ALA E 117 -30.81 -20.19 -4.08
CA ALA E 117 -30.74 -20.62 -2.66
C ALA E 117 -29.54 -21.58 -2.43
N ASP E 118 -29.31 -22.52 -3.38
CA ASP E 118 -28.20 -23.47 -3.30
C ASP E 118 -26.85 -22.80 -3.59
N VAL E 119 -26.81 -21.89 -4.56
CA VAL E 119 -25.58 -21.15 -4.87
C VAL E 119 -25.19 -20.31 -3.67
N SER E 120 -26.18 -19.63 -3.06
CA SER E 120 -26.00 -18.77 -1.89
C SER E 120 -25.46 -19.56 -0.73
N LYS E 121 -26.01 -20.76 -0.47
CA LYS E 121 -25.51 -21.61 0.60
C LYS E 121 -24.03 -22.00 0.35
N GLY E 122 -23.70 -22.32 -0.91
CA GLY E 122 -22.35 -22.67 -1.31
C GLY E 122 -21.34 -21.55 -1.12
N ILE E 123 -21.71 -20.33 -1.52
CA ILE E 123 -20.84 -19.16 -1.34
C ILE E 123 -20.67 -18.83 0.16
N HIS E 124 -21.72 -19.06 0.97
CA HIS E 124 -21.66 -18.81 2.42
C HIS E 124 -20.56 -19.64 3.06
N ILE E 125 -20.61 -20.96 2.87
CA ILE E 125 -19.66 -21.88 3.45
C ILE E 125 -18.27 -21.81 2.79
N SER E 126 -18.21 -21.67 1.47
CA SER E 126 -16.95 -21.70 0.74
C SER E 126 -16.19 -20.39 0.66
N ALA E 127 -16.87 -19.25 0.79
CA ALA E 127 -16.21 -17.95 0.66
C ALA E 127 -16.48 -17.02 1.85
N TYR E 128 -17.75 -16.74 2.20
CA TYR E 128 -18.06 -15.84 3.30
C TYR E 128 -17.46 -16.33 4.61
N SER E 129 -17.46 -17.66 4.85
CA SER E 129 -16.93 -18.26 6.08
C SER E 129 -15.44 -17.99 6.30
N TYR E 130 -14.70 -17.67 5.24
CA TYR E 130 -13.29 -17.31 5.36
C TYR E 130 -13.20 -15.96 6.09
N ALA E 131 -14.10 -15.00 5.76
CA ALA E 131 -14.14 -13.73 6.48
C ALA E 131 -14.70 -13.94 7.88
N SER E 132 -15.73 -14.81 8.04
CA SER E 132 -16.31 -15.13 9.35
C SER E 132 -15.30 -15.68 10.32
N MET E 133 -14.48 -16.65 9.87
CA MET E 133 -13.46 -17.30 10.70
C MET E 133 -12.36 -16.30 11.05
N ALA E 134 -11.98 -15.43 10.11
CA ALA E 134 -10.97 -14.42 10.36
C ALA E 134 -11.48 -13.43 11.40
N LYS E 135 -12.75 -13.00 11.28
CA LYS E 135 -13.35 -12.07 12.23
C LYS E 135 -13.39 -12.68 13.61
N ALA E 136 -13.79 -13.96 13.71
CA ALA E 136 -13.88 -14.63 15.00
C ALA E 136 -12.52 -14.91 15.65
N LEU E 137 -11.47 -15.19 14.85
CA LEU E 137 -10.20 -15.61 15.44
C LEU E 137 -9.05 -14.59 15.45
N LEU E 138 -9.11 -13.50 14.66
CA LEU E 138 -8.05 -12.49 14.67
C LEU E 138 -7.79 -11.88 16.07
N PRO E 139 -8.82 -11.52 16.88
CA PRO E 139 -8.54 -10.96 18.22
C PRO E 139 -7.84 -11.91 19.19
N ILE E 140 -7.65 -13.18 18.82
CA ILE E 140 -6.92 -14.14 19.66
C ILE E 140 -5.69 -14.70 18.93
N MET E 141 -5.10 -13.92 17.99
CA MET E 141 -3.93 -14.33 17.22
C MET E 141 -2.72 -13.46 17.54
N ASN E 142 -1.53 -14.02 17.41
CA ASN E 142 -0.26 -13.32 17.68
C ASN E 142 0.22 -12.60 16.43
N PRO E 143 0.94 -11.47 16.58
CA PRO E 143 1.55 -10.82 15.41
C PRO E 143 2.54 -11.79 14.73
N GLY E 144 2.63 -11.71 13.40
CA GLY E 144 3.42 -12.66 12.65
C GLY E 144 2.65 -13.94 12.33
N GLY E 145 1.40 -14.00 12.75
CA GLY E 145 0.51 -15.13 12.52
C GLY E 145 0.05 -15.24 11.09
N SER E 146 -0.60 -16.38 10.77
CA SER E 146 -0.99 -16.69 9.41
C SER E 146 -2.35 -17.38 9.27
N ILE E 147 -3.22 -16.84 8.40
CA ILE E 147 -4.51 -17.46 8.09
C ILE E 147 -4.37 -18.01 6.67
N VAL E 148 -4.64 -19.32 6.48
CA VAL E 148 -4.50 -19.97 5.18
C VAL E 148 -5.82 -20.65 4.77
N GLY E 149 -6.27 -20.41 3.55
CA GLY E 149 -7.49 -21.00 3.03
C GLY E 149 -7.24 -21.85 1.80
N MET E 150 -8.12 -22.83 1.55
CA MET E 150 -7.94 -23.73 0.42
C MET E 150 -8.68 -23.22 -0.78
N ASP E 151 -8.01 -23.24 -1.92
CA ASP E 151 -8.57 -22.72 -3.17
C ASP E 151 -8.26 -23.67 -4.35
N PHE E 152 -8.97 -23.47 -5.43
N PHE E 152 -8.96 -23.48 -5.48
CA PHE E 152 -8.67 -24.09 -6.70
CA PHE E 152 -8.77 -24.23 -6.74
C PHE E 152 -8.77 -22.95 -7.71
C PHE E 152 -8.91 -23.17 -7.82
N ASP E 153 -7.83 -22.91 -8.62
CA ASP E 153 -7.79 -21.85 -9.63
C ASP E 153 -9.07 -21.68 -10.43
N PRO E 154 -9.77 -20.55 -10.19
CA PRO E 154 -11.03 -20.30 -10.90
C PRO E 154 -10.90 -19.25 -12.01
N SER E 155 -9.68 -18.88 -12.43
CA SER E 155 -9.46 -17.83 -13.45
C SER E 155 -9.95 -18.25 -14.85
N ARG E 156 -10.06 -19.55 -15.11
N ARG E 156 -10.09 -19.56 -15.10
CA ARG E 156 -10.58 -20.05 -16.39
CA ARG E 156 -10.61 -20.05 -16.36
C ARG E 156 -11.69 -21.06 -16.10
C ARG E 156 -11.73 -21.04 -16.05
N ALA E 157 -12.79 -21.01 -16.87
CA ALA E 157 -13.91 -21.92 -16.66
C ALA E 157 -13.55 -23.37 -17.08
N MET E 158 -14.35 -24.34 -16.62
CA MET E 158 -14.06 -25.75 -16.85
C MET E 158 -15.35 -26.54 -16.65
N PRO E 159 -15.46 -27.75 -17.20
CA PRO E 159 -16.70 -28.52 -16.97
C PRO E 159 -16.91 -28.91 -15.49
N ALA E 160 -18.18 -29.14 -15.14
CA ALA E 160 -18.72 -29.64 -13.86
C ALA E 160 -18.54 -28.76 -12.61
N TYR E 161 -17.38 -28.13 -12.41
N TYR E 161 -17.37 -28.13 -12.43
CA TYR E 161 -17.13 -27.35 -11.21
CA TYR E 161 -17.09 -27.30 -11.25
C TYR E 161 -18.08 -26.14 -11.10
C TYR E 161 -18.10 -26.16 -11.09
N ASN E 162 -18.61 -25.64 -12.24
CA ASN E 162 -19.64 -24.62 -12.34
C ASN E 162 -19.67 -23.57 -11.22
N TRP E 163 -20.71 -23.55 -10.36
CA TRP E 163 -20.87 -22.56 -9.30
C TRP E 163 -19.84 -22.67 -8.20
N MET E 164 -19.16 -23.82 -8.05
CA MET E 164 -18.07 -23.92 -7.09
C MET E 164 -16.89 -23.06 -7.58
N THR E 165 -16.68 -22.95 -8.92
CA THR E 165 -15.62 -22.07 -9.47
C THR E 165 -15.96 -20.60 -9.18
N VAL E 166 -17.26 -20.25 -9.19
CA VAL E 166 -17.75 -18.90 -8.89
C VAL E 166 -17.50 -18.63 -7.40
N ALA E 167 -17.75 -19.62 -6.51
CA ALA E 167 -17.50 -19.48 -5.08
C ALA E 167 -16.00 -19.29 -4.81
N LYS E 168 -15.12 -19.95 -5.58
CA LYS E 168 -13.67 -19.79 -5.42
C LYS E 168 -13.20 -18.42 -5.92
N SER E 169 -13.86 -17.86 -6.94
CA SER E 169 -13.54 -16.51 -7.42
C SER E 169 -13.90 -15.51 -6.33
N ALA E 170 -15.07 -15.71 -5.68
CA ALA E 170 -15.52 -14.90 -4.55
C ALA E 170 -14.54 -15.08 -3.40
N LEU E 171 -14.12 -16.32 -3.08
CA LEU E 171 -13.15 -16.60 -2.00
C LEU E 171 -11.83 -15.85 -2.25
N GLU E 172 -11.36 -15.81 -3.50
CA GLU E 172 -10.14 -15.08 -3.83
C GLU E 172 -10.25 -13.59 -3.54
N SER E 173 -11.41 -13.02 -3.82
CA SER E 173 -11.68 -11.61 -3.56
C SER E 173 -11.81 -11.38 -2.05
N VAL E 174 -12.43 -12.31 -1.34
CA VAL E 174 -12.59 -12.21 0.11
C VAL E 174 -11.23 -12.22 0.79
N ASN E 175 -10.31 -13.08 0.32
CA ASN E 175 -8.98 -13.20 0.90
C ASN E 175 -8.23 -11.87 0.81
N ARG E 176 -8.37 -11.15 -0.31
CA ARG E 176 -7.72 -9.84 -0.47
C ARG E 176 -8.25 -8.81 0.54
N PHE E 177 -9.52 -8.94 0.96
CA PHE E 177 -10.07 -8.02 1.95
C PHE E 177 -9.78 -8.50 3.37
N VAL E 178 -9.76 -9.83 3.59
CA VAL E 178 -9.39 -10.38 4.89
C VAL E 178 -7.93 -9.97 5.21
N ALA E 179 -7.05 -9.95 4.20
CA ALA E 179 -5.67 -9.49 4.38
C ALA E 179 -5.60 -8.07 4.92
N ARG E 180 -6.49 -7.17 4.46
CA ARG E 180 -6.50 -5.77 4.94
C ARG E 180 -6.83 -5.73 6.43
N GLU E 181 -7.83 -6.51 6.89
CA GLU E 181 -8.18 -6.52 8.31
C GLU E 181 -7.11 -7.19 9.15
N ALA E 182 -6.61 -8.33 8.67
CA ALA E 182 -5.59 -9.11 9.35
C ALA E 182 -4.25 -8.38 9.47
N GLY E 183 -3.95 -7.50 8.54
CA GLY E 183 -2.74 -6.69 8.59
C GLY E 183 -2.71 -5.81 9.83
N LYS E 184 -3.89 -5.36 10.31
CA LYS E 184 -3.99 -4.55 11.55
C LYS E 184 -3.57 -5.31 12.82
N TYR E 185 -3.45 -6.63 12.74
CA TYR E 185 -3.01 -7.50 13.84
C TYR E 185 -1.59 -8.08 13.58
N GLY E 186 -0.92 -7.63 12.53
CA GLY E 186 0.36 -8.17 12.09
C GLY E 186 0.20 -9.56 11.50
N VAL E 187 -0.99 -9.92 11.03
CA VAL E 187 -1.29 -11.26 10.54
C VAL E 187 -1.44 -11.32 9.01
N ARG E 188 -0.90 -12.38 8.41
CA ARG E 188 -0.98 -12.60 6.97
C ARG E 188 -2.22 -13.44 6.66
N SER E 189 -2.75 -13.32 5.44
CA SER E 189 -3.91 -14.12 5.02
C SER E 189 -3.62 -14.55 3.61
N ASN E 190 -3.55 -15.85 3.34
CA ASN E 190 -3.23 -16.33 1.99
C ASN E 190 -4.03 -17.56 1.63
N LEU E 191 -4.18 -17.84 0.34
CA LEU E 191 -4.85 -19.05 -0.11
C LEU E 191 -3.85 -19.96 -0.78
N VAL E 192 -4.06 -21.26 -0.69
CA VAL E 192 -3.27 -22.22 -1.43
C VAL E 192 -4.16 -22.78 -2.53
N ALA E 193 -3.83 -22.53 -3.81
CA ALA E 193 -4.60 -23.09 -4.92
C ALA E 193 -3.96 -24.44 -5.28
N ALA E 194 -4.63 -25.51 -4.89
CA ALA E 194 -4.11 -26.85 -5.10
C ALA E 194 -4.58 -27.46 -6.44
N GLY E 195 -3.85 -28.45 -6.94
CA GLY E 195 -4.30 -29.23 -8.09
C GLY E 195 -5.37 -30.21 -7.63
N PRO E 196 -5.95 -31.04 -8.53
CA PRO E 196 -7.00 -31.97 -8.09
C PRO E 196 -6.48 -33.04 -7.12
N ILE E 197 -7.20 -33.26 -6.02
CA ILE E 197 -6.83 -34.27 -5.03
C ILE E 197 -7.93 -35.33 -4.94
N ARG E 198 -7.53 -36.60 -5.05
CA ARG E 198 -8.39 -37.76 -4.97
C ARG E 198 -8.97 -38.01 -3.59
N THR E 199 -9.93 -37.18 -3.20
CA THR E 199 -10.68 -37.39 -1.98
C THR E 199 -11.67 -38.56 -2.24
N LEU E 200 -12.36 -39.06 -1.20
CA LEU E 200 -13.32 -40.15 -1.37
C LEU E 200 -14.44 -39.76 -2.35
N ALA E 201 -14.86 -38.49 -2.30
CA ALA E 201 -15.88 -37.94 -3.19
C ALA E 201 -15.40 -37.89 -4.65
N MET E 202 -14.13 -37.46 -4.86
CA MET E 202 -13.53 -37.38 -6.19
C MET E 202 -13.28 -38.74 -6.81
N SER E 203 -12.89 -39.72 -6.00
CA SER E 203 -12.66 -41.08 -6.51
C SER E 203 -13.99 -41.73 -7.00
N ALA E 204 -15.12 -41.32 -6.40
CA ALA E 204 -16.44 -41.81 -6.79
C ALA E 204 -16.82 -41.23 -8.17
N ILE E 205 -16.46 -39.95 -8.42
CA ILE E 205 -16.68 -39.26 -9.68
C ILE E 205 -15.86 -39.93 -10.79
N VAL E 206 -14.57 -40.22 -10.52
CA VAL E 206 -13.72 -40.93 -11.48
C VAL E 206 -14.23 -42.37 -11.72
N GLY E 207 -14.79 -42.98 -10.68
CA GLY E 207 -15.36 -44.32 -10.76
C GLY E 207 -16.63 -44.37 -11.59
N GLY E 208 -17.40 -43.28 -11.58
CA GLY E 208 -18.62 -43.22 -12.38
C GLY E 208 -19.92 -42.85 -11.68
N ALA E 209 -19.87 -42.48 -10.41
CA ALA E 209 -21.06 -42.10 -9.64
C ALA E 209 -21.89 -41.00 -10.28
N LEU E 210 -21.29 -40.20 -11.16
CA LEU E 210 -21.98 -39.11 -11.84
C LEU E 210 -22.31 -39.39 -13.32
N GLY E 211 -21.96 -40.57 -13.81
CA GLY E 211 -22.24 -40.95 -15.18
C GLY E 211 -21.00 -40.93 -16.06
N GLU E 212 -21.12 -41.59 -17.22
CA GLU E 212 -20.10 -41.75 -18.24
C GLU E 212 -19.51 -40.44 -18.78
N GLU E 213 -20.37 -39.46 -19.15
CA GLU E 213 -19.92 -38.17 -19.71
C GLU E 213 -19.08 -37.36 -18.75
N ALA E 214 -19.62 -37.06 -17.56
CA ALA E 214 -18.91 -36.30 -16.51
C ALA E 214 -17.68 -37.04 -15.99
N GLY E 215 -17.75 -38.37 -15.96
CA GLY E 215 -16.64 -39.21 -15.53
C GLY E 215 -15.43 -39.03 -16.41
N ALA E 216 -15.63 -39.14 -17.75
CA ALA E 216 -14.60 -38.96 -18.75
C ALA E 216 -14.06 -37.52 -18.79
N GLN E 217 -14.94 -36.51 -18.57
CA GLN E 217 -14.55 -35.09 -18.59
C GLN E 217 -13.69 -34.70 -17.40
N ILE E 218 -14.02 -35.20 -16.21
CA ILE E 218 -13.21 -34.95 -15.03
C ILE E 218 -11.91 -35.76 -15.09
N GLN E 219 -11.92 -36.94 -15.76
CA GLN E 219 -10.73 -37.76 -15.99
C GLN E 219 -9.79 -36.99 -16.92
N LEU E 220 -10.35 -36.39 -17.99
CA LEU E 220 -9.60 -35.59 -18.94
C LEU E 220 -8.97 -34.39 -18.24
N LEU E 221 -9.78 -33.69 -17.40
CA LEU E 221 -9.34 -32.52 -16.63
C LEU E 221 -8.17 -32.91 -15.72
N GLU E 222 -8.32 -34.02 -15.01
CA GLU E 222 -7.32 -34.57 -14.09
C GLU E 222 -6.01 -34.98 -14.74
N GLU E 223 -6.05 -35.77 -15.82
CA GLU E 223 -4.84 -36.20 -16.51
C GLU E 223 -4.11 -35.02 -17.19
N GLY E 224 -4.86 -34.04 -17.66
CA GLY E 224 -4.30 -32.86 -18.31
C GLY E 224 -3.40 -32.07 -17.39
N TRP E 225 -3.69 -32.13 -16.07
CA TRP E 225 -2.95 -31.48 -15.01
C TRP E 225 -1.56 -32.08 -14.89
N ASP E 226 -1.47 -33.42 -14.84
CA ASP E 226 -0.19 -34.10 -14.74
C ASP E 226 0.66 -33.83 -15.98
N GLN E 227 0.04 -33.71 -17.16
CA GLN E 227 0.72 -33.47 -18.42
C GLN E 227 1.26 -32.04 -18.48
N ARG E 228 0.44 -31.04 -18.08
CA ARG E 228 0.86 -29.63 -18.08
C ARG E 228 1.93 -29.33 -17.02
N ALA E 229 1.80 -29.93 -15.83
CA ALA E 229 2.73 -29.73 -14.73
C ALA E 229 4.13 -30.13 -15.09
N PRO E 230 5.09 -29.18 -15.04
CA PRO E 230 6.47 -29.52 -15.39
C PRO E 230 7.10 -30.56 -14.46
N ILE E 231 6.71 -30.58 -13.19
CA ILE E 231 7.21 -31.60 -12.26
C ILE E 231 6.18 -32.77 -12.02
N GLY E 232 5.11 -32.79 -12.80
CA GLY E 232 4.03 -33.76 -12.67
C GLY E 232 3.01 -33.40 -11.61
N TRP E 233 1.90 -34.12 -11.61
CA TRP E 233 0.90 -33.97 -10.60
C TRP E 233 0.39 -35.32 -10.16
N ASN E 234 0.56 -35.65 -8.87
CA ASN E 234 0.05 -36.92 -8.32
C ASN E 234 -1.22 -36.58 -7.53
N MET E 235 -2.39 -36.87 -8.12
N MET E 235 -2.42 -36.83 -8.09
CA MET E 235 -3.71 -36.65 -7.52
CA MET E 235 -3.66 -36.52 -7.37
C MET E 235 -3.93 -37.46 -6.24
C MET E 235 -3.91 -37.43 -6.16
N LYS E 236 -3.23 -38.58 -6.08
CA LYS E 236 -3.36 -39.47 -4.93
C LYS E 236 -2.53 -38.99 -3.72
N ASP E 237 -1.68 -37.96 -3.88
CA ASP E 237 -0.79 -37.50 -2.83
C ASP E 237 -1.10 -36.06 -2.36
N ALA E 238 -1.67 -35.93 -1.15
CA ALA E 238 -1.98 -34.60 -0.61
C ALA E 238 -0.79 -33.93 0.10
N THR E 239 0.30 -34.67 0.37
CA THR E 239 1.44 -34.15 1.10
C THR E 239 2.07 -32.87 0.51
N PRO E 240 2.32 -32.72 -0.83
CA PRO E 240 2.89 -31.46 -1.32
C PRO E 240 1.98 -30.26 -1.06
N VAL E 241 0.66 -30.47 -1.02
CA VAL E 241 -0.28 -29.38 -0.73
C VAL E 241 -0.23 -29.07 0.78
N ALA E 242 -0.21 -30.10 1.62
CA ALA E 242 -0.11 -29.96 3.07
C ALA E 242 1.20 -29.25 3.48
N LYS E 243 2.28 -29.48 2.72
CA LYS E 243 3.58 -28.84 2.97
C LYS E 243 3.55 -27.36 2.60
N THR E 244 2.82 -27.00 1.55
CA THR E 244 2.68 -25.63 1.10
C THR E 244 1.91 -24.80 2.14
N VAL E 245 0.86 -25.39 2.75
CA VAL E 245 0.10 -24.70 3.79
C VAL E 245 1.01 -24.44 5.00
N CYS E 246 1.79 -25.45 5.38
CA CYS E 246 2.75 -25.34 6.47
C CYS E 246 3.84 -24.31 6.16
N ALA E 247 4.24 -24.15 4.88
CA ALA E 247 5.23 -23.11 4.52
C ALA E 247 4.60 -21.74 4.77
N LEU E 248 3.32 -21.55 4.41
CA LEU E 248 2.60 -20.30 4.64
C LEU E 248 2.33 -20.06 6.12
N LEU E 249 2.12 -21.13 6.90
CA LEU E 249 1.91 -21.06 8.36
C LEU E 249 3.23 -20.72 9.08
N SER E 250 4.38 -21.04 8.48
CA SER E 250 5.67 -20.76 9.09
C SER E 250 6.01 -19.27 9.00
N ASP E 251 7.20 -18.89 9.47
CA ASP E 251 7.71 -17.53 9.37
C ASP E 251 8.60 -17.38 8.11
N TRP E 252 8.54 -18.33 7.13
CA TRP E 252 9.40 -18.32 5.96
C TRP E 252 8.79 -17.65 4.72
N LEU E 253 7.54 -17.21 4.80
CA LEU E 253 6.96 -16.37 3.76
C LEU E 253 6.42 -15.12 4.51
N PRO E 254 7.33 -14.29 5.11
CA PRO E 254 6.86 -13.20 5.97
C PRO E 254 6.34 -11.95 5.27
N ALA E 255 6.60 -11.80 3.98
CA ALA E 255 6.13 -10.62 3.25
C ALA E 255 5.06 -10.98 2.22
N THR E 256 4.32 -12.09 2.43
CA THR E 256 3.29 -12.50 1.51
C THR E 256 1.94 -12.45 2.18
N THR E 257 0.99 -11.67 1.62
CA THR E 257 -0.36 -11.54 2.17
C THR E 257 -1.38 -11.17 1.06
N GLY E 258 -2.63 -11.55 1.27
CA GLY E 258 -3.74 -11.38 0.33
C GLY E 258 -3.50 -12.03 -1.01
N ASP E 259 -2.62 -13.03 -1.03
CA ASP E 259 -2.09 -13.69 -2.20
C ASP E 259 -2.50 -15.15 -2.34
N ILE E 260 -2.16 -15.76 -3.48
CA ILE E 260 -2.46 -17.16 -3.73
C ILE E 260 -1.16 -17.87 -4.05
N ILE E 261 -0.89 -18.98 -3.39
CA ILE E 261 0.30 -19.79 -3.69
C ILE E 261 -0.19 -21.05 -4.40
N TYR E 262 0.35 -21.38 -5.58
CA TYR E 262 -0.12 -22.52 -6.36
C TYR E 262 0.63 -23.80 -6.08
N ALA E 263 -0.03 -24.74 -5.39
CA ALA E 263 0.57 -26.05 -5.15
C ALA E 263 -0.13 -26.96 -6.16
N ASP E 264 0.18 -26.76 -7.45
CA ASP E 264 -0.49 -27.50 -8.54
C ASP E 264 0.48 -28.16 -9.51
N GLY E 265 1.73 -28.32 -9.12
CA GLY E 265 2.76 -28.88 -9.99
C GLY E 265 3.24 -27.95 -11.08
N GLY E 266 2.83 -26.68 -11.04
CA GLY E 266 3.15 -25.69 -12.07
C GLY E 266 2.23 -25.74 -13.28
N ALA E 267 1.13 -26.52 -13.21
CA ALA E 267 0.18 -26.69 -14.32
C ALA E 267 -0.44 -25.38 -14.81
N HIS E 268 -0.81 -24.48 -13.88
CA HIS E 268 -1.44 -23.22 -14.28
C HIS E 268 -0.50 -22.29 -15.07
N THR E 269 0.81 -22.59 -15.10
CA THR E 269 1.78 -21.78 -15.83
C THR E 269 2.05 -22.31 -17.25
N GLN E 270 1.39 -23.43 -17.66
CA GLN E 270 1.66 -24.05 -18.96
C GLN E 270 0.35 -24.23 -19.70
N LEU E 271 0.34 -23.91 -20.99
CA LEU E 271 -0.85 -24.04 -21.80
C LEU E 271 -1.10 -25.51 -22.14
N LEU E 272 -0.02 -26.23 -22.47
CA LEU E 272 -0.04 -27.66 -22.78
C LEU E 272 1.37 -28.27 -22.66
N THR F 5 -23.70 3.59 -42.16
CA THR F 5 -24.95 2.82 -42.09
C THR F 5 -25.52 2.84 -40.67
N GLY F 6 -24.63 2.64 -39.70
CA GLY F 6 -24.98 2.54 -38.30
C GLY F 6 -24.35 1.25 -37.78
N LEU F 7 -23.58 1.34 -36.67
CA LEU F 7 -22.86 0.19 -36.12
C LEU F 7 -23.77 -1.00 -35.72
N LEU F 8 -24.99 -0.70 -35.25
CA LEU F 8 -25.92 -1.77 -34.83
C LEU F 8 -27.19 -1.74 -35.67
N ASP F 9 -27.10 -1.30 -36.93
CA ASP F 9 -28.24 -1.18 -37.83
C ASP F 9 -29.05 -2.47 -37.95
N GLY F 10 -30.34 -2.38 -37.63
CA GLY F 10 -31.24 -3.53 -37.73
C GLY F 10 -31.09 -4.57 -36.64
N LYS F 11 -30.42 -4.22 -35.55
CA LYS F 11 -30.24 -5.17 -34.44
C LYS F 11 -31.29 -4.95 -33.35
N ARG F 12 -31.79 -6.03 -32.74
CA ARG F 12 -32.75 -5.91 -31.66
C ARG F 12 -32.00 -6.17 -30.37
N ILE F 13 -31.87 -5.14 -29.51
CA ILE F 13 -31.08 -5.23 -28.29
C ILE F 13 -31.86 -4.92 -27.01
N LEU F 14 -31.82 -5.83 -26.03
CA LEU F 14 -32.49 -5.61 -24.76
C LEU F 14 -31.51 -4.87 -23.87
N VAL F 15 -31.93 -3.74 -23.28
CA VAL F 15 -31.07 -2.97 -22.39
C VAL F 15 -31.71 -2.84 -21.02
N SER F 16 -31.06 -3.40 -19.99
CA SER F 16 -31.54 -3.31 -18.61
C SER F 16 -30.65 -2.28 -17.85
N GLY F 17 -31.09 -1.84 -16.67
CA GLY F 17 -30.27 -0.96 -15.85
C GLY F 17 -30.51 0.54 -15.85
N ILE F 18 -31.47 1.05 -16.66
CA ILE F 18 -31.73 2.51 -16.61
C ILE F 18 -32.50 2.81 -15.32
N ILE F 19 -32.08 3.82 -14.57
CA ILE F 19 -32.80 4.33 -13.39
C ILE F 19 -32.94 5.85 -13.57
N THR F 20 -31.84 6.55 -13.93
CA THR F 20 -31.82 7.98 -14.20
C THR F 20 -31.11 8.23 -15.58
N ASP F 21 -31.12 9.48 -16.09
CA ASP F 21 -30.40 9.77 -17.35
C ASP F 21 -28.85 9.78 -17.17
N SER F 22 -28.34 9.60 -15.94
N SER F 22 -28.35 9.62 -15.93
CA SER F 22 -26.90 9.49 -15.72
CA SER F 22 -26.91 9.49 -15.65
C SER F 22 -26.43 8.01 -15.72
C SER F 22 -26.43 8.01 -15.72
N SER F 23 -27.38 7.04 -15.67
CA SER F 23 -27.08 5.60 -15.69
C SER F 23 -26.26 5.22 -16.89
N ILE F 24 -25.32 4.31 -16.72
CA ILE F 24 -24.52 3.80 -17.83
C ILE F 24 -25.44 3.21 -18.92
N ALA F 25 -26.51 2.50 -18.49
CA ALA F 25 -27.48 1.91 -19.40
C ALA F 25 -28.26 2.91 -20.23
N PHE F 26 -28.52 4.12 -19.71
CA PHE F 26 -29.20 5.15 -20.48
C PHE F 26 -28.30 5.54 -21.67
N HIS F 27 -27.00 5.74 -21.41
CA HIS F 27 -26.03 6.07 -22.45
C HIS F 27 -25.78 4.93 -23.41
N ILE F 28 -25.85 3.66 -22.93
CA ILE F 28 -25.72 2.51 -23.83
C ILE F 28 -26.92 2.50 -24.79
N ALA F 29 -28.13 2.73 -24.26
CA ALA F 29 -29.34 2.75 -25.06
C ALA F 29 -29.32 3.90 -26.05
N ARG F 30 -28.84 5.07 -25.63
CA ARG F 30 -28.79 6.24 -26.49
C ARG F 30 -27.85 6.03 -27.66
N VAL F 31 -26.61 5.59 -27.37
CA VAL F 31 -25.62 5.34 -28.41
C VAL F 31 -26.09 4.23 -29.35
N ALA F 32 -26.58 3.08 -28.80
CA ALA F 32 -27.13 1.99 -29.62
C ALA F 32 -28.23 2.50 -30.55
N GLN F 33 -29.17 3.34 -30.05
CA GLN F 33 -30.24 3.89 -30.87
C GLN F 33 -29.70 4.80 -31.96
N GLU F 34 -28.71 5.64 -31.63
CA GLU F 34 -28.06 6.51 -32.62
C GLU F 34 -27.39 5.64 -33.73
N GLN F 35 -26.97 4.41 -33.39
CA GLN F 35 -26.39 3.49 -34.33
C GLN F 35 -27.41 2.56 -35.02
N GLY F 36 -28.69 2.92 -34.96
CA GLY F 36 -29.76 2.20 -35.64
C GLY F 36 -30.29 0.95 -34.99
N ALA F 37 -30.03 0.73 -33.68
CA ALA F 37 -30.55 -0.46 -33.01
C ALA F 37 -31.97 -0.23 -32.50
N GLN F 38 -32.83 -1.24 -32.66
CA GLN F 38 -34.20 -1.17 -32.17
C GLN F 38 -34.15 -1.80 -30.78
N LEU F 39 -34.54 -1.05 -29.76
CA LEU F 39 -34.45 -1.54 -28.40
C LEU F 39 -35.72 -1.99 -27.72
N VAL F 40 -35.54 -2.87 -26.75
CA VAL F 40 -36.48 -3.31 -25.73
C VAL F 40 -35.74 -2.91 -24.44
N LEU F 41 -36.40 -2.19 -23.53
CA LEU F 41 -35.76 -1.75 -22.29
C LEU F 41 -36.37 -2.47 -21.09
N THR F 42 -35.55 -2.79 -20.08
CA THR F 42 -36.08 -3.37 -18.85
C THR F 42 -35.74 -2.46 -17.67
N GLY F 43 -36.68 -2.33 -16.75
CA GLY F 43 -36.50 -1.47 -15.59
C GLY F 43 -36.98 -2.11 -14.31
N PHE F 44 -36.50 -1.60 -13.18
CA PHE F 44 -36.87 -2.14 -11.89
C PHE F 44 -37.26 -1.04 -10.91
N ASP F 45 -38.29 -1.32 -10.08
CA ASP F 45 -38.75 -0.53 -8.94
C ASP F 45 -39.51 0.77 -9.30
N ARG F 46 -38.86 1.75 -9.97
CA ARG F 46 -39.53 3.02 -10.28
C ARG F 46 -39.87 3.14 -11.77
N LEU F 47 -40.77 2.30 -12.27
CA LEU F 47 -41.10 2.28 -13.70
C LEU F 47 -41.81 3.52 -14.21
N ARG F 48 -42.47 4.29 -13.34
CA ARG F 48 -43.09 5.54 -13.75
C ARG F 48 -41.98 6.58 -14.01
N LEU F 49 -40.90 6.58 -13.19
CA LEU F 49 -39.77 7.48 -13.38
C LEU F 49 -38.97 7.00 -14.59
N ILE F 50 -38.69 5.69 -14.69
CA ILE F 50 -37.94 5.13 -15.81
C ILE F 50 -38.64 5.43 -17.14
N GLN F 51 -39.97 5.36 -17.16
CA GLN F 51 -40.74 5.67 -18.37
C GLN F 51 -40.49 7.09 -18.89
N ARG F 52 -40.43 8.10 -18.00
CA ARG F 52 -40.17 9.47 -18.45
C ARG F 52 -38.70 9.67 -18.82
N ILE F 53 -37.77 8.97 -18.14
CA ILE F 53 -36.35 9.02 -18.47
C ILE F 53 -36.14 8.45 -19.88
N THR F 54 -36.76 7.31 -20.20
CA THR F 54 -36.62 6.66 -21.51
C THR F 54 -37.27 7.48 -22.63
N ASP F 55 -38.21 8.39 -22.31
CA ASP F 55 -38.78 9.32 -23.29
C ASP F 55 -37.74 10.39 -23.74
N ARG F 56 -36.62 10.54 -23.00
CA ARG F 56 -35.50 11.41 -23.33
C ARG F 56 -34.51 10.74 -24.32
N LEU F 57 -34.67 9.43 -24.59
CA LEU F 57 -33.80 8.71 -25.53
C LEU F 57 -34.12 9.14 -26.98
N PRO F 58 -33.17 8.96 -27.93
CA PRO F 58 -33.42 9.37 -29.32
C PRO F 58 -34.70 8.84 -29.96
N ALA F 59 -35.07 7.60 -29.65
CA ALA F 59 -36.26 6.99 -30.22
C ALA F 59 -37.12 6.31 -29.14
N LYS F 60 -38.41 6.11 -29.43
CA LYS F 60 -39.31 5.44 -28.51
C LYS F 60 -39.04 3.94 -28.49
N ALA F 61 -39.09 3.31 -27.32
CA ALA F 61 -38.82 1.88 -27.17
C ALA F 61 -39.70 1.27 -26.08
N PRO F 62 -40.15 0.02 -26.25
CA PRO F 62 -41.01 -0.59 -25.21
C PRO F 62 -40.24 -0.83 -23.91
N LEU F 63 -40.91 -0.59 -22.78
CA LEU F 63 -40.31 -0.77 -21.45
C LEU F 63 -41.03 -1.89 -20.71
N LEU F 64 -40.28 -2.87 -20.23
CA LEU F 64 -40.79 -4.03 -19.51
C LEU F 64 -40.25 -4.02 -18.08
N GLU F 65 -41.02 -4.54 -17.12
CA GLU F 65 -40.57 -4.62 -15.73
C GLU F 65 -39.79 -5.91 -15.54
N LEU F 66 -38.60 -5.80 -14.94
CA LEU F 66 -37.79 -6.95 -14.63
C LEU F 66 -37.03 -6.76 -13.32
N ASP F 67 -37.48 -7.43 -12.27
CA ASP F 67 -36.78 -7.52 -11.00
C ASP F 67 -36.04 -8.88 -11.13
N VAL F 68 -34.71 -8.87 -11.25
CA VAL F 68 -33.94 -10.10 -11.44
C VAL F 68 -34.03 -11.09 -10.28
N GLN F 69 -34.59 -10.68 -9.14
CA GLN F 69 -34.77 -11.60 -8.01
C GLN F 69 -36.17 -12.32 -8.08
N ASN F 70 -37.08 -11.84 -8.94
CA ASN F 70 -38.40 -12.41 -9.08
C ASN F 70 -38.37 -13.47 -10.17
N GLU F 71 -38.60 -14.73 -9.78
CA GLU F 71 -38.57 -15.87 -10.69
C GLU F 71 -39.67 -15.77 -11.75
N GLU F 72 -40.85 -15.22 -11.41
CA GLU F 72 -41.96 -15.06 -12.38
C GLU F 72 -41.57 -14.04 -13.46
N HIS F 73 -40.81 -13.00 -13.10
CA HIS F 73 -40.35 -11.99 -14.05
C HIS F 73 -39.40 -12.62 -15.08
N LEU F 74 -38.56 -13.56 -14.64
CA LEU F 74 -37.59 -14.23 -15.49
C LEU F 74 -38.24 -15.28 -16.38
N ALA F 75 -39.25 -15.99 -15.87
CA ALA F 75 -39.98 -17.00 -16.63
C ALA F 75 -40.82 -16.36 -17.75
N SER F 76 -41.38 -15.19 -17.48
CA SER F 76 -42.24 -14.49 -18.42
C SER F 76 -41.48 -13.61 -19.40
N LEU F 77 -40.22 -13.25 -19.09
CA LEU F 77 -39.38 -12.32 -19.86
C LEU F 77 -39.30 -12.61 -21.37
N ALA F 78 -38.94 -13.84 -21.78
CA ALA F 78 -38.81 -14.14 -23.21
C ALA F 78 -40.11 -13.90 -23.98
N GLY F 79 -41.24 -14.35 -23.43
CA GLY F 79 -42.54 -14.17 -24.06
C GLY F 79 -42.92 -12.72 -24.20
N ARG F 80 -42.59 -11.92 -23.17
CA ARG F 80 -42.85 -10.49 -23.13
C ARG F 80 -41.96 -9.70 -24.10
N VAL F 81 -40.73 -10.19 -24.31
CA VAL F 81 -39.84 -9.55 -25.29
C VAL F 81 -40.34 -9.89 -26.69
N THR F 82 -40.74 -11.16 -26.91
CA THR F 82 -41.28 -11.63 -28.17
C THR F 82 -42.53 -10.83 -28.55
N GLU F 83 -43.44 -10.51 -27.59
CA GLU F 83 -44.62 -9.71 -27.90
C GLU F 83 -44.25 -8.27 -28.28
N ALA F 84 -43.18 -7.73 -27.73
CA ALA F 84 -42.71 -6.38 -28.02
C ALA F 84 -41.98 -6.29 -29.36
N ILE F 85 -41.35 -7.40 -29.82
CA ILE F 85 -40.63 -7.38 -31.11
C ILE F 85 -41.34 -8.16 -32.24
N GLY F 86 -42.45 -8.81 -31.95
CA GLY F 86 -43.20 -9.58 -32.93
C GLY F 86 -42.74 -11.00 -33.07
N ALA F 87 -43.68 -11.95 -33.23
CA ALA F 87 -43.38 -13.38 -33.38
C ALA F 87 -42.50 -13.63 -34.61
N GLY F 88 -41.56 -14.54 -34.47
CA GLY F 88 -40.62 -14.82 -35.55
C GLY F 88 -39.37 -13.95 -35.50
N ASN F 89 -39.34 -12.93 -34.62
CA ASN F 89 -38.18 -12.07 -34.46
C ASN F 89 -37.45 -12.42 -33.18
N LYS F 90 -36.13 -12.34 -33.21
CA LYS F 90 -35.29 -12.65 -32.07
C LYS F 90 -34.37 -11.48 -31.72
N LEU F 91 -33.77 -11.52 -30.54
CA LEU F 91 -32.83 -10.50 -30.12
C LEU F 91 -31.45 -10.81 -30.66
N ASP F 92 -30.71 -9.76 -30.98
CA ASP F 92 -29.31 -9.87 -31.39
C ASP F 92 -28.37 -9.51 -30.22
N GLY F 93 -28.84 -8.74 -29.25
CA GLY F 93 -28.04 -8.33 -28.12
C GLY F 93 -28.81 -8.23 -26.83
N VAL F 94 -28.10 -8.40 -25.71
CA VAL F 94 -28.64 -8.28 -24.36
C VAL F 94 -27.57 -7.51 -23.54
N VAL F 95 -27.97 -6.47 -22.81
CA VAL F 95 -27.06 -5.73 -21.96
C VAL F 95 -27.53 -5.84 -20.52
N HIS F 96 -26.64 -6.27 -19.63
CA HIS F 96 -26.88 -6.37 -18.22
C HIS F 96 -26.11 -5.19 -17.61
N SER F 97 -26.80 -4.19 -17.03
CA SER F 97 -26.14 -3.05 -16.39
C SER F 97 -26.81 -2.89 -15.01
N ILE F 98 -26.77 -3.95 -14.25
CA ILE F 98 -27.44 -4.06 -12.97
C ILE F 98 -26.47 -4.38 -11.86
N GLY F 99 -26.72 -3.80 -10.70
CA GLY F 99 -25.94 -4.06 -9.51
C GLY F 99 -26.67 -3.56 -8.29
N PHE F 100 -26.40 -4.17 -7.14
CA PHE F 100 -26.94 -3.75 -5.85
C PHE F 100 -26.09 -4.36 -4.75
N MET F 101 -25.91 -3.61 -3.67
CA MET F 101 -25.24 -4.07 -2.47
C MET F 101 -25.76 -3.27 -1.28
N PRO F 102 -26.41 -3.90 -0.28
CA PRO F 102 -26.89 -3.14 0.89
C PRO F 102 -25.76 -2.35 1.56
N GLN F 103 -26.11 -1.20 2.18
CA GLN F 103 -25.15 -0.29 2.81
C GLN F 103 -24.16 -0.96 3.75
N THR F 104 -24.54 -2.06 4.39
CA THR F 104 -23.65 -2.80 5.29
C THR F 104 -22.46 -3.44 4.58
N GLY F 105 -22.62 -3.74 3.30
CA GLY F 105 -21.57 -4.40 2.53
C GLY F 105 -20.64 -3.45 1.82
N MET F 106 -20.72 -2.14 2.10
CA MET F 106 -19.88 -1.14 1.42
C MET F 106 -19.55 0.11 2.29
N GLY F 107 -18.72 1.00 1.74
CA GLY F 107 -18.34 2.26 2.34
C GLY F 107 -17.45 2.14 3.55
N ILE F 108 -17.76 2.94 4.58
CA ILE F 108 -17.00 2.97 5.83
C ILE F 108 -17.43 1.89 6.84
N ASN F 109 -18.48 1.12 6.54
N ASN F 109 -18.48 1.11 6.53
CA ASN F 109 -18.94 0.03 7.40
CA ASN F 109 -18.92 0.03 7.41
C ASN F 109 -17.88 -1.08 7.31
C ASN F 109 -17.86 -1.06 7.32
N PRO F 110 -17.37 -1.56 8.46
CA PRO F 110 -16.32 -2.59 8.43
C PRO F 110 -16.72 -3.83 7.64
N PHE F 111 -15.81 -4.29 6.76
CA PHE F 111 -16.00 -5.44 5.87
C PHE F 111 -16.52 -6.68 6.63
N PHE F 112 -16.05 -6.90 7.87
CA PHE F 112 -16.43 -8.03 8.71
C PHE F 112 -17.84 -7.95 9.31
N ASP F 113 -18.43 -6.75 9.33
CA ASP F 113 -19.74 -6.54 9.92
C ASP F 113 -20.91 -6.71 8.94
N ALA F 114 -20.64 -7.06 7.67
CA ALA F 114 -21.72 -7.26 6.69
C ALA F 114 -22.41 -8.61 6.92
N PRO F 115 -23.69 -8.64 7.34
CA PRO F 115 -24.38 -9.93 7.51
C PRO F 115 -24.47 -10.68 6.19
N TYR F 116 -24.43 -12.03 6.24
CA TYR F 116 -24.46 -12.80 4.99
C TYR F 116 -25.76 -12.58 4.21
N ALA F 117 -26.90 -12.36 4.88
CA ALA F 117 -28.17 -12.06 4.20
C ALA F 117 -28.02 -10.85 3.25
N ASP F 118 -27.29 -9.82 3.69
CA ASP F 118 -27.05 -8.64 2.89
C ASP F 118 -26.09 -8.93 1.74
N VAL F 119 -25.00 -9.69 1.98
CA VAL F 119 -24.01 -10.00 0.96
C VAL F 119 -24.62 -10.88 -0.15
N SER F 120 -25.38 -11.89 0.26
CA SER F 120 -26.09 -12.83 -0.61
C SER F 120 -27.06 -12.08 -1.51
N LYS F 121 -27.78 -11.08 -0.97
CA LYS F 121 -28.72 -10.30 -1.79
C LYS F 121 -27.94 -9.53 -2.89
N GLY F 122 -26.81 -8.97 -2.51
CA GLY F 122 -25.91 -8.25 -3.40
C GLY F 122 -25.36 -9.14 -4.48
N ILE F 123 -24.90 -10.35 -4.13
CA ILE F 123 -24.40 -11.31 -5.10
C ILE F 123 -25.52 -11.81 -6.05
N HIS F 124 -26.76 -11.94 -5.53
CA HIS F 124 -27.93 -12.37 -6.32
C HIS F 124 -28.17 -11.35 -7.44
N ILE F 125 -28.37 -10.08 -7.08
CA ILE F 125 -28.63 -9.04 -8.07
C ILE F 125 -27.41 -8.73 -8.96
N SER F 126 -26.22 -8.66 -8.35
CA SER F 126 -25.00 -8.24 -9.05
C SER F 126 -24.24 -9.30 -9.84
N ALA F 127 -24.32 -10.59 -9.48
CA ALA F 127 -23.58 -11.62 -10.20
C ALA F 127 -24.44 -12.75 -10.78
N TYR F 128 -25.30 -13.38 -9.95
CA TYR F 128 -26.15 -14.48 -10.38
C TYR F 128 -27.15 -14.07 -11.45
N SER F 129 -27.70 -12.88 -11.35
CA SER F 129 -28.66 -12.37 -12.34
C SER F 129 -28.10 -12.31 -13.77
N TYR F 130 -26.76 -12.34 -13.91
CA TYR F 130 -26.15 -12.34 -15.24
C TYR F 130 -26.47 -13.71 -15.89
N ALA F 131 -26.34 -14.80 -15.14
CA ALA F 131 -26.67 -16.12 -15.67
C ALA F 131 -28.18 -16.29 -15.83
N SER F 132 -28.98 -15.72 -14.92
N SER F 132 -29.00 -15.74 -14.91
CA SER F 132 -30.44 -15.81 -15.01
CA SER F 132 -30.45 -15.88 -15.04
C SER F 132 -30.97 -15.08 -16.24
C SER F 132 -31.02 -15.07 -16.22
N MET F 133 -30.41 -13.90 -16.54
CA MET F 133 -30.84 -13.11 -17.70
C MET F 133 -30.47 -13.84 -19.00
N ALA F 134 -29.30 -14.49 -19.03
CA ALA F 134 -28.83 -15.28 -20.16
C ALA F 134 -29.70 -16.53 -20.34
N LYS F 135 -30.09 -17.18 -19.25
CA LYS F 135 -30.92 -18.39 -19.30
C LYS F 135 -32.27 -18.07 -19.92
N ALA F 136 -32.84 -16.91 -19.55
CA ALA F 136 -34.14 -16.53 -20.06
C ALA F 136 -34.09 -16.06 -21.52
N LEU F 137 -33.05 -15.30 -21.88
CA LEU F 137 -32.99 -14.68 -23.20
C LEU F 137 -32.23 -15.46 -24.29
N LEU F 138 -31.33 -16.41 -23.94
CA LEU F 138 -30.63 -17.21 -24.97
C LEU F 138 -31.57 -17.98 -25.91
N PRO F 139 -32.68 -18.61 -25.46
CA PRO F 139 -33.57 -19.30 -26.42
C PRO F 139 -34.25 -18.35 -27.44
N ILE F 140 -34.18 -17.02 -27.21
CA ILE F 140 -34.74 -16.06 -28.17
C ILE F 140 -33.62 -15.18 -28.77
N MET F 141 -32.38 -15.71 -28.88
CA MET F 141 -31.28 -14.94 -29.44
C MET F 141 -30.79 -15.52 -30.75
N ASN F 142 -30.43 -14.63 -31.67
CA ASN F 142 -29.94 -15.05 -32.97
C ASN F 142 -28.49 -15.47 -32.89
N PRO F 143 -28.09 -16.44 -33.75
CA PRO F 143 -26.64 -16.75 -33.87
C PRO F 143 -25.89 -15.48 -34.29
N GLY F 144 -24.70 -15.30 -33.77
CA GLY F 144 -23.95 -14.05 -33.98
C GLY F 144 -24.29 -12.99 -32.95
N GLY F 145 -25.20 -13.30 -32.03
CA GLY F 145 -25.65 -12.40 -30.97
C GLY F 145 -24.60 -12.11 -29.91
N SER F 146 -24.93 -11.17 -29.02
CA SER F 146 -23.98 -10.71 -28.03
C SER F 146 -24.61 -10.32 -26.69
N ILE F 147 -24.08 -10.87 -25.58
CA ILE F 147 -24.52 -10.55 -24.23
C ILE F 147 -23.41 -9.73 -23.59
N VAL F 148 -23.71 -8.54 -23.08
CA VAL F 148 -22.68 -7.70 -22.43
C VAL F 148 -23.09 -7.33 -21.01
N GLY F 149 -22.20 -7.53 -20.05
CA GLY F 149 -22.44 -7.15 -18.65
C GLY F 149 -21.49 -6.04 -18.20
N MET F 150 -21.82 -5.33 -17.11
CA MET F 150 -20.96 -4.24 -16.60
C MET F 150 -20.18 -4.69 -15.38
N ASP F 151 -18.89 -4.41 -15.40
CA ASP F 151 -17.95 -4.85 -14.38
C ASP F 151 -17.12 -3.66 -13.89
N PHE F 152 -16.51 -3.81 -12.73
CA PHE F 152 -15.57 -2.85 -12.19
C PHE F 152 -14.45 -3.73 -11.67
N ASP F 153 -13.24 -3.59 -12.25
CA ASP F 153 -12.06 -4.41 -11.95
C ASP F 153 -11.87 -4.78 -10.48
N PRO F 154 -12.08 -6.07 -10.14
CA PRO F 154 -11.95 -6.50 -8.74
C PRO F 154 -10.74 -7.39 -8.45
N SER F 155 -9.75 -7.39 -9.35
N SER F 155 -9.74 -7.40 -9.35
CA SER F 155 -8.55 -8.22 -9.18
CA SER F 155 -8.53 -8.20 -9.21
C SER F 155 -7.71 -7.81 -7.98
C SER F 155 -7.69 -7.79 -7.99
N ARG F 156 -7.91 -6.61 -7.44
CA ARG F 156 -7.18 -6.12 -6.29
C ARG F 156 -8.17 -5.53 -5.30
N ALA F 157 -7.94 -5.72 -3.99
CA ALA F 157 -8.85 -5.15 -2.98
C ALA F 157 -8.65 -3.61 -2.92
N MET F 158 -9.58 -2.88 -2.31
CA MET F 158 -9.52 -1.42 -2.25
C MET F 158 -10.47 -0.92 -1.17
N PRO F 159 -10.31 0.32 -0.66
CA PRO F 159 -11.31 0.82 0.31
C PRO F 159 -12.68 0.99 -0.33
N ALA F 160 -13.72 0.97 0.51
CA ALA F 160 -15.12 1.25 0.23
C ALA F 160 -15.89 0.22 -0.62
N TYR F 161 -15.38 -0.19 -1.79
CA TYR F 161 -16.08 -1.11 -2.68
C TYR F 161 -16.45 -2.44 -1.97
N ASN F 162 -15.65 -2.84 -0.96
CA ASN F 162 -15.85 -3.96 -0.04
C ASN F 162 -16.54 -5.19 -0.68
N TRP F 163 -17.77 -5.57 -0.28
CA TRP F 163 -18.41 -6.77 -0.78
C TRP F 163 -18.87 -6.65 -2.23
N MET F 164 -18.96 -5.43 -2.80
CA MET F 164 -19.28 -5.30 -4.22
C MET F 164 -18.11 -5.82 -5.08
N THR F 165 -16.87 -5.71 -4.56
CA THR F 165 -15.68 -6.26 -5.21
C THR F 165 -15.83 -7.77 -5.29
N VAL F 166 -16.32 -8.40 -4.19
CA VAL F 166 -16.56 -9.83 -4.12
C VAL F 166 -17.62 -10.22 -5.13
N ALA F 167 -18.73 -9.43 -5.24
CA ALA F 167 -19.80 -9.67 -6.22
C ALA F 167 -19.24 -9.56 -7.63
N LYS F 168 -18.33 -8.60 -7.91
CA LYS F 168 -17.74 -8.47 -9.25
C LYS F 168 -16.80 -9.61 -9.59
N SER F 169 -16.04 -10.11 -8.61
CA SER F 169 -15.17 -11.27 -8.84
C SER F 169 -16.04 -12.49 -9.23
N ALA F 170 -17.17 -12.65 -8.54
CA ALA F 170 -18.12 -13.72 -8.83
C ALA F 170 -18.72 -13.49 -10.23
N LEU F 171 -19.06 -12.22 -10.57
CA LEU F 171 -19.64 -11.91 -11.88
C LEU F 171 -18.65 -12.27 -13.00
N GLU F 172 -17.35 -12.03 -12.78
CA GLU F 172 -16.33 -12.39 -13.76
C GLU F 172 -16.30 -13.88 -14.01
N SER F 173 -16.40 -14.68 -12.95
CA SER F 173 -16.46 -16.13 -13.10
C SER F 173 -17.75 -16.59 -13.79
N VAL F 174 -18.90 -15.99 -13.44
CA VAL F 174 -20.22 -16.29 -14.03
C VAL F 174 -20.14 -16.05 -15.54
N ASN F 175 -19.55 -14.92 -15.96
CA ASN F 175 -19.36 -14.57 -17.37
C ASN F 175 -18.61 -15.66 -18.17
N ARG F 176 -17.59 -16.30 -17.58
CA ARG F 176 -16.86 -17.37 -18.29
C ARG F 176 -17.72 -18.61 -18.51
N PHE F 177 -18.64 -18.88 -17.57
CA PHE F 177 -19.55 -20.01 -17.72
C PHE F 177 -20.70 -19.66 -18.62
N VAL F 178 -21.20 -18.40 -18.57
CA VAL F 178 -22.27 -17.97 -19.48
C VAL F 178 -21.79 -18.07 -20.93
N ALA F 179 -20.49 -17.80 -21.19
CA ALA F 179 -19.89 -17.94 -22.52
C ALA F 179 -19.96 -19.39 -23.02
N ARG F 180 -19.72 -20.38 -22.16
CA ARG F 180 -19.84 -21.80 -22.56
C ARG F 180 -21.26 -22.13 -23.06
N GLU F 181 -22.30 -21.64 -22.36
CA GLU F 181 -23.69 -21.91 -22.76
C GLU F 181 -24.09 -21.10 -23.99
N ALA F 182 -23.69 -19.83 -24.04
CA ALA F 182 -24.00 -18.90 -25.11
C ALA F 182 -23.39 -19.34 -26.44
N GLY F 183 -22.19 -19.95 -26.38
CA GLY F 183 -21.49 -20.48 -27.53
C GLY F 183 -22.23 -21.56 -28.28
N LYS F 184 -23.15 -22.29 -27.60
CA LYS F 184 -24.00 -23.31 -28.22
C LYS F 184 -25.05 -22.68 -29.15
N TYR F 185 -25.38 -21.42 -28.90
CA TYR F 185 -26.33 -20.64 -29.69
C TYR F 185 -25.61 -19.71 -30.71
N GLY F 186 -24.28 -19.77 -30.79
CA GLY F 186 -23.48 -18.88 -31.59
C GLY F 186 -23.47 -17.47 -31.00
N VAL F 187 -23.63 -17.34 -29.68
CA VAL F 187 -23.70 -16.05 -29.01
C VAL F 187 -22.45 -15.81 -28.14
N ARG F 188 -21.97 -14.57 -28.13
CA ARG F 188 -20.82 -14.17 -27.32
C ARG F 188 -21.31 -13.62 -25.99
N SER F 189 -20.47 -13.69 -24.95
CA SER F 189 -20.82 -13.16 -23.63
C SER F 189 -19.58 -12.46 -23.11
N ASN F 190 -19.65 -11.18 -22.77
CA ASN F 190 -18.45 -10.46 -22.30
C ASN F 190 -18.81 -9.42 -21.26
N LEU F 191 -17.80 -8.95 -20.51
CA LEU F 191 -18.02 -7.86 -19.58
C LEU F 191 -17.22 -6.65 -20.05
N VAL F 192 -17.72 -5.45 -19.73
CA VAL F 192 -17.01 -4.22 -19.96
C VAL F 192 -16.67 -3.75 -18.55
N ALA F 193 -15.38 -3.71 -18.20
CA ALA F 193 -14.97 -3.22 -16.89
C ALA F 193 -14.77 -1.72 -17.09
N ALA F 194 -15.72 -0.91 -16.63
CA ALA F 194 -15.64 0.53 -16.83
C ALA F 194 -14.89 1.23 -15.70
N GLY F 195 -14.31 2.38 -16.01
CA GLY F 195 -13.78 3.24 -14.97
C GLY F 195 -14.93 3.89 -14.22
N PRO F 196 -14.65 4.69 -13.17
CA PRO F 196 -15.75 5.29 -12.40
C PRO F 196 -16.51 6.36 -13.17
N ILE F 197 -17.83 6.37 -12.99
CA ILE F 197 -18.81 7.24 -13.63
C ILE F 197 -19.81 7.73 -12.57
N ARG F 198 -20.17 9.01 -12.60
CA ARG F 198 -21.08 9.56 -11.62
C ARG F 198 -22.52 9.18 -11.91
N THR F 199 -22.93 8.04 -11.37
CA THR F 199 -24.29 7.53 -11.55
C THR F 199 -25.03 7.61 -10.19
N LEU F 200 -26.32 7.22 -10.15
CA LEU F 200 -27.10 7.18 -8.91
C LEU F 200 -26.45 6.19 -7.92
N ALA F 201 -25.91 5.06 -8.43
CA ALA F 201 -25.25 4.08 -7.61
C ALA F 201 -24.00 4.65 -6.95
N MET F 202 -23.20 5.44 -7.68
CA MET F 202 -22.00 6.02 -7.06
C MET F 202 -22.40 7.04 -5.99
N SER F 203 -23.42 7.86 -6.28
CA SER F 203 -23.89 8.85 -5.34
C SER F 203 -24.41 8.21 -4.06
N ALA F 204 -25.14 7.08 -4.17
CA ALA F 204 -25.66 6.37 -2.99
C ALA F 204 -24.50 5.87 -2.10
N ILE F 205 -23.41 5.34 -2.71
CA ILE F 205 -22.24 4.86 -1.97
C ILE F 205 -21.47 5.99 -1.28
N VAL F 206 -21.03 7.02 -2.06
CA VAL F 206 -20.29 8.15 -1.51
C VAL F 206 -21.10 8.92 -0.47
N GLY F 207 -22.33 9.28 -0.80
CA GLY F 207 -23.20 10.03 0.09
C GLY F 207 -23.59 9.26 1.34
N GLY F 208 -23.70 7.94 1.20
CA GLY F 208 -24.06 7.08 2.32
C GLY F 208 -22.98 7.01 3.38
N ALA F 209 -21.72 7.07 2.97
CA ALA F 209 -20.61 7.00 3.90
C ALA F 209 -20.16 8.39 4.34
N LEU F 210 -20.11 9.33 3.40
CA LEU F 210 -19.62 10.69 3.61
C LEU F 210 -20.75 11.69 3.41
N GLU F 212 -21.89 15.51 3.39
CA GLU F 212 -21.34 16.84 3.14
C GLU F 212 -19.97 16.73 2.47
N GLU F 213 -19.11 15.82 2.97
CA GLU F 213 -17.76 15.62 2.45
C GLU F 213 -17.67 14.61 1.29
N ALA F 214 -18.80 14.25 0.68
CA ALA F 214 -18.80 13.30 -0.43
C ALA F 214 -18.25 13.93 -1.71
N GLY F 215 -18.58 15.20 -1.94
CA GLY F 215 -18.14 15.97 -3.11
C GLY F 215 -16.65 16.11 -3.24
N ALA F 216 -15.94 16.38 -2.12
CA ALA F 216 -14.48 16.50 -2.12
C ALA F 216 -13.82 15.13 -2.38
N GLN F 217 -14.47 14.03 -1.92
CA GLN F 217 -13.96 12.68 -2.10
C GLN F 217 -14.13 12.22 -3.54
N ILE F 218 -15.27 12.54 -4.15
CA ILE F 218 -15.58 12.22 -5.55
C ILE F 218 -14.53 12.87 -6.46
N GLN F 219 -14.13 14.13 -6.14
CA GLN F 219 -13.13 14.85 -6.92
C GLN F 219 -11.80 14.11 -6.88
N LEU F 220 -11.39 13.63 -5.69
CA LEU F 220 -10.15 12.89 -5.52
C LEU F 220 -10.12 11.64 -6.37
N LEU F 221 -11.26 10.92 -6.45
CA LEU F 221 -11.37 9.71 -7.27
C LEU F 221 -11.24 10.07 -8.76
N GLU F 222 -11.85 11.16 -9.19
CA GLU F 222 -11.79 11.60 -10.59
C GLU F 222 -10.35 11.97 -10.96
N GLU F 223 -9.69 12.79 -10.15
CA GLU F 223 -8.31 13.19 -10.42
C GLU F 223 -7.34 12.02 -10.37
N GLY F 224 -7.53 11.11 -9.44
CA GLY F 224 -6.67 9.96 -9.28
C GLY F 224 -6.74 9.03 -10.48
N TRP F 225 -7.95 8.80 -11.00
CA TRP F 225 -8.17 7.95 -12.14
C TRP F 225 -7.67 8.63 -13.42
N ASP F 226 -7.94 9.93 -13.56
CA ASP F 226 -7.49 10.72 -14.71
C ASP F 226 -5.96 10.66 -14.85
N GLN F 227 -5.24 10.79 -13.71
CA GLN F 227 -3.78 10.76 -13.74
C GLN F 227 -3.21 9.35 -14.02
N ARG F 228 -3.88 8.29 -13.54
CA ARG F 228 -3.45 6.91 -13.80
C ARG F 228 -3.66 6.52 -15.28
N ALA F 229 -4.78 6.97 -15.85
CA ALA F 229 -5.17 6.69 -17.23
C ALA F 229 -4.28 7.42 -18.23
N PRO F 230 -3.53 6.71 -19.10
CA PRO F 230 -2.66 7.43 -20.07
C PRO F 230 -3.43 8.36 -21.01
N ILE F 231 -4.70 8.05 -21.35
CA ILE F 231 -5.52 8.92 -22.20
C ILE F 231 -6.52 9.79 -21.42
N GLY F 232 -6.39 9.85 -20.10
CA GLY F 232 -7.29 10.64 -19.28
C GLY F 232 -8.57 9.90 -18.95
N TRP F 233 -9.42 10.52 -18.13
CA TRP F 233 -10.68 9.93 -17.72
C TRP F 233 -11.61 11.01 -17.23
N ASN F 234 -12.86 11.01 -17.72
CA ASN F 234 -13.85 12.00 -17.31
C ASN F 234 -15.00 11.22 -16.68
N MET F 235 -15.15 11.34 -15.35
CA MET F 235 -16.19 10.65 -14.56
C MET F 235 -17.61 11.14 -14.89
N LYS F 236 -17.74 12.36 -15.45
CA LYS F 236 -19.05 12.87 -15.86
C LYS F 236 -19.43 12.41 -17.30
N ASP F 237 -18.57 11.64 -17.98
CA ASP F 237 -18.79 11.25 -19.37
C ASP F 237 -18.91 9.75 -19.51
N ALA F 238 -20.14 9.25 -19.73
CA ALA F 238 -20.39 7.83 -19.89
C ALA F 238 -20.28 7.34 -21.35
N THR F 239 -20.25 8.27 -22.33
CA THR F 239 -20.16 7.94 -23.76
C THR F 239 -19.04 6.95 -24.11
N PRO F 240 -17.75 7.15 -23.71
CA PRO F 240 -16.72 6.16 -24.09
C PRO F 240 -17.04 4.73 -23.64
N VAL F 241 -17.70 4.59 -22.47
CA VAL F 241 -18.11 3.30 -21.91
C VAL F 241 -19.27 2.69 -22.72
N ALA F 242 -20.24 3.53 -23.07
CA ALA F 242 -21.41 3.16 -23.86
C ALA F 242 -20.98 2.68 -25.24
N LYS F 243 -20.01 3.39 -25.86
CA LYS F 243 -19.47 3.05 -27.18
C LYS F 243 -18.75 1.70 -27.12
N THR F 244 -18.04 1.41 -26.03
CA THR F 244 -17.32 0.13 -25.85
C THR F 244 -18.35 -1.03 -25.72
N VAL F 245 -19.49 -0.78 -25.03
CA VAL F 245 -20.55 -1.78 -24.91
C VAL F 245 -21.14 -2.03 -26.31
N CYS F 246 -21.32 -0.95 -27.12
CA CYS F 246 -21.81 -1.11 -28.49
C CYS F 246 -20.86 -1.86 -29.41
N ALA F 247 -19.53 -1.69 -29.24
CA ALA F 247 -18.54 -2.43 -30.04
C ALA F 247 -18.67 -3.94 -29.77
N LEU F 248 -18.92 -4.33 -28.51
CA LEU F 248 -19.11 -5.72 -28.14
C LEU F 248 -20.45 -6.29 -28.68
N LEU F 249 -21.51 -5.45 -28.76
CA LEU F 249 -22.83 -5.80 -29.30
C LEU F 249 -22.80 -5.91 -30.84
N SER F 250 -21.80 -5.30 -31.49
CA SER F 250 -21.66 -5.31 -32.93
C SER F 250 -20.95 -6.59 -33.42
N ASP F 251 -20.80 -6.71 -34.74
CA ASP F 251 -20.11 -7.82 -35.36
C ASP F 251 -18.60 -7.54 -35.52
N TRP F 252 -18.07 -6.45 -34.91
CA TRP F 252 -16.66 -6.12 -35.05
C TRP F 252 -15.76 -6.75 -34.01
N LEU F 253 -16.31 -7.47 -33.03
CA LEU F 253 -15.52 -8.23 -32.08
C LEU F 253 -16.09 -9.66 -32.09
N PRO F 254 -16.01 -10.39 -33.23
CA PRO F 254 -16.66 -11.70 -33.34
C PRO F 254 -15.90 -12.88 -32.75
N ALA F 255 -14.60 -12.72 -32.41
CA ALA F 255 -13.83 -13.84 -31.85
C ALA F 255 -13.55 -13.64 -30.34
N THR F 256 -14.28 -12.72 -29.69
CA THR F 256 -14.05 -12.42 -28.29
C THR F 256 -15.27 -12.91 -27.48
N THR F 257 -15.04 -13.81 -26.52
CA THR F 257 -16.11 -14.32 -25.65
C THR F 257 -15.53 -14.78 -24.30
N GLY F 258 -16.38 -14.81 -23.27
CA GLY F 258 -16.03 -15.09 -21.89
C GLY F 258 -14.95 -14.17 -21.33
N ASP F 259 -14.82 -12.99 -21.94
CA ASP F 259 -13.73 -12.06 -21.71
C ASP F 259 -14.17 -10.72 -21.09
N ILE F 260 -13.18 -9.86 -20.76
CA ILE F 260 -13.40 -8.56 -20.13
C ILE F 260 -12.69 -7.50 -20.97
N ILE F 261 -13.41 -6.44 -21.32
CA ILE F 261 -12.82 -5.35 -22.06
C ILE F 261 -12.82 -4.16 -21.12
N TYR F 262 -11.65 -3.65 -20.84
CA TYR F 262 -11.48 -2.54 -19.92
C TYR F 262 -11.64 -1.20 -20.62
N ALA F 263 -12.76 -0.52 -20.32
CA ALA F 263 -13.05 0.80 -20.86
C ALA F 263 -12.79 1.76 -19.70
N ASP F 264 -11.52 1.89 -19.29
CA ASP F 264 -11.16 2.66 -18.10
C ASP F 264 -10.04 3.70 -18.32
N GLY F 265 -9.81 4.07 -19.57
CA GLY F 265 -8.73 4.98 -19.92
C GLY F 265 -7.34 4.34 -19.88
N GLY F 266 -7.26 3.04 -19.62
CA GLY F 266 -6.00 2.31 -19.49
C GLY F 266 -5.42 2.36 -18.09
N ALA F 267 -6.20 2.82 -17.09
CA ALA F 267 -5.73 2.96 -15.70
C ALA F 267 -5.21 1.65 -15.13
N HIS F 268 -5.92 0.55 -15.36
CA HIS F 268 -5.56 -0.77 -14.84
C HIS F 268 -4.22 -1.31 -15.37
N THR F 269 -3.68 -0.71 -16.44
CA THR F 269 -2.40 -1.15 -17.00
C THR F 269 -1.21 -0.36 -16.45
N GLN F 270 -1.46 0.65 -15.57
CA GLN F 270 -0.41 1.50 -15.03
C GLN F 270 -0.35 1.38 -13.51
N LEU F 271 0.86 1.40 -12.96
CA LEU F 271 1.09 1.34 -11.52
C LEU F 271 1.03 2.77 -10.99
N LEU F 272 1.73 3.69 -11.64
CA LEU F 272 1.70 5.12 -11.31
C LEU F 272 1.93 5.93 -12.61
#